data_6H4O
#
_entry.id   6H4O
#
_cell.length_a   57.516
_cell.length_b   101.374
_cell.length_c   142.544
_cell.angle_alpha   90.00
_cell.angle_beta   99.50
_cell.angle_gamma   90.00
#
_symmetry.space_group_name_H-M   'P 1 21 1'
#
loop_
_entity.id
_entity.type
_entity.pdbx_description
1 polymer 'Lysine-specific demethylase 4A'
2 non-polymer 'ZINC ION'
3 non-polymer 8-[4-[2-[4-[3-(trifluoromethyl)phenyl]piperidin-1-yl]ethyl]pyrazol-1-yl]-3~{H}-pyrido[3,4-d]pyrimidin-4-one
4 non-polymer GLYCEROL
5 non-polymer 'CHLORIDE ION'
6 non-polymer 'DIMETHYL SULFOXIDE'
7 water water
#
_entity_poly.entity_id   1
_entity_poly.type   'polypeptide(L)'
_entity_poly.pdbx_seq_one_letter_code
;SMASESETLNPSARIMTFYPTMEEFRNFSRYIAYIESQGAHRAGLAKVVPPKEWKPRASYDDIDDLVIPAPIQQLVTGQS
GLFTQYNIQKKAMTVREFRKIANSDKYCTPRYSEFEELERKYWKNLTFNPPIYGADVNGTLYEKHVDEWNIGRLRTILDL
VEKESGITIEGVNTPYLYFGMWKTSFAWHTEDMDLYSINYLHFGEPKSWYSVPPEHGKRLERLAKGFFPGSAQSCEAFLR
HKMTLISPLMLKKYGIPFDKVTQEAGEFMITFPYGYHAGFNHGFNCAESTNFATRRWIEYGKQAVLCSCRKDMVKISMDV
FVRKFQPERYKLWKAGKDNTVIDHTLPTPEAAEFLKESEL
;
_entity_poly.pdbx_strand_id   A,B,C,D
#
# COMPACT_ATOMS: atom_id res chain seq x y z
N LEU A 9 -13.88 -20.69 40.49
CA LEU A 9 -14.58 -19.66 39.71
C LEU A 9 -14.85 -20.11 38.28
N ASN A 10 -16.12 -20.00 37.84
CA ASN A 10 -16.64 -20.39 36.53
C ASN A 10 -16.27 -21.87 36.16
N PRO A 11 -16.67 -22.89 36.97
CA PRO A 11 -16.32 -24.28 36.64
C PRO A 11 -16.91 -24.79 35.32
N SER A 12 -18.10 -24.27 34.95
CA SER A 12 -18.84 -24.60 33.73
C SER A 12 -18.15 -24.07 32.46
N ALA A 13 -17.25 -23.06 32.61
CA ALA A 13 -16.52 -22.38 31.53
C ALA A 13 -17.46 -21.73 30.49
N ARG A 14 -18.59 -21.20 30.96
CA ARG A 14 -19.59 -20.52 30.13
C ARG A 14 -19.18 -19.07 29.91
N ILE A 15 -19.64 -18.46 28.81
CA ILE A 15 -19.39 -17.04 28.50
C ILE A 15 -20.09 -16.16 29.54
N MET A 16 -19.31 -15.24 30.10
CA MET A 16 -19.73 -14.29 31.11
C MET A 16 -19.86 -12.91 30.52
N THR A 17 -20.88 -12.17 31.00
CA THR A 17 -21.18 -10.80 30.62
C THR A 17 -20.99 -9.94 31.82
N PHE A 18 -20.25 -8.83 31.66
CA PHE A 18 -19.98 -7.85 32.72
C PHE A 18 -20.60 -6.49 32.39
N TYR A 19 -21.04 -5.78 33.44
CA TYR A 19 -21.70 -4.46 33.38
C TYR A 19 -20.95 -3.49 34.32
N PRO A 20 -19.73 -3.02 33.97
CA PRO A 20 -19.01 -2.13 34.89
C PRO A 20 -19.62 -0.74 35.01
N THR A 21 -19.46 -0.12 36.18
CA THR A 21 -19.87 1.26 36.41
C THR A 21 -18.76 2.14 35.80
N MET A 22 -18.96 3.47 35.73
CA MET A 22 -17.95 4.37 35.16
C MET A 22 -16.59 4.31 35.90
N GLU A 23 -16.61 4.18 37.23
CA GLU A 23 -15.43 4.08 38.09
C GLU A 23 -14.61 2.81 37.77
N GLU A 24 -15.31 1.64 37.66
CA GLU A 24 -14.71 0.33 37.32
C GLU A 24 -14.13 0.31 35.90
N PHE A 25 -14.82 0.98 34.96
CA PHE A 25 -14.49 1.03 33.54
C PHE A 25 -13.25 1.89 33.21
N ARG A 26 -12.87 2.83 34.07
CA ARG A 26 -11.70 3.72 33.83
C ARG A 26 -10.36 2.99 33.57
N ASN A 27 -9.95 2.03 34.43
CA ASN A 27 -8.68 1.27 34.28
C ASN A 27 -8.98 -0.03 33.53
N PHE A 28 -8.54 -0.10 32.27
CA PHE A 28 -8.76 -1.24 31.39
C PHE A 28 -8.08 -2.51 31.89
N SER A 29 -6.77 -2.42 32.19
CA SER A 29 -5.92 -3.51 32.68
C SER A 29 -6.38 -4.08 34.01
N ARG A 30 -6.87 -3.22 34.92
CA ARG A 30 -7.37 -3.65 36.23
C ARG A 30 -8.72 -4.36 36.03
N TYR A 31 -9.50 -3.94 35.04
CA TYR A 31 -10.78 -4.60 34.80
C TYR A 31 -10.61 -6.02 34.22
N ILE A 32 -9.61 -6.21 33.34
CA ILE A 32 -9.25 -7.52 32.76
C ILE A 32 -8.82 -8.46 33.89
N ALA A 33 -8.08 -7.93 34.87
CA ALA A 33 -7.67 -8.69 36.06
C ALA A 33 -8.91 -9.03 36.90
N TYR A 34 -9.89 -8.12 36.97
CA TYR A 34 -11.12 -8.39 37.70
C TYR A 34 -11.95 -9.51 37.04
N ILE A 35 -12.18 -9.45 35.71
CA ILE A 35 -12.97 -10.48 35.03
C ILE A 35 -12.27 -11.85 35.08
N GLU A 36 -10.92 -11.85 35.15
CA GLU A 36 -10.13 -13.07 35.30
C GLU A 36 -10.29 -13.68 36.70
N SER A 37 -10.31 -12.82 37.76
CA SER A 37 -10.52 -13.23 39.16
C SER A 37 -11.90 -13.91 39.30
N GLN A 38 -12.84 -13.56 38.39
CA GLN A 38 -14.21 -14.10 38.30
C GLN A 38 -14.29 -15.34 37.38
N GLY A 39 -13.14 -15.73 36.78
CA GLY A 39 -13.02 -16.88 35.91
C GLY A 39 -13.55 -16.76 34.50
N ALA A 40 -13.73 -15.53 34.01
CA ALA A 40 -14.21 -15.27 32.64
C ALA A 40 -13.31 -15.86 31.55
N HIS A 41 -11.99 -15.96 31.84
CA HIS A 41 -10.99 -16.48 30.91
C HIS A 41 -11.19 -17.97 30.59
N ARG A 42 -11.89 -18.69 31.48
CA ARG A 42 -12.15 -20.12 31.30
C ARG A 42 -13.02 -20.42 30.10
N ALA A 43 -13.92 -19.48 29.74
CA ALA A 43 -14.77 -19.60 28.56
C ALA A 43 -13.99 -19.33 27.26
N GLY A 44 -12.92 -18.53 27.35
CA GLY A 44 -12.13 -18.13 26.20
C GLY A 44 -12.62 -16.86 25.54
N LEU A 45 -13.78 -16.43 25.98
CA LEU A 45 -14.47 -15.27 25.45
C LEU A 45 -15.34 -14.69 26.56
N ALA A 46 -15.32 -13.36 26.70
CA ALA A 46 -16.16 -12.62 27.65
C ALA A 46 -16.74 -11.36 26.98
N LYS A 47 -17.95 -10.97 27.41
CA LYS A 47 -18.63 -9.76 26.94
C LYS A 47 -18.55 -8.66 27.98
N VAL A 48 -18.17 -7.46 27.56
CA VAL A 48 -18.19 -6.33 28.48
C VAL A 48 -19.15 -5.29 27.94
N VAL A 49 -20.24 -5.02 28.67
CA VAL A 49 -21.20 -3.98 28.31
C VAL A 49 -20.73 -2.69 28.99
N PRO A 50 -20.29 -1.63 28.27
CA PRO A 50 -19.80 -0.41 28.95
C PRO A 50 -20.93 0.45 29.55
N PRO A 51 -20.63 1.40 30.49
CA PRO A 51 -21.71 2.25 31.04
C PRO A 51 -22.40 3.08 29.96
N LYS A 52 -23.74 3.30 30.07
CA LYS A 52 -24.54 4.05 29.10
C LYS A 52 -23.98 5.44 28.78
N GLU A 53 -23.32 6.09 29.76
CA GLU A 53 -22.70 7.40 29.62
C GLU A 53 -21.47 7.41 28.69
N TRP A 54 -20.83 6.24 28.52
CA TRP A 54 -19.63 6.08 27.70
C TRP A 54 -19.92 5.88 26.22
N LYS A 55 -19.23 6.67 25.36
CA LYS A 55 -19.32 6.65 23.89
C LYS A 55 -17.94 6.91 23.27
N PRO A 56 -17.45 6.08 22.32
CA PRO A 56 -16.10 6.34 21.74
C PRO A 56 -16.04 7.45 20.69
N ARG A 57 -17.20 7.87 20.16
CA ARG A 57 -17.32 8.85 19.09
C ARG A 57 -18.75 9.40 19.11
N ALA A 58 -18.91 10.70 18.84
CA ALA A 58 -20.20 11.40 18.87
C ALA A 58 -21.14 10.99 17.74
N SER A 59 -20.60 10.88 16.53
CA SER A 59 -21.37 10.54 15.33
C SER A 59 -20.53 9.68 14.38
N TYR A 60 -21.18 8.73 13.67
CA TYR A 60 -20.57 7.90 12.64
C TYR A 60 -21.10 8.36 11.27
N ASP A 61 -21.53 9.62 11.16
CA ASP A 61 -22.11 10.15 9.92
C ASP A 61 -21.10 10.82 9.00
N ASP A 62 -19.80 10.69 9.32
CA ASP A 62 -18.73 11.31 8.56
C ASP A 62 -17.73 10.30 8.00
N ILE A 63 -18.11 9.00 7.90
CA ILE A 63 -17.13 8.01 7.42
C ILE A 63 -17.46 7.41 6.02
N ASP A 64 -18.34 8.03 5.25
CA ASP A 64 -18.70 7.54 3.90
C ASP A 64 -17.52 7.42 2.93
N ASP A 65 -16.55 8.34 3.03
CA ASP A 65 -15.38 8.40 2.17
C ASP A 65 -14.16 7.72 2.78
N LEU A 66 -14.36 6.93 3.83
CA LEU A 66 -13.29 6.13 4.42
C LEU A 66 -13.04 4.91 3.47
N VAL A 67 -11.76 4.75 3.07
CA VAL A 67 -11.37 3.69 2.14
C VAL A 67 -11.10 2.34 2.85
N ILE A 68 -11.65 1.26 2.26
CA ILE A 68 -11.49 -0.12 2.62
C ILE A 68 -10.51 -0.59 1.53
N PRO A 69 -9.18 -0.58 1.80
CA PRO A 69 -8.20 -0.86 0.73
C PRO A 69 -8.27 -2.24 0.10
N ALA A 70 -8.69 -3.25 0.88
CA ALA A 70 -8.73 -4.60 0.35
C ALA A 70 -9.98 -5.41 0.76
N PRO A 71 -11.20 -5.06 0.27
CA PRO A 71 -12.36 -5.90 0.62
C PRO A 71 -12.13 -7.32 0.09
N ILE A 72 -12.63 -8.31 0.82
CA ILE A 72 -12.41 -9.70 0.42
C ILE A 72 -13.75 -10.36 0.14
N GLN A 73 -13.89 -10.96 -1.05
CA GLN A 73 -15.10 -11.74 -1.32
C GLN A 73 -14.82 -13.15 -0.72
N GLN A 74 -15.68 -13.60 0.21
CA GLN A 74 -15.50 -14.86 0.92
C GLN A 74 -16.23 -16.02 0.26
N LEU A 75 -15.44 -16.91 -0.31
CA LEU A 75 -15.97 -18.08 -0.97
C LEU A 75 -15.87 -19.27 -0.09
N VAL A 76 -17.00 -19.90 0.23
CA VAL A 76 -17.03 -21.00 1.17
C VAL A 76 -17.34 -22.31 0.47
N THR A 77 -16.48 -23.30 0.72
CA THR A 77 -16.61 -24.62 0.14
C THR A 77 -16.77 -25.65 1.26
N GLY A 78 -17.71 -26.57 1.12
CA GLY A 78 -17.89 -27.62 2.10
C GLY A 78 -19.28 -28.19 2.22
N GLN A 79 -19.42 -29.15 3.14
CA GLN A 79 -20.68 -29.83 3.39
C GLN A 79 -20.73 -30.40 4.79
N SER A 80 -21.95 -30.66 5.28
CA SER A 80 -22.25 -31.26 6.58
C SER A 80 -21.33 -30.74 7.70
N GLY A 81 -21.49 -29.46 8.02
CA GLY A 81 -20.77 -28.79 9.10
C GLY A 81 -19.32 -28.42 8.90
N LEU A 82 -18.64 -28.98 7.89
CA LEU A 82 -17.22 -28.69 7.63
C LEU A 82 -17.03 -27.91 6.37
N PHE A 83 -16.40 -26.72 6.49
CA PHE A 83 -16.21 -25.77 5.41
C PHE A 83 -14.82 -25.15 5.37
N THR A 84 -14.38 -24.71 4.19
CA THR A 84 -13.14 -23.97 3.97
C THR A 84 -13.54 -22.65 3.33
N GLN A 85 -13.01 -21.55 3.84
CA GLN A 85 -13.27 -20.24 3.31
C GLN A 85 -12.07 -19.74 2.50
N TYR A 86 -12.30 -19.28 1.27
CA TYR A 86 -11.28 -18.73 0.39
C TYR A 86 -11.56 -17.27 0.16
N ASN A 87 -10.52 -16.45 0.21
CA ASN A 87 -10.66 -15.02 0.00
C ASN A 87 -10.26 -14.59 -1.38
N ILE A 88 -11.04 -13.68 -1.95
CA ILE A 88 -10.74 -13.04 -3.22
C ILE A 88 -10.60 -11.56 -2.89
N GLN A 89 -9.41 -11.01 -3.03
CA GLN A 89 -9.18 -9.60 -2.78
C GLN A 89 -9.79 -8.77 -3.90
N LYS A 90 -10.75 -7.93 -3.56
CA LYS A 90 -11.38 -7.02 -4.51
C LYS A 90 -10.60 -5.70 -4.42
N LYS A 91 -10.81 -4.77 -5.39
CA LYS A 91 -10.15 -3.46 -5.34
C LYS A 91 -10.78 -2.56 -4.27
N ALA A 92 -10.08 -1.48 -3.89
CA ALA A 92 -10.48 -0.53 -2.86
C ALA A 92 -11.90 0.01 -3.08
N MET A 93 -12.67 0.11 -2.02
CA MET A 93 -14.02 0.67 -2.01
C MET A 93 -14.23 1.55 -0.78
N THR A 94 -15.21 2.42 -0.84
CA THR A 94 -15.51 3.32 0.28
C THR A 94 -16.56 2.63 1.12
N VAL A 95 -16.77 3.13 2.36
CA VAL A 95 -17.80 2.65 3.27
C VAL A 95 -19.20 2.84 2.60
N ARG A 96 -19.39 3.93 1.88
CA ARG A 96 -20.60 4.28 1.12
C ARG A 96 -20.97 3.18 0.11
N GLU A 97 -19.98 2.74 -0.69
CA GLU A 97 -20.15 1.69 -1.70
C GLU A 97 -20.41 0.33 -1.04
N PHE A 98 -19.75 0.08 0.09
CA PHE A 98 -19.88 -1.15 0.84
C PHE A 98 -21.26 -1.25 1.50
N ARG A 99 -21.74 -0.15 2.13
CA ARG A 99 -23.04 -0.04 2.78
C ARG A 99 -24.17 -0.23 1.79
N LYS A 100 -24.00 0.30 0.56
CA LYS A 100 -24.95 0.18 -0.55
C LYS A 100 -25.04 -1.29 -1.00
N ILE A 101 -23.90 -1.98 -1.10
CA ILE A 101 -23.84 -3.42 -1.45
C ILE A 101 -24.43 -4.25 -0.26
N ALA A 102 -24.04 -3.95 1.00
CA ALA A 102 -24.50 -4.66 2.21
C ALA A 102 -26.00 -4.61 2.38
N ASN A 103 -26.64 -3.48 2.01
CA ASN A 103 -28.08 -3.25 2.17
C ASN A 103 -28.90 -3.65 0.95
N SER A 104 -28.26 -4.04 -0.17
CA SER A 104 -29.00 -4.39 -1.40
C SER A 104 -29.73 -5.71 -1.23
N ASP A 105 -30.74 -5.95 -2.07
CA ASP A 105 -31.58 -7.15 -2.08
C ASP A 105 -30.78 -8.43 -2.23
N LYS A 106 -29.71 -8.40 -3.04
CA LYS A 106 -28.81 -9.53 -3.23
C LYS A 106 -28.09 -9.92 -1.93
N TYR A 107 -27.59 -8.94 -1.15
CA TYR A 107 -26.79 -9.24 0.03
C TYR A 107 -27.43 -9.04 1.42
N CYS A 108 -28.61 -8.39 1.50
CA CYS A 108 -29.29 -8.08 2.76
C CYS A 108 -29.59 -9.30 3.67
N THR A 109 -29.69 -9.03 4.97
CA THR A 109 -30.01 -10.01 6.00
C THR A 109 -31.41 -10.58 5.70
N PRO A 110 -31.58 -11.92 5.72
CA PRO A 110 -32.92 -12.47 5.53
C PRO A 110 -33.81 -12.10 6.71
N ARG A 111 -35.13 -12.19 6.51
CA ARG A 111 -36.10 -11.92 7.58
C ARG A 111 -36.02 -13.10 8.57
N TYR A 112 -36.03 -12.81 9.87
CA TYR A 112 -35.97 -13.81 10.95
C TYR A 112 -36.67 -13.36 12.22
N SER A 113 -37.10 -14.33 13.05
CA SER A 113 -37.76 -14.04 14.32
C SER A 113 -36.70 -13.97 15.45
N GLU A 114 -36.15 -15.12 15.88
CA GLU A 114 -35.12 -15.22 16.92
C GLU A 114 -33.76 -15.57 16.25
N PHE A 115 -32.65 -15.44 17.02
N PHE A 115 -32.64 -15.43 17.00
CA PHE A 115 -31.29 -15.74 16.55
CA PHE A 115 -31.28 -15.68 16.49
C PHE A 115 -31.16 -17.13 15.92
C PHE A 115 -31.03 -17.14 16.01
N GLU A 116 -31.78 -18.13 16.55
CA GLU A 116 -31.71 -19.55 16.17
C GLU A 116 -32.15 -19.76 14.71
N GLU A 117 -33.19 -19.05 14.27
CA GLU A 117 -33.68 -19.04 12.90
C GLU A 117 -32.56 -18.44 11.97
N LEU A 118 -31.94 -17.31 12.37
CA LEU A 118 -30.88 -16.66 11.59
C LEU A 118 -29.60 -17.53 11.53
N GLU A 119 -29.27 -18.23 12.62
CA GLU A 119 -28.13 -19.14 12.75
C GLU A 119 -28.32 -20.34 11.81
N ARG A 120 -29.56 -20.89 11.73
CA ARG A 120 -29.88 -22.00 10.83
C ARG A 120 -29.74 -21.57 9.38
N LYS A 121 -30.19 -20.33 9.06
CA LYS A 121 -30.09 -19.76 7.71
C LYS A 121 -28.62 -19.56 7.33
N TYR A 122 -27.79 -19.15 8.29
CA TYR A 122 -26.37 -18.95 8.07
C TYR A 122 -25.66 -20.26 7.68
N TRP A 123 -25.82 -21.33 8.50
CA TRP A 123 -25.19 -22.61 8.27
C TRP A 123 -25.74 -23.33 7.03
N LYS A 124 -26.96 -22.97 6.60
CA LYS A 124 -27.52 -23.57 5.40
C LYS A 124 -27.15 -22.82 4.10
N ASN A 125 -26.79 -21.52 4.16
CA ASN A 125 -26.51 -20.69 2.98
C ASN A 125 -25.11 -20.10 2.87
N LEU A 126 -24.19 -20.44 3.78
CA LEU A 126 -22.86 -19.87 3.79
C LEU A 126 -22.03 -20.19 2.55
N THR A 127 -22.41 -21.22 1.76
CA THR A 127 -21.68 -21.54 0.52
C THR A 127 -22.28 -20.87 -0.72
N PHE A 128 -23.44 -20.21 -0.57
CA PHE A 128 -24.16 -19.54 -1.66
C PHE A 128 -24.02 -18.04 -1.56
N ASN A 129 -24.10 -17.34 -2.72
N ASN A 129 -24.07 -17.36 -2.72
CA ASN A 129 -24.00 -15.88 -2.85
CA ASN A 129 -23.97 -15.91 -2.88
C ASN A 129 -22.83 -15.29 -2.02
C ASN A 129 -22.82 -15.30 -2.02
N PRO A 130 -21.55 -15.56 -2.42
CA PRO A 130 -20.40 -15.05 -1.62
C PRO A 130 -20.45 -13.56 -1.19
N PRO A 131 -20.44 -13.27 0.12
CA PRO A 131 -20.47 -11.87 0.55
C PRO A 131 -19.07 -11.23 0.53
N ILE A 132 -19.03 -9.91 0.70
CA ILE A 132 -17.79 -9.13 0.75
C ILE A 132 -17.59 -8.66 2.18
N TYR A 133 -16.38 -8.85 2.67
CA TYR A 133 -15.99 -8.46 4.03
C TYR A 133 -14.98 -7.35 3.90
N GLY A 134 -15.29 -6.20 4.52
CA GLY A 134 -14.42 -5.03 4.55
C GLY A 134 -13.46 -5.21 5.70
N ALA A 135 -12.69 -6.30 5.63
CA ALA A 135 -11.77 -6.74 6.67
C ALA A 135 -10.42 -6.05 6.69
N ASP A 136 -9.83 -6.03 7.91
CA ASP A 136 -8.48 -5.56 8.23
C ASP A 136 -8.16 -4.16 7.75
N VAL A 137 -9.07 -3.22 8.00
CA VAL A 137 -8.79 -1.85 7.57
C VAL A 137 -7.94 -1.26 8.67
N ASN A 138 -6.75 -0.76 8.36
CA ASN A 138 -5.87 -0.12 9.34
C ASN A 138 -6.54 1.19 9.74
N GLY A 139 -6.79 1.36 11.02
CA GLY A 139 -7.41 2.59 11.49
C GLY A 139 -8.27 2.45 12.73
N THR A 140 -8.85 3.58 13.14
CA THR A 140 -9.67 3.66 14.35
C THR A 140 -10.89 4.54 14.15
N LEU A 141 -11.96 4.27 14.90
CA LEU A 141 -13.13 5.14 14.88
C LEU A 141 -13.27 5.90 16.24
N TYR A 142 -12.32 5.70 17.17
CA TYR A 142 -12.29 6.41 18.44
C TYR A 142 -11.84 7.86 18.26
N GLU A 143 -12.50 8.79 18.98
CA GLU A 143 -12.12 10.21 18.98
C GLU A 143 -10.84 10.38 19.84
N LYS A 144 -10.09 11.47 19.60
CA LYS A 144 -8.81 11.78 20.25
C LYS A 144 -8.83 11.74 21.79
N HIS A 145 -9.75 12.48 22.42
CA HIS A 145 -9.88 12.64 23.87
C HIS A 145 -10.36 11.40 24.66
N VAL A 146 -10.89 10.36 23.99
CA VAL A 146 -11.39 9.15 24.67
C VAL A 146 -10.24 8.38 25.36
N ASP A 147 -10.19 8.46 26.70
CA ASP A 147 -9.12 7.82 27.49
C ASP A 147 -9.46 6.41 27.98
N GLU A 148 -10.77 6.05 28.03
CA GLU A 148 -11.21 4.75 28.52
C GLU A 148 -11.40 3.74 27.41
N TRP A 149 -10.70 2.58 27.52
CA TRP A 149 -10.78 1.45 26.60
C TRP A 149 -10.57 1.87 25.16
N ASN A 150 -9.66 2.84 24.96
CA ASN A 150 -9.33 3.33 23.63
C ASN A 150 -8.51 2.25 22.97
N ILE A 151 -9.14 1.46 22.07
CA ILE A 151 -8.52 0.31 21.39
C ILE A 151 -7.19 0.70 20.70
N GLY A 152 -7.10 1.92 20.19
CA GLY A 152 -5.89 2.44 19.54
C GLY A 152 -4.74 2.78 20.48
N ARG A 153 -4.96 2.65 21.82
CA ARG A 153 -3.98 2.97 22.89
C ARG A 153 -4.40 2.38 24.26
N LEU A 154 -4.36 1.04 24.41
CA LEU A 154 -4.77 0.32 25.64
C LEU A 154 -3.77 0.40 26.84
N ARG A 155 -2.50 0.77 26.58
CA ARG A 155 -1.41 0.94 27.58
C ARG A 155 -0.99 -0.37 28.33
N THR A 156 -1.29 -1.56 27.76
CA THR A 156 -0.93 -2.89 28.31
C THR A 156 0.58 -3.21 28.14
N ILE A 157 1.03 -4.38 28.68
CA ILE A 157 2.43 -4.82 28.59
C ILE A 157 2.84 -5.18 27.13
N LEU A 158 1.86 -5.28 26.18
CA LEU A 158 2.18 -5.57 24.78
C LEU A 158 2.99 -4.46 24.11
N ASP A 159 2.85 -3.20 24.57
CA ASP A 159 3.55 -2.01 24.04
C ASP A 159 5.07 -2.13 24.02
N LEU A 160 5.65 -3.02 24.85
CA LEU A 160 7.09 -3.21 24.91
C LEU A 160 7.65 -3.98 23.66
N VAL A 161 6.78 -4.35 22.69
CA VAL A 161 7.22 -4.98 21.42
C VAL A 161 7.93 -3.88 20.60
N GLU A 162 7.22 -2.76 20.31
CA GLU A 162 7.74 -1.63 19.54
C GLU A 162 8.74 -0.81 20.36
N GLY A 171 3.42 -4.59 14.03
CA GLY A 171 2.07 -4.08 13.87
C GLY A 171 0.98 -4.98 14.43
N VAL A 172 1.13 -5.40 15.72
CA VAL A 172 0.21 -6.27 16.47
C VAL A 172 -0.60 -5.46 17.48
N ASN A 173 -0.07 -4.30 17.88
CA ASN A 173 -0.68 -3.37 18.83
C ASN A 173 -1.56 -2.31 18.15
N THR A 174 -1.67 -2.34 16.79
CA THR A 174 -2.46 -1.36 16.04
C THR A 174 -3.93 -1.78 15.86
N PRO A 175 -4.91 -0.83 15.88
CA PRO A 175 -6.31 -1.22 15.68
C PRO A 175 -6.66 -1.49 14.21
N TYR A 176 -7.64 -2.38 13.99
CA TYR A 176 -8.14 -2.74 12.67
C TYR A 176 -9.64 -2.63 12.67
N LEU A 177 -10.19 -2.15 11.55
CA LEU A 177 -11.61 -1.98 11.34
C LEU A 177 -12.13 -3.12 10.48
N TYR A 178 -13.33 -3.61 10.79
CA TYR A 178 -13.98 -4.70 10.09
C TYR A 178 -15.38 -4.26 9.75
N PHE A 179 -15.61 -4.03 8.46
CA PHE A 179 -16.90 -3.64 7.96
C PHE A 179 -17.61 -4.88 7.48
N GLY A 180 -18.63 -5.30 8.24
CA GLY A 180 -19.34 -6.52 7.88
C GLY A 180 -20.59 -6.37 7.05
N MET A 181 -21.02 -7.48 6.45
CA MET A 181 -22.32 -7.63 5.84
C MET A 181 -22.87 -8.99 6.26
N TRP A 182 -24.13 -9.28 6.03
CA TRP A 182 -24.74 -10.57 6.35
C TRP A 182 -23.91 -11.72 5.80
N LYS A 183 -23.69 -12.75 6.65
CA LYS A 183 -23.03 -13.98 6.22
C LYS A 183 -21.52 -13.83 6.07
N THR A 184 -20.91 -12.63 6.34
CA THR A 184 -19.45 -12.56 6.29
C THR A 184 -18.98 -13.27 7.54
N SER A 185 -17.87 -13.98 7.48
CA SER A 185 -17.41 -14.76 8.62
C SER A 185 -15.95 -14.73 8.99
N PHE A 186 -15.68 -15.12 10.23
CA PHE A 186 -14.34 -15.31 10.71
C PHE A 186 -14.24 -16.77 11.15
N ALA A 187 -13.25 -17.47 10.62
CA ALA A 187 -13.02 -18.88 10.86
C ALA A 187 -12.37 -19.18 12.21
N TRP A 188 -12.39 -20.46 12.60
CA TRP A 188 -11.84 -20.93 13.88
C TRP A 188 -10.37 -20.61 13.99
N HIS A 189 -10.00 -19.85 15.03
CA HIS A 189 -8.62 -19.41 15.23
C HIS A 189 -8.42 -18.90 16.66
N THR A 190 -7.15 -18.84 17.08
CA THR A 190 -6.74 -18.20 18.30
C THR A 190 -5.98 -16.93 17.80
N GLU A 191 -5.60 -16.05 18.71
CA GLU A 191 -4.91 -14.85 18.30
C GLU A 191 -3.46 -15.11 17.97
N ASP A 192 -2.86 -14.24 17.14
CA ASP A 192 -1.44 -14.39 16.80
C ASP A 192 -0.64 -14.32 18.09
N MET A 193 0.29 -15.29 18.29
CA MET A 193 1.12 -15.49 19.49
C MET A 193 0.25 -15.87 20.69
N ASP A 194 -0.99 -16.35 20.43
CA ASP A 194 -2.02 -16.70 21.42
C ASP A 194 -2.28 -15.56 22.38
N LEU A 195 -2.31 -14.31 21.85
CA LEU A 195 -2.55 -13.07 22.60
C LEU A 195 -4.02 -12.94 22.95
N TYR A 196 -4.34 -11.93 23.75
CA TYR A 196 -5.72 -11.56 24.04
C TYR A 196 -6.19 -10.67 22.85
N SER A 197 -7.52 -10.48 22.73
CA SER A 197 -8.03 -9.51 21.77
C SER A 197 -9.26 -8.82 22.34
N ILE A 198 -9.44 -7.58 21.92
CA ILE A 198 -10.59 -6.76 22.26
C ILE A 198 -11.29 -6.42 20.93
N ASN A 199 -12.63 -6.54 20.88
CA ASN A 199 -13.46 -6.24 19.72
C ASN A 199 -14.60 -5.36 20.19
N TYR A 200 -14.70 -4.16 19.61
CA TYR A 200 -15.80 -3.26 19.90
C TYR A 200 -16.68 -3.14 18.66
N LEU A 201 -17.98 -3.41 18.82
CA LEU A 201 -18.94 -3.29 17.74
C LEU A 201 -19.47 -1.83 17.71
N HIS A 202 -18.87 -0.98 16.87
CA HIS A 202 -19.19 0.45 16.75
C HIS A 202 -20.66 0.75 16.45
N PHE A 203 -21.20 0.11 15.43
CA PHE A 203 -22.60 0.32 15.03
C PHE A 203 -23.03 -0.82 14.17
N GLY A 204 -24.31 -0.86 13.85
CA GLY A 204 -24.86 -1.80 12.90
C GLY A 204 -25.45 -3.04 13.49
N GLU A 205 -25.64 -4.05 12.64
CA GLU A 205 -26.24 -5.34 12.98
C GLU A 205 -25.32 -6.16 13.88
N PRO A 206 -25.86 -7.11 14.68
CA PRO A 206 -24.97 -7.93 15.52
C PRO A 206 -23.88 -8.78 14.81
N LYS A 207 -22.99 -9.30 15.63
CA LYS A 207 -21.90 -10.20 15.29
C LYS A 207 -22.08 -11.35 16.26
N SER A 208 -22.25 -12.57 15.74
CA SER A 208 -22.40 -13.77 16.57
C SER A 208 -21.06 -14.51 16.68
N TRP A 209 -20.80 -15.02 17.88
CA TRP A 209 -19.55 -15.66 18.23
C TRP A 209 -19.75 -17.06 18.76
N TYR A 210 -18.79 -17.95 18.45
CA TYR A 210 -18.68 -19.28 18.99
C TYR A 210 -17.33 -19.36 19.67
N SER A 211 -17.26 -19.99 20.84
CA SER A 211 -15.93 -20.17 21.47
C SER A 211 -15.76 -21.53 22.07
N VAL A 212 -14.52 -22.00 22.07
CA VAL A 212 -14.15 -23.26 22.71
C VAL A 212 -13.27 -22.83 23.89
N PRO A 213 -13.57 -23.29 25.14
CA PRO A 213 -12.70 -22.94 26.28
C PRO A 213 -11.21 -23.29 26.05
N PRO A 214 -10.26 -22.43 26.46
CA PRO A 214 -8.83 -22.77 26.30
C PRO A 214 -8.41 -24.16 26.81
N GLU A 215 -9.07 -24.71 27.85
CA GLU A 215 -8.78 -26.06 28.37
C GLU A 215 -9.19 -27.19 27.40
N HIS A 216 -10.01 -26.87 26.37
CA HIS A 216 -10.46 -27.86 25.39
C HIS A 216 -9.94 -27.61 23.96
N GLY A 217 -9.11 -26.57 23.81
CA GLY A 217 -8.52 -26.15 22.54
C GLY A 217 -7.81 -27.24 21.75
N LYS A 218 -7.07 -28.10 22.44
CA LYS A 218 -6.35 -29.25 21.85
C LYS A 218 -7.28 -30.32 21.26
N ARG A 219 -8.49 -30.49 21.88
CA ARG A 219 -9.55 -31.39 21.43
C ARG A 219 -10.02 -30.90 20.06
N LEU A 220 -10.23 -29.57 19.91
CA LEU A 220 -10.64 -28.96 18.63
C LEU A 220 -9.54 -29.11 17.59
N GLU A 221 -8.26 -28.92 17.95
CA GLU A 221 -7.14 -29.06 17.01
C GLU A 221 -7.03 -30.45 16.46
N ARG A 222 -7.22 -31.47 17.35
CA ARG A 222 -7.15 -32.89 17.03
C ARG A 222 -8.30 -33.25 16.12
N LEU A 223 -9.45 -32.62 16.34
CA LEU A 223 -10.62 -32.86 15.52
C LEU A 223 -10.40 -32.30 14.11
N ALA A 224 -9.86 -31.06 14.02
CA ALA A 224 -9.55 -30.36 12.78
C ALA A 224 -8.50 -31.10 11.98
N LYS A 225 -7.47 -31.69 12.64
CA LYS A 225 -6.42 -32.51 12.01
C LYS A 225 -7.03 -33.74 11.34
N GLY A 226 -8.01 -34.36 11.99
CA GLY A 226 -8.72 -35.52 11.48
C GLY A 226 -9.57 -35.25 10.24
N PHE A 227 -10.10 -34.00 10.11
CA PHE A 227 -10.94 -33.58 8.98
C PHE A 227 -10.18 -33.06 7.78
N PHE A 228 -9.05 -32.37 8.02
CA PHE A 228 -8.20 -31.82 6.98
C PHE A 228 -6.80 -32.39 7.20
N PRO A 229 -6.55 -33.65 6.78
CA PRO A 229 -5.24 -34.29 7.04
C PRO A 229 -4.08 -33.77 6.21
N GLY A 230 -4.39 -33.33 4.99
CA GLY A 230 -3.42 -32.76 4.05
C GLY A 230 -2.92 -31.42 4.53
N SER A 231 -3.86 -30.56 4.98
CA SER A 231 -3.61 -29.23 5.55
C SER A 231 -2.75 -29.31 6.83
N ALA A 232 -2.94 -30.39 7.64
CA ALA A 232 -2.20 -30.65 8.87
C ALA A 232 -0.76 -31.13 8.58
N GLN A 233 -0.56 -31.92 7.51
CA GLN A 233 0.76 -32.43 7.11
C GLN A 233 1.63 -31.31 6.51
N SER A 234 0.97 -30.28 5.93
CA SER A 234 1.59 -29.12 5.29
C SER A 234 1.82 -27.95 6.25
N CYS A 235 1.14 -27.94 7.42
CA CYS A 235 1.28 -26.87 8.42
C CYS A 235 1.01 -27.34 9.86
N GLU A 236 1.96 -27.02 10.79
CA GLU A 236 1.88 -27.36 12.22
C GLU A 236 0.71 -26.66 12.92
N ALA A 237 0.28 -25.50 12.39
CA ALA A 237 -0.82 -24.71 12.92
C ALA A 237 -1.68 -24.21 11.74
N PHE A 238 -2.31 -25.15 11.00
CA PHE A 238 -3.11 -24.83 9.82
C PHE A 238 -4.38 -23.98 10.15
N LEU A 239 -4.93 -24.09 11.40
CA LEU A 239 -6.08 -23.28 11.82
C LEU A 239 -5.74 -21.76 11.84
N ARG A 240 -4.42 -21.43 11.90
CA ARG A 240 -3.91 -20.04 11.90
C ARG A 240 -4.09 -19.36 10.54
N HIS A 241 -4.34 -20.14 9.45
CA HIS A 241 -4.59 -19.59 8.11
C HIS A 241 -5.99 -18.93 8.10
N LYS A 242 -6.83 -19.28 9.11
CA LYS A 242 -8.18 -18.75 9.36
C LYS A 242 -9.10 -19.06 8.18
N MET A 243 -9.10 -20.31 7.74
CA MET A 243 -9.90 -20.78 6.60
C MET A 243 -10.90 -21.89 6.97
N THR A 244 -10.82 -22.44 8.18
CA THR A 244 -11.66 -23.58 8.59
C THR A 244 -12.93 -23.17 9.32
N LEU A 245 -14.10 -23.47 8.72
CA LEU A 245 -15.41 -23.23 9.36
C LEU A 245 -15.99 -24.58 9.75
N ILE A 246 -16.42 -24.73 11.03
CA ILE A 246 -16.99 -25.95 11.60
C ILE A 246 -18.26 -25.54 12.34
N SER A 247 -19.43 -26.07 11.94
CA SER A 247 -20.71 -25.73 12.57
C SER A 247 -20.84 -26.20 14.02
N PRO A 248 -21.71 -25.52 14.85
CA PRO A 248 -21.95 -26.00 16.22
C PRO A 248 -22.44 -27.46 16.28
N LEU A 249 -23.23 -27.90 15.27
CA LEU A 249 -23.76 -29.27 15.18
C LEU A 249 -22.65 -30.31 15.02
N MET A 250 -21.59 -29.96 14.28
CA MET A 250 -20.40 -30.78 14.06
C MET A 250 -19.61 -30.88 15.36
N LEU A 251 -19.49 -29.74 16.08
CA LEU A 251 -18.77 -29.68 17.36
C LEU A 251 -19.49 -30.54 18.41
N LYS A 252 -20.82 -30.50 18.41
CA LYS A 252 -21.69 -31.26 19.30
C LYS A 252 -21.58 -32.76 18.98
N LYS A 253 -21.50 -33.12 17.69
CA LYS A 253 -21.36 -34.52 17.23
C LYS A 253 -20.04 -35.17 17.67
N TYR A 254 -18.98 -34.38 17.82
CA TYR A 254 -17.69 -34.93 18.20
C TYR A 254 -17.25 -34.55 19.62
N GLY A 255 -18.21 -34.10 20.42
CA GLY A 255 -18.01 -33.78 21.83
C GLY A 255 -17.08 -32.63 22.18
N ILE A 256 -17.03 -31.60 21.34
CA ILE A 256 -16.22 -30.42 21.63
C ILE A 256 -17.06 -29.42 22.44
N PRO A 257 -16.63 -29.08 23.68
CA PRO A 257 -17.40 -28.10 24.48
C PRO A 257 -17.25 -26.71 23.87
N PHE A 258 -18.35 -26.01 23.70
CA PHE A 258 -18.32 -24.68 23.10
C PHE A 258 -19.46 -23.90 23.66
N ASP A 259 -19.40 -22.59 23.50
CA ASP A 259 -20.48 -21.72 23.92
C ASP A 259 -20.68 -20.68 22.81
N LYS A 260 -21.86 -20.10 22.78
CA LYS A 260 -22.16 -19.08 21.79
C LYS A 260 -22.71 -17.87 22.47
N VAL A 261 -22.51 -16.71 21.84
CA VAL A 261 -22.96 -15.42 22.33
C VAL A 261 -23.18 -14.49 21.10
N THR A 262 -24.09 -13.51 21.24
CA THR A 262 -24.30 -12.50 20.20
C THR A 262 -23.87 -11.16 20.76
N GLN A 263 -22.98 -10.46 20.06
CA GLN A 263 -22.50 -9.14 20.41
C GLN A 263 -23.37 -8.11 19.67
N GLU A 264 -23.89 -7.12 20.40
CA GLU A 264 -24.69 -6.06 19.82
C GLU A 264 -23.87 -4.78 19.80
N ALA A 265 -24.34 -3.80 19.07
CA ALA A 265 -23.65 -2.52 18.91
C ALA A 265 -23.44 -1.86 20.27
N GLY A 266 -22.24 -1.34 20.47
CA GLY A 266 -21.86 -0.70 21.72
C GLY A 266 -21.36 -1.66 22.78
N GLU A 267 -21.11 -2.93 22.43
CA GLU A 267 -20.60 -3.92 23.38
C GLU A 267 -19.20 -4.36 22.97
N PHE A 268 -18.37 -4.75 23.95
CA PHE A 268 -17.04 -5.27 23.70
C PHE A 268 -17.03 -6.76 23.88
N MET A 269 -16.17 -7.42 23.13
CA MET A 269 -15.88 -8.84 23.30
C MET A 269 -14.40 -8.92 23.59
N ILE A 270 -14.04 -9.70 24.60
CA ILE A 270 -12.65 -9.99 24.98
C ILE A 270 -12.36 -11.46 24.68
N THR A 271 -11.28 -11.73 23.92
CA THR A 271 -10.83 -13.11 23.68
C THR A 271 -9.58 -13.32 24.54
N PHE A 272 -9.47 -14.49 25.13
CA PHE A 272 -8.36 -14.83 26.04
C PHE A 272 -7.32 -15.73 25.38
N PRO A 273 -6.08 -15.74 25.88
CA PRO A 273 -5.06 -16.63 25.30
C PRO A 273 -5.49 -18.08 25.09
N TYR A 274 -5.33 -18.52 23.81
CA TYR A 274 -5.60 -19.88 23.34
C TYR A 274 -7.09 -20.21 23.39
N GLY A 275 -7.90 -19.17 23.28
CA GLY A 275 -9.35 -19.27 23.21
C GLY A 275 -9.74 -19.25 21.74
N TYR A 276 -10.08 -20.43 21.17
CA TYR A 276 -10.52 -20.59 19.77
C TYR A 276 -11.87 -19.94 19.56
N HIS A 277 -11.99 -19.10 18.55
CA HIS A 277 -13.24 -18.44 18.24
C HIS A 277 -13.49 -18.34 16.78
N ALA A 278 -14.77 -18.31 16.43
CA ALA A 278 -15.34 -18.18 15.09
C ALA A 278 -16.65 -17.37 15.18
N GLY A 279 -17.19 -16.99 14.03
CA GLY A 279 -18.45 -16.28 14.05
C GLY A 279 -18.88 -15.67 12.74
N PHE A 280 -19.97 -14.93 12.79
CA PHE A 280 -20.52 -14.30 11.60
C PHE A 280 -21.24 -13.02 11.95
N ASN A 281 -21.40 -12.14 10.93
CA ASN A 281 -22.09 -10.86 10.96
C ASN A 281 -23.53 -11.02 10.54
N HIS A 282 -24.46 -10.39 11.27
CA HIS A 282 -25.88 -10.48 10.96
C HIS A 282 -26.25 -9.56 9.78
N GLY A 283 -25.43 -8.55 9.54
CA GLY A 283 -25.69 -7.57 8.50
C GLY A 283 -24.63 -6.51 8.54
N PHE A 284 -24.90 -5.36 7.88
CA PHE A 284 -23.97 -4.23 7.82
C PHE A 284 -23.62 -3.78 9.25
N ASN A 285 -22.32 -3.73 9.53
CA ASN A 285 -21.83 -3.33 10.84
C ASN A 285 -20.40 -2.88 10.74
N CYS A 286 -19.81 -2.45 11.86
CA CYS A 286 -18.43 -2.02 11.95
C CYS A 286 -17.85 -2.35 13.33
N ALA A 287 -16.78 -3.17 13.38
CA ALA A 287 -16.10 -3.56 14.61
C ALA A 287 -14.66 -3.09 14.55
N GLU A 288 -14.11 -2.67 15.70
CA GLU A 288 -12.72 -2.24 15.83
C GLU A 288 -12.05 -3.26 16.74
N SER A 289 -10.86 -3.73 16.35
CA SER A 289 -10.18 -4.70 17.18
C SER A 289 -8.68 -4.53 17.20
N THR A 290 -8.08 -5.03 18.29
CA THR A 290 -6.62 -5.07 18.48
C THR A 290 -6.31 -6.23 19.39
N ASN A 291 -5.02 -6.48 19.58
CA ASN A 291 -4.50 -7.50 20.46
C ASN A 291 -3.93 -6.78 21.65
N PHE A 292 -3.85 -7.49 22.78
CA PHE A 292 -3.23 -6.96 24.01
C PHE A 292 -2.70 -8.10 24.84
N ALA A 293 -1.93 -7.77 25.89
CA ALA A 293 -1.35 -8.76 26.80
C ALA A 293 -1.52 -8.39 28.28
N THR A 294 -1.35 -9.38 29.16
CA THR A 294 -1.29 -9.29 30.61
C THR A 294 -0.08 -10.16 30.96
N ARG A 295 0.34 -10.22 32.24
CA ARG A 295 1.47 -11.05 32.68
C ARG A 295 1.27 -12.55 32.38
N ARG A 296 0.02 -13.04 32.47
CA ARG A 296 -0.38 -14.42 32.18
C ARG A 296 -0.09 -14.82 30.71
N TRP A 297 -0.26 -13.92 29.74
CA TRP A 297 0.02 -14.24 28.34
C TRP A 297 1.47 -14.68 28.06
N ILE A 298 2.45 -14.11 28.80
CA ILE A 298 3.89 -14.38 28.63
C ILE A 298 4.17 -15.87 28.41
N GLU A 299 3.67 -16.75 29.31
CA GLU A 299 3.84 -18.19 29.21
C GLU A 299 3.24 -18.75 27.92
N TYR A 300 2.06 -18.25 27.50
CA TYR A 300 1.40 -18.64 26.25
C TYR A 300 2.24 -18.21 25.04
N GLY A 301 2.86 -17.04 25.12
CA GLY A 301 3.71 -16.48 24.06
C GLY A 301 4.93 -17.33 23.78
N LYS A 302 5.59 -17.80 24.84
CA LYS A 302 6.76 -18.69 24.86
C LYS A 302 6.42 -20.07 24.27
N GLN A 303 5.23 -20.61 24.62
CA GLN A 303 4.75 -21.94 24.20
C GLN A 303 3.89 -21.97 22.94
N ALA A 304 3.74 -20.85 22.23
CA ALA A 304 2.85 -20.77 21.05
C ALA A 304 3.33 -21.59 19.84
N VAL A 305 2.42 -22.42 19.26
CA VAL A 305 2.69 -23.23 18.06
C VAL A 305 2.27 -22.39 16.83
N LEU A 306 3.28 -21.89 16.09
CA LEU A 306 3.11 -21.00 14.95
C LEU A 306 3.04 -21.71 13.60
N CYS A 307 2.38 -21.02 12.63
CA CYS A 307 2.21 -21.43 11.24
C CYS A 307 3.61 -21.58 10.59
N SER A 308 3.96 -22.82 10.19
CA SER A 308 5.25 -23.18 9.60
C SER A 308 5.35 -22.92 8.09
N CYS A 309 4.25 -23.10 7.34
CA CYS A 309 4.23 -22.93 5.88
C CYS A 309 4.40 -21.46 5.44
N ARG A 310 3.67 -20.52 6.08
CA ARG A 310 3.74 -19.10 5.75
C ARG A 310 4.80 -18.35 6.57
N LYS A 311 5.42 -17.33 5.95
CA LYS A 311 6.47 -16.49 6.52
C LYS A 311 6.38 -15.05 6.01
N MET A 313 3.90 -14.88 8.51
CA MET A 313 3.23 -15.10 9.80
C MET A 313 3.70 -14.10 10.87
N VAL A 314 2.84 -13.84 11.87
CA VAL A 314 3.10 -12.90 12.98
C VAL A 314 3.88 -13.60 14.10
N LYS A 315 5.11 -13.15 14.36
CA LYS A 315 5.95 -13.70 15.42
C LYS A 315 6.56 -12.59 16.26
N ILE A 316 6.43 -12.72 17.58
CA ILE A 316 6.97 -11.76 18.55
C ILE A 316 8.18 -12.42 19.23
N SER A 317 9.26 -11.66 19.42
CA SER A 317 10.42 -12.17 20.15
C SER A 317 10.05 -12.12 21.64
N MET A 318 10.04 -13.31 22.29
CA MET A 318 9.65 -13.46 23.69
C MET A 318 10.74 -13.08 24.69
N ASP A 319 12.02 -12.92 24.23
CA ASP A 319 13.16 -12.58 25.10
C ASP A 319 12.91 -11.33 25.98
N VAL A 320 12.46 -10.22 25.37
CA VAL A 320 12.20 -8.96 26.08
C VAL A 320 11.18 -9.12 27.23
N PHE A 321 10.15 -9.96 27.01
CA PHE A 321 9.10 -10.27 27.98
C PHE A 321 9.59 -11.16 29.11
N VAL A 322 10.34 -12.24 28.77
CA VAL A 322 10.91 -13.19 29.74
C VAL A 322 11.96 -12.47 30.61
N ARG A 323 12.77 -11.56 30.04
CA ARG A 323 13.80 -10.85 30.82
C ARG A 323 13.23 -9.82 31.82
N LYS A 324 12.03 -9.25 31.55
CA LYS A 324 11.39 -8.23 32.39
C LYS A 324 10.39 -8.80 33.42
N PHE A 325 9.65 -9.89 33.08
CA PHE A 325 8.62 -10.42 33.97
C PHE A 325 8.90 -11.83 34.54
N GLN A 326 9.91 -12.52 33.98
CA GLN A 326 10.38 -13.83 34.45
C GLN A 326 11.94 -13.80 34.57
N PRO A 327 12.57 -12.85 35.33
CA PRO A 327 14.04 -12.78 35.35
C PRO A 327 14.77 -14.03 35.84
N GLU A 328 14.18 -14.71 36.85
CA GLU A 328 14.73 -15.92 37.47
C GLU A 328 14.85 -17.11 36.50
N ARG A 329 13.90 -17.22 35.54
CA ARG A 329 13.83 -18.30 34.54
C ARG A 329 14.37 -17.94 33.13
N TYR A 330 14.87 -16.70 32.95
CA TYR A 330 15.39 -16.19 31.67
C TYR A 330 16.53 -17.02 31.07
N LYS A 331 17.52 -17.46 31.91
CA LYS A 331 18.65 -18.27 31.43
C LYS A 331 18.23 -19.70 31.11
N LEU A 332 17.38 -20.31 31.97
CA LEU A 332 16.86 -21.68 31.82
C LEU A 332 16.03 -21.81 30.52
N TRP A 333 15.21 -20.78 30.20
CA TRP A 333 14.38 -20.73 28.99
C TRP A 333 15.24 -20.52 27.73
N LYS A 334 16.21 -19.58 27.78
CA LYS A 334 17.10 -19.30 26.63
C LYS A 334 18.08 -20.47 26.36
N ALA A 335 18.12 -21.45 27.29
CA ALA A 335 18.88 -22.70 27.18
C ALA A 335 18.00 -23.74 26.47
N GLY A 336 16.71 -23.77 26.84
CA GLY A 336 15.71 -24.68 26.29
C GLY A 336 15.26 -25.76 27.25
N LYS A 337 15.43 -25.50 28.58
CA LYS A 337 15.07 -26.42 29.67
C LYS A 337 13.78 -26.05 30.44
N ASP A 338 13.11 -24.93 30.04
CA ASP A 338 11.86 -24.47 30.68
C ASP A 338 10.69 -25.41 30.36
N ASN A 339 10.32 -26.26 31.34
CA ASN A 339 9.27 -27.28 31.23
C ASN A 339 7.95 -26.89 31.94
N THR A 340 7.61 -25.58 31.95
CA THR A 340 6.40 -25.04 32.58
C THR A 340 5.12 -25.53 31.87
N VAL A 341 4.25 -26.23 32.63
CA VAL A 341 2.97 -26.66 32.08
C VAL A 341 1.97 -25.56 32.42
N ILE A 342 1.30 -25.01 31.37
CA ILE A 342 0.34 -23.92 31.53
C ILE A 342 -0.99 -24.43 32.11
N ASP A 343 -1.42 -23.84 33.25
CA ASP A 343 -2.74 -24.15 33.84
C ASP A 343 -3.70 -23.07 33.29
N HIS A 344 -4.64 -23.49 32.41
CA HIS A 344 -5.60 -22.56 31.77
C HIS A 344 -6.61 -21.91 32.73
N THR A 345 -6.85 -22.56 33.89
CA THR A 345 -7.83 -22.12 34.89
C THR A 345 -7.35 -20.98 35.80
N LEU A 346 -6.02 -20.82 35.94
CA LEU A 346 -5.43 -19.80 36.82
C LEU A 346 -5.64 -18.39 36.29
N PRO A 347 -6.07 -17.41 37.12
CA PRO A 347 -6.18 -16.02 36.61
C PRO A 347 -4.81 -15.33 36.52
N THR A 348 -4.75 -14.16 35.86
CA THR A 348 -3.51 -13.39 35.70
C THR A 348 -2.93 -12.99 37.09
N PRO A 349 -1.60 -12.86 37.30
CA PRO A 349 -1.10 -12.46 38.65
C PRO A 349 -1.74 -11.17 39.19
N GLU A 350 -2.04 -10.19 38.30
CA GLU A 350 -2.68 -8.88 38.57
C GLU A 350 -4.04 -9.02 39.28
N ALA A 351 -4.67 -10.21 39.22
CA ALA A 351 -5.96 -10.52 39.84
C ALA A 351 -5.86 -10.78 41.35
N ALA A 352 -4.63 -10.76 41.93
CA ALA A 352 -4.38 -10.98 43.37
C ALA A 352 -5.25 -10.10 44.29
N GLU A 353 -5.32 -8.78 44.00
CA GLU A 353 -6.09 -7.77 44.74
C GLU A 353 -7.59 -8.10 44.87
N PHE A 354 -8.17 -8.80 43.87
CA PHE A 354 -9.57 -9.21 43.87
C PHE A 354 -9.79 -10.59 44.54
N LEU A 355 -8.70 -11.33 44.80
CA LEU A 355 -8.75 -12.66 45.39
C LEU A 355 -8.13 -12.67 46.79
CA THR B 8 21.78 18.24 -5.31
C THR B 8 22.25 17.39 -6.49
N LEU B 9 21.35 16.52 -7.03
CA LEU B 9 21.62 15.64 -8.18
C LEU B 9 21.04 16.24 -9.46
N ASN B 10 21.88 16.29 -10.52
CA ASN B 10 21.58 16.94 -11.81
C ASN B 10 21.11 18.41 -11.56
N PRO B 11 21.91 19.27 -10.87
CA PRO B 11 21.45 20.65 -10.58
C PRO B 11 21.29 21.55 -11.81
N SER B 12 21.95 21.21 -12.94
CA SER B 12 21.86 21.95 -14.20
C SER B 12 20.62 21.54 -15.02
N ALA B 13 19.91 20.47 -14.62
CA ALA B 13 18.70 19.95 -15.28
C ALA B 13 18.97 19.59 -16.77
N ARG B 14 20.16 19.00 -17.01
CA ARG B 14 20.63 18.59 -18.33
C ARG B 14 20.22 17.15 -18.66
N ILE B 15 20.02 16.88 -19.96
CA ILE B 15 19.63 15.57 -20.50
C ILE B 15 20.77 14.56 -20.25
N MET B 16 20.44 13.52 -19.48
CA MET B 16 21.38 12.48 -19.13
C MET B 16 21.22 11.28 -20.04
N THR B 17 22.33 10.57 -20.32
CA THR B 17 22.34 9.37 -21.15
C THR B 17 22.77 8.22 -20.29
N PHE B 18 22.05 7.11 -20.35
CA PHE B 18 22.33 5.92 -19.54
C PHE B 18 22.65 4.71 -20.40
N TYR B 19 23.70 3.99 -20.02
CA TYR B 19 24.19 2.77 -20.68
C TYR B 19 24.06 1.54 -19.73
N PRO B 20 22.84 1.01 -19.48
CA PRO B 20 22.72 -0.18 -18.63
C PRO B 20 23.23 -1.51 -19.22
N THR B 21 23.69 -2.38 -18.32
CA THR B 21 24.13 -3.74 -18.63
C THR B 21 22.84 -4.55 -18.81
N MET B 22 22.93 -5.83 -19.25
CA MET B 22 21.76 -6.69 -19.41
C MET B 22 21.02 -6.93 -18.07
N GLU B 23 21.77 -7.10 -16.95
CA GLU B 23 21.18 -7.32 -15.63
C GLU B 23 20.41 -6.10 -15.14
N GLU B 24 20.98 -4.91 -15.38
CA GLU B 24 20.33 -3.66 -15.02
C GLU B 24 19.12 -3.36 -15.92
N PHE B 25 19.22 -3.72 -17.21
CA PHE B 25 18.18 -3.47 -18.20
C PHE B 25 16.91 -4.29 -18.02
N ARG B 26 17.01 -5.53 -17.55
CA ARG B 26 15.88 -6.47 -17.40
C ARG B 26 14.64 -5.89 -16.70
N ASN B 27 14.78 -5.25 -15.52
CA ASN B 27 13.63 -4.69 -14.80
C ASN B 27 13.44 -3.19 -15.09
N PHE B 28 12.47 -2.88 -15.97
CA PHE B 28 12.13 -1.56 -16.48
C PHE B 28 11.77 -0.51 -15.38
N SER B 29 10.76 -0.80 -14.55
CA SER B 29 10.28 0.09 -13.47
C SER B 29 11.39 0.44 -12.50
N ARG B 30 12.22 -0.55 -12.14
CA ARG B 30 13.42 -0.42 -11.29
C ARG B 30 14.45 0.48 -11.99
N TYR B 31 14.70 0.27 -13.28
CA TYR B 31 15.65 1.11 -13.97
C TYR B 31 15.17 2.57 -14.03
N ILE B 32 13.87 2.77 -14.17
CA ILE B 32 13.29 4.10 -14.17
C ILE B 32 13.54 4.77 -12.82
N ALA B 33 13.39 4.00 -11.75
CA ALA B 33 13.64 4.51 -10.42
C ALA B 33 15.11 4.86 -10.27
N TYR B 34 16.00 4.05 -10.83
CA TYR B 34 17.40 4.34 -10.74
C TYR B 34 17.78 5.62 -11.46
N ILE B 35 17.26 5.86 -12.65
CA ILE B 35 17.59 7.09 -13.35
C ILE B 35 17.08 8.32 -12.59
N GLU B 36 15.91 8.23 -11.99
CA GLU B 36 15.41 9.33 -11.19
C GLU B 36 16.35 9.58 -10.00
N SER B 37 16.85 8.52 -9.38
CA SER B 37 17.79 8.64 -8.24
C SER B 37 19.06 9.45 -8.60
N GLN B 38 19.37 9.52 -9.89
CA GLN B 38 20.53 10.19 -10.50
C GLN B 38 20.19 11.60 -10.98
N GLY B 39 18.90 11.96 -10.90
CA GLY B 39 18.34 13.26 -11.30
C GLY B 39 17.93 13.41 -12.74
N ALA B 40 17.79 12.30 -13.49
CA ALA B 40 17.40 12.36 -14.91
C ALA B 40 16.09 13.10 -15.18
N HIS B 41 15.11 13.00 -14.24
CA HIS B 41 13.75 13.59 -14.31
C HIS B 41 13.74 15.10 -14.42
N ARG B 42 14.78 15.72 -13.84
CA ARG B 42 14.98 17.15 -13.84
C ARG B 42 15.04 17.78 -15.23
N ALA B 43 15.61 17.08 -16.24
CA ALA B 43 15.66 17.63 -17.62
C ALA B 43 14.34 17.46 -18.35
N GLY B 44 13.51 16.54 -17.88
CA GLY B 44 12.22 16.24 -18.48
C GLY B 44 12.27 15.18 -19.56
N LEU B 45 13.49 14.83 -19.97
CA LEU B 45 13.82 13.91 -21.04
C LEU B 45 15.15 13.17 -20.68
N ALA B 46 15.24 11.87 -20.97
CA ALA B 46 16.44 11.08 -20.74
C ALA B 46 16.65 10.08 -21.90
N LYS B 47 17.92 9.73 -22.15
CA LYS B 47 18.25 8.77 -23.18
C LYS B 47 18.77 7.49 -22.53
N VAL B 48 18.25 6.34 -22.97
CA VAL B 48 18.69 5.04 -22.50
C VAL B 48 19.15 4.25 -23.73
N VAL B 49 20.45 3.92 -23.76
CA VAL B 49 21.05 3.14 -24.82
C VAL B 49 21.03 1.70 -24.28
N PRO B 50 20.21 0.79 -24.85
CA PRO B 50 20.18 -0.57 -24.33
C PRO B 50 21.48 -1.37 -24.64
N PRO B 51 21.77 -2.51 -23.93
CA PRO B 51 22.97 -3.30 -24.28
C PRO B 51 22.89 -3.88 -25.70
N LYS B 52 24.03 -3.88 -26.43
CA LYS B 52 24.16 -4.27 -27.85
C LYS B 52 23.61 -5.65 -28.19
N GLU B 53 23.62 -6.56 -27.22
CA GLU B 53 23.10 -7.90 -27.36
C GLU B 53 21.55 -7.92 -27.44
N TRP B 54 20.86 -6.91 -26.84
CA TRP B 54 19.40 -6.80 -26.84
C TRP B 54 18.85 -6.20 -28.14
N LYS B 55 17.78 -6.83 -28.67
CA LYS B 55 17.06 -6.47 -29.90
C LYS B 55 15.56 -6.74 -29.73
N PRO B 56 14.65 -5.82 -30.07
CA PRO B 56 13.20 -6.14 -29.94
C PRO B 56 12.67 -6.98 -31.11
N ARG B 57 13.41 -7.01 -32.23
CA ARG B 57 13.02 -7.70 -33.47
C ARG B 57 14.27 -8.17 -34.24
N ALA B 58 14.19 -9.35 -34.88
CA ALA B 58 15.29 -9.95 -35.65
C ALA B 58 15.67 -9.10 -36.85
N SER B 59 14.66 -8.62 -37.62
CA SER B 59 14.83 -7.75 -38.79
C SER B 59 13.55 -6.98 -39.09
N TYR B 60 13.68 -5.87 -39.84
CA TYR B 60 12.56 -5.01 -40.24
C TYR B 60 12.23 -5.20 -41.74
N ASP B 61 12.62 -6.35 -42.34
CA ASP B 61 12.41 -6.66 -43.75
C ASP B 61 10.99 -7.12 -44.10
N ASP B 62 10.14 -7.32 -43.08
CA ASP B 62 8.79 -7.88 -43.16
C ASP B 62 7.65 -6.91 -42.86
N ILE B 63 7.94 -5.62 -42.65
CA ILE B 63 6.95 -4.62 -42.24
C ILE B 63 6.27 -3.85 -43.42
N ASP B 64 6.64 -4.13 -44.67
CA ASP B 64 6.13 -3.43 -45.86
C ASP B 64 4.60 -3.41 -46.02
N ASP B 65 3.92 -4.50 -45.61
CA ASP B 65 2.48 -4.72 -45.70
C ASP B 65 1.67 -4.07 -44.56
N LEU B 66 2.37 -3.46 -43.55
CA LEU B 66 1.73 -2.75 -42.45
C LEU B 66 1.03 -1.50 -43.01
N VAL B 67 -0.21 -1.29 -42.56
CA VAL B 67 -1.04 -0.16 -42.98
C VAL B 67 -0.96 0.96 -41.98
N ILE B 68 -0.77 2.19 -42.50
CA ILE B 68 -0.82 3.46 -41.79
C ILE B 68 -2.24 3.93 -42.16
N PRO B 69 -3.24 3.71 -41.27
CA PRO B 69 -4.63 4.02 -41.63
C PRO B 69 -4.94 5.48 -41.84
N ALA B 70 -4.28 6.37 -41.09
CA ALA B 70 -4.52 7.81 -41.17
C ALA B 70 -3.23 8.66 -41.28
N PRO B 71 -2.51 8.59 -42.42
CA PRO B 71 -1.32 9.46 -42.58
C PRO B 71 -1.74 10.93 -42.55
N ILE B 72 -0.91 11.79 -41.96
CA ILE B 72 -1.19 13.23 -41.85
C ILE B 72 -0.18 14.07 -42.63
N GLN B 73 -0.69 14.96 -43.47
CA GLN B 73 0.17 15.92 -44.12
C GLN B 73 0.28 17.09 -43.12
N GLN B 74 1.51 17.55 -42.84
CA GLN B 74 1.69 18.58 -41.83
C GLN B 74 1.94 19.94 -42.46
N LEU B 75 0.92 20.80 -42.33
CA LEU B 75 0.97 22.15 -42.79
C LEU B 75 1.35 23.04 -41.63
N VAL B 76 2.37 23.85 -41.83
CA VAL B 76 2.91 24.72 -40.80
C VAL B 76 2.80 26.13 -41.30
N THR B 77 2.28 27.00 -40.44
CA THR B 77 2.17 28.40 -40.71
C THR B 77 2.88 29.19 -39.65
N GLY B 78 3.52 30.27 -40.05
CA GLY B 78 4.21 31.16 -39.13
C GLY B 78 5.50 31.74 -39.65
N GLN B 79 6.12 32.55 -38.79
CA GLN B 79 7.39 33.23 -39.04
C GLN B 79 8.08 33.58 -37.72
N SER B 80 9.37 34.00 -37.81
CA SER B 80 10.19 34.46 -36.66
C SER B 80 10.20 33.45 -35.51
N GLY B 81 10.39 32.16 -35.82
CA GLY B 81 10.43 31.08 -34.85
C GLY B 81 9.13 30.71 -34.17
N LEU B 82 8.01 31.32 -34.59
CA LEU B 82 6.67 31.08 -34.03
C LEU B 82 5.79 30.44 -35.08
N PHE B 83 5.35 29.17 -34.85
CA PHE B 83 4.59 28.40 -35.85
C PHE B 83 3.43 27.62 -35.31
N THR B 84 2.39 27.44 -36.14
CA THR B 84 1.22 26.61 -35.84
C THR B 84 1.17 25.49 -36.89
N GLN B 85 1.00 24.29 -36.41
CA GLN B 85 0.97 23.11 -37.23
C GLN B 85 -0.47 22.62 -37.38
N TYR B 86 -0.89 22.46 -38.63
CA TYR B 86 -2.20 21.96 -39.02
C TYR B 86 -2.06 20.60 -39.68
N ASN B 87 -2.92 19.68 -39.31
CA ASN B 87 -2.90 18.32 -39.85
C ASN B 87 -3.96 18.10 -40.89
N ILE B 88 -3.57 17.50 -41.98
CA ILE B 88 -4.50 17.13 -43.04
C ILE B 88 -4.46 15.61 -43.12
N GLN B 89 -5.55 14.92 -42.76
CA GLN B 89 -5.64 13.46 -42.85
C GLN B 89 -5.68 13.02 -44.31
N LYS B 90 -4.81 12.07 -44.71
CA LYS B 90 -4.77 11.57 -46.09
C LYS B 90 -5.33 10.15 -46.11
N LYS B 91 -5.48 9.57 -47.29
CA LYS B 91 -5.96 8.20 -47.41
C LYS B 91 -4.92 7.19 -46.90
N ALA B 92 -5.40 6.04 -46.38
CA ALA B 92 -4.57 4.96 -45.85
C ALA B 92 -3.46 4.55 -46.85
N MET B 93 -2.30 4.15 -46.33
CA MET B 93 -1.20 3.70 -47.17
C MET B 93 -0.36 2.68 -46.45
N THR B 94 0.30 1.81 -47.21
CA THR B 94 1.18 0.79 -46.63
C THR B 94 2.52 1.43 -46.28
N VAL B 95 3.34 0.77 -45.46
CA VAL B 95 4.68 1.25 -45.13
C VAL B 95 5.55 1.28 -46.43
N ARG B 96 5.29 0.36 -47.39
CA ARG B 96 5.97 0.30 -48.69
C ARG B 96 5.73 1.62 -49.47
N GLU B 97 4.45 2.05 -49.54
CA GLU B 97 4.03 3.29 -50.19
C GLU B 97 4.65 4.46 -49.48
N PHE B 98 4.54 4.52 -48.13
CA PHE B 98 5.10 5.60 -47.34
C PHE B 98 6.63 5.74 -47.54
N ARG B 99 7.37 4.61 -47.45
CA ARG B 99 8.84 4.60 -47.62
C ARG B 99 9.29 5.17 -48.98
N LYS B 100 8.56 4.81 -50.07
CA LYS B 100 8.79 5.29 -51.44
C LYS B 100 8.65 6.83 -51.49
N ILE B 101 7.54 7.38 -50.94
CA ILE B 101 7.28 8.82 -50.81
C ILE B 101 8.35 9.51 -49.90
N ALA B 102 8.69 8.90 -48.74
CA ALA B 102 9.72 9.41 -47.84
C ALA B 102 11.11 9.52 -48.50
N ASN B 103 11.48 8.56 -49.36
CA ASN B 103 12.79 8.52 -50.02
C ASN B 103 12.88 9.31 -51.33
N SER B 104 11.71 9.69 -51.89
CA SER B 104 11.59 10.43 -53.16
C SER B 104 12.26 11.80 -53.12
N ASP B 105 12.63 12.30 -54.29
CA ASP B 105 13.27 13.60 -54.52
C ASP B 105 12.52 14.74 -53.90
N LYS B 106 11.18 14.71 -53.98
CA LYS B 106 10.33 15.75 -53.39
C LYS B 106 10.48 15.82 -51.84
N TYR B 107 10.56 14.67 -51.15
CA TYR B 107 10.55 14.63 -49.70
C TYR B 107 11.83 14.16 -48.95
N CYS B 108 12.86 13.68 -49.66
N CYS B 108 12.85 13.66 -49.64
CA CYS B 108 14.08 13.20 -49.01
CA CYS B 108 14.07 13.17 -48.99
C CYS B 108 14.83 14.28 -48.22
C CYS B 108 14.85 14.26 -48.24
N THR B 109 15.62 13.84 -47.23
CA THR B 109 16.48 14.67 -46.38
C THR B 109 17.52 15.44 -47.23
N PRO B 110 17.76 16.74 -46.96
CA PRO B 110 18.81 17.45 -47.71
C PRO B 110 20.20 17.06 -47.22
N ARG B 111 21.23 17.34 -48.03
CA ARG B 111 22.62 17.03 -47.71
C ARG B 111 23.06 17.84 -46.49
N TYR B 112 23.84 17.21 -45.59
CA TYR B 112 24.31 17.86 -44.36
C TYR B 112 25.53 17.21 -43.73
N SER B 113 26.44 18.06 -43.23
CA SER B 113 27.65 17.63 -42.54
C SER B 113 27.30 17.38 -41.07
N GLU B 114 27.14 18.46 -40.26
CA GLU B 114 26.80 18.39 -38.84
C GLU B 114 25.29 18.57 -38.61
N PHE B 115 24.81 18.19 -37.40
CA PHE B 115 23.42 18.29 -36.97
C PHE B 115 22.89 19.75 -37.04
N GLU B 116 23.70 20.71 -36.54
CA GLU B 116 23.36 22.13 -36.51
C GLU B 116 22.98 22.67 -37.90
N GLU B 117 23.61 22.14 -38.97
CA GLU B 117 23.35 22.47 -40.38
C GLU B 117 21.95 21.97 -40.76
N LEU B 118 21.60 20.73 -40.38
CA LEU B 118 20.27 20.16 -40.67
C LEU B 118 19.18 20.88 -39.86
N GLU B 119 19.49 21.21 -38.61
CA GLU B 119 18.61 21.94 -37.68
C GLU B 119 18.25 23.32 -38.24
N ARG B 120 19.24 24.06 -38.77
CA ARG B 120 19.04 25.33 -39.45
C ARG B 120 18.13 25.16 -40.66
N LYS B 121 18.35 24.10 -41.49
CA LYS B 121 17.54 23.82 -42.70
C LYS B 121 16.10 23.51 -42.33
N TYR B 122 15.88 22.89 -41.18
CA TYR B 122 14.57 22.52 -40.68
C TYR B 122 13.79 23.77 -40.29
N TRP B 123 14.37 24.66 -39.47
CA TRP B 123 13.73 25.89 -39.01
C TRP B 123 13.56 26.94 -40.14
N LYS B 124 14.27 26.75 -41.24
CA LYS B 124 14.12 27.64 -42.39
C LYS B 124 13.07 27.09 -43.37
N ASN B 125 12.89 25.76 -43.46
CA ASN B 125 12.02 25.15 -44.48
C ASN B 125 10.78 24.45 -44.00
N LEU B 126 10.49 24.47 -42.69
CA LEU B 126 9.33 23.75 -42.13
C LEU B 126 7.97 24.19 -42.71
N THR B 127 7.86 25.41 -43.24
CA THR B 127 6.59 25.90 -43.80
C THR B 127 6.43 25.59 -45.30
N PHE B 128 7.49 25.06 -45.93
CA PHE B 128 7.45 24.73 -47.34
C PHE B 128 7.36 23.23 -47.56
N ASN B 129 6.80 22.81 -48.70
CA ASN B 129 6.62 21.41 -49.10
C ASN B 129 6.11 20.51 -47.93
N PRO B 130 4.84 20.71 -47.47
CA PRO B 130 4.30 19.90 -46.36
C PRO B 130 4.55 18.36 -46.42
N PRO B 131 5.28 17.82 -45.43
CA PRO B 131 5.58 16.39 -45.46
C PRO B 131 4.41 15.54 -44.95
N ILE B 132 4.55 14.21 -45.05
CA ILE B 132 3.51 13.27 -44.56
C ILE B 132 4.07 12.47 -43.38
N TYR B 133 3.34 12.42 -42.28
CA TYR B 133 3.71 11.74 -41.06
C TYR B 133 2.74 10.58 -40.86
N GLY B 134 3.29 9.39 -40.80
CA GLY B 134 2.54 8.15 -40.55
C GLY B 134 2.43 7.99 -39.05
N ALA B 135 1.82 8.97 -38.39
CA ALA B 135 1.68 9.08 -36.94
C ALA B 135 0.49 8.30 -36.33
N ASP B 136 0.62 7.97 -35.02
CA ASP B 136 -0.39 7.29 -34.20
C ASP B 136 -0.93 5.99 -34.79
N VAL B 137 -0.05 5.13 -35.35
CA VAL B 137 -0.50 3.84 -35.86
C VAL B 137 -0.56 2.90 -34.64
N ASN B 138 -1.73 2.34 -34.36
CA ASN B 138 -1.92 1.36 -33.31
C ASN B 138 -1.16 0.12 -33.69
N GLY B 139 -0.13 -0.19 -32.94
CA GLY B 139 0.66 -1.38 -33.22
C GLY B 139 2.02 -1.43 -32.58
N THR B 140 2.71 -2.55 -32.81
CA THR B 140 4.03 -2.80 -32.24
C THR B 140 4.92 -3.48 -33.23
N LEU B 141 6.22 -3.23 -33.13
CA LEU B 141 7.22 -3.92 -33.95
C LEU B 141 8.03 -4.89 -33.08
N TYR B 142 7.65 -5.02 -31.80
CA TYR B 142 8.30 -5.94 -30.88
C TYR B 142 7.87 -7.39 -31.18
N GLU B 143 8.79 -8.35 -31.00
CA GLU B 143 8.47 -9.78 -31.15
C GLU B 143 7.81 -10.19 -29.82
N LYS B 144 6.79 -11.06 -29.89
CA LYS B 144 5.98 -11.52 -28.74
C LYS B 144 6.78 -11.99 -27.51
N HIS B 145 7.92 -12.67 -27.73
CA HIS B 145 8.78 -13.22 -26.67
C HIS B 145 9.65 -12.20 -25.94
N VAL B 146 9.74 -10.95 -26.45
CA VAL B 146 10.59 -9.92 -25.85
C VAL B 146 10.02 -9.45 -24.49
N ASP B 147 10.67 -9.82 -23.39
CA ASP B 147 10.17 -9.47 -22.07
C ASP B 147 10.76 -8.18 -21.50
N GLU B 148 11.88 -7.73 -22.03
CA GLU B 148 12.58 -6.53 -21.54
C GLU B 148 12.19 -5.29 -22.31
N TRP B 149 11.73 -4.25 -21.56
CA TRP B 149 11.35 -2.92 -22.07
C TRP B 149 10.37 -3.04 -23.24
N ASN B 150 9.41 -3.99 -23.13
CA ASN B 150 8.40 -4.21 -24.16
C ASN B 150 7.33 -3.17 -24.02
N ILE B 151 7.33 -2.18 -24.94
CA ILE B 151 6.44 -1.02 -24.98
C ILE B 151 4.94 -1.44 -25.01
N GLY B 152 4.65 -2.58 -25.65
CA GLY B 152 3.30 -3.15 -25.72
C GLY B 152 2.76 -3.63 -24.39
N ARG B 153 3.66 -3.96 -23.42
CA ARG B 153 3.28 -4.49 -22.10
C ARG B 153 4.30 -4.15 -20.98
N LEU B 154 4.40 -2.86 -20.59
CA LEU B 154 5.36 -2.43 -19.56
C LEU B 154 4.96 -2.79 -18.13
N ARG B 155 3.65 -3.05 -17.89
CA ARG B 155 3.05 -3.48 -16.62
C ARG B 155 3.39 -2.52 -15.45
N THR B 156 3.20 -1.22 -15.68
CA THR B 156 3.40 -0.21 -14.63
C THR B 156 2.01 -0.02 -13.98
N ILE B 157 1.92 0.85 -12.96
CA ILE B 157 0.68 1.15 -12.25
C ILE B 157 -0.32 1.82 -13.16
N LEU B 158 0.10 2.27 -14.38
CA LEU B 158 -0.82 2.83 -15.34
C LEU B 158 -1.87 1.79 -15.70
N ASP B 159 -1.54 0.50 -15.55
CA ASP B 159 -2.46 -0.61 -15.83
C ASP B 159 -3.70 -0.61 -14.94
N LEU B 160 -3.67 0.17 -13.82
CA LEU B 160 -4.79 0.35 -12.88
C LEU B 160 -6.01 0.93 -13.57
N VAL B 161 -5.81 1.82 -14.58
CA VAL B 161 -6.89 2.43 -15.39
C VAL B 161 -7.73 1.30 -16.05
N GLU B 162 -7.05 0.27 -16.59
CA GLU B 162 -7.64 -0.91 -17.25
C GLU B 162 -8.22 -1.85 -16.20
N GLU B 170 -8.47 5.70 -22.45
CA GLU B 170 -8.63 4.31 -22.90
C GLU B 170 -7.42 3.81 -23.71
N GLY B 171 -6.99 4.58 -24.72
CA GLY B 171 -5.84 4.25 -25.56
C GLY B 171 -4.58 4.97 -25.11
N VAL B 172 -4.27 4.89 -23.81
CA VAL B 172 -3.12 5.55 -23.18
C VAL B 172 -2.04 4.53 -22.74
N ASN B 173 -2.47 3.29 -22.59
CA ASN B 173 -1.70 2.14 -22.18
C ASN B 173 -1.27 1.33 -23.39
N THR B 174 -1.70 1.71 -24.61
CA THR B 174 -1.43 0.92 -25.83
C THR B 174 -0.23 1.44 -26.63
N PRO B 175 0.49 0.59 -27.41
CA PRO B 175 1.65 1.13 -28.17
C PRO B 175 1.25 1.83 -29.47
N TYR B 176 2.01 2.86 -29.87
CA TYR B 176 1.78 3.59 -31.11
C TYR B 176 3.03 3.64 -31.92
N LEU B 177 2.88 3.52 -33.23
CA LEU B 177 3.96 3.60 -34.20
C LEU B 177 3.89 4.94 -34.91
N TYR B 178 5.06 5.47 -35.24
CA TYR B 178 5.27 6.76 -35.93
C TYR B 178 6.27 6.55 -37.05
N PHE B 179 5.80 6.63 -38.27
CA PHE B 179 6.64 6.49 -39.43
C PHE B 179 6.93 7.90 -39.92
N GLY B 180 8.17 8.33 -39.71
CA GLY B 180 8.52 9.69 -40.07
C GLY B 180 9.23 9.82 -41.39
N MET B 181 9.31 11.04 -41.87
CA MET B 181 10.08 11.45 -43.03
C MET B 181 10.70 12.74 -42.67
N TRP B 182 11.58 13.24 -43.51
CA TRP B 182 12.26 14.48 -43.25
C TRP B 182 11.26 15.58 -43.01
N LYS B 183 11.49 16.35 -41.91
CA LYS B 183 10.75 17.56 -41.56
C LYS B 183 9.40 17.27 -40.87
N THR B 184 9.08 15.97 -40.60
CA THR B 184 7.86 15.68 -39.84
C THR B 184 8.16 16.09 -38.41
N SER B 185 7.19 16.69 -37.75
CA SER B 185 7.41 17.23 -36.41
C SER B 185 6.40 16.90 -35.35
N PHE B 186 6.84 17.06 -34.12
CA PHE B 186 5.96 16.98 -32.99
C PHE B 186 6.10 18.33 -32.28
N ALA B 187 4.97 18.97 -32.04
CA ALA B 187 4.91 20.28 -31.40
C ALA B 187 5.12 20.22 -29.89
N TRP B 188 5.40 21.36 -29.29
CA TRP B 188 5.64 21.41 -27.85
C TRP B 188 4.42 20.93 -27.09
N HIS B 189 4.64 19.97 -26.20
CA HIS B 189 3.61 19.39 -25.39
C HIS B 189 4.15 18.59 -24.24
N THR B 190 3.26 18.31 -23.31
CA THR B 190 3.49 17.40 -22.20
C THR B 190 2.55 16.19 -22.49
N GLU B 191 2.80 15.06 -21.86
CA GLU B 191 1.96 13.90 -22.15
C GLU B 191 0.55 14.09 -21.62
N ASP B 192 -0.41 13.35 -22.17
CA ASP B 192 -1.78 13.39 -21.66
C ASP B 192 -1.71 13.03 -20.18
N MET B 193 -2.45 13.79 -19.34
CA MET B 193 -2.50 13.61 -17.88
C MET B 193 -1.12 13.86 -17.21
N ASP B 194 -0.17 14.45 -17.97
CA ASP B 194 1.22 14.72 -17.55
C ASP B 194 1.93 13.40 -17.14
N LEU B 195 1.65 12.33 -17.91
CA LEU B 195 2.20 11.00 -17.70
C LEU B 195 3.66 10.91 -18.19
N TYR B 196 4.30 9.79 -17.94
CA TYR B 196 5.64 9.55 -18.51
C TYR B 196 5.37 8.98 -19.93
N SER B 197 6.40 8.99 -20.77
CA SER B 197 6.37 8.34 -22.05
C SER B 197 7.72 7.71 -22.32
N ILE B 198 7.68 6.67 -23.12
CA ILE B 198 8.80 5.90 -23.60
C ILE B 198 8.66 5.91 -25.13
N ASN B 199 9.80 6.06 -25.84
CA ASN B 199 9.89 6.13 -27.27
C ASN B 199 11.11 5.37 -27.65
N TYR B 200 10.94 4.36 -28.50
CA TYR B 200 12.03 3.58 -29.03
C TYR B 200 12.12 3.82 -30.52
N LEU B 201 13.32 4.16 -31.00
CA LEU B 201 13.58 4.34 -32.40
C LEU B 201 14.04 2.99 -33.00
N HIS B 202 13.12 2.31 -33.69
CA HIS B 202 13.34 0.98 -34.26
C HIS B 202 14.39 0.95 -35.34
N PHE B 203 14.32 1.87 -36.30
CA PHE B 203 15.24 1.89 -37.42
C PHE B 203 15.14 3.24 -38.11
N GLY B 204 16.07 3.47 -39.02
CA GLY B 204 16.06 4.65 -39.87
C GLY B 204 16.85 5.83 -39.39
N GLU B 205 16.51 6.99 -39.96
CA GLU B 205 17.15 8.27 -39.70
C GLU B 205 16.86 8.79 -38.29
N PRO B 206 17.74 9.67 -37.73
CA PRO B 206 17.50 10.17 -36.37
C PRO B 206 16.24 11.01 -36.16
N LYS B 207 15.92 11.22 -34.86
CA LYS B 207 14.81 12.04 -34.36
C LYS B 207 15.46 13.04 -33.39
N SER B 208 15.35 14.35 -33.68
CA SER B 208 15.87 15.40 -32.79
C SER B 208 14.80 15.88 -31.86
N TRP B 209 15.18 16.11 -30.57
CA TRP B 209 14.32 16.52 -29.47
C TRP B 209 14.83 17.78 -28.84
N TYR B 210 13.86 18.55 -28.37
CA TYR B 210 14.01 19.77 -27.58
C TYR B 210 13.22 19.51 -26.32
N SER B 211 13.73 19.95 -25.19
CA SER B 211 13.12 19.74 -23.88
C SER B 211 13.30 20.94 -22.99
N VAL B 212 12.28 21.20 -22.18
CA VAL B 212 12.26 22.25 -21.19
C VAL B 212 12.12 21.51 -19.85
N PRO B 213 13.04 21.71 -18.88
CA PRO B 213 12.90 21.04 -17.58
C PRO B 213 11.52 21.29 -16.92
N PRO B 214 10.86 20.27 -16.31
CA PRO B 214 9.56 20.51 -15.65
C PRO B 214 9.52 21.70 -14.70
N GLU B 215 10.58 21.99 -13.95
CA GLU B 215 10.63 23.17 -13.06
C GLU B 215 10.50 24.54 -13.79
N HIS B 216 10.69 24.53 -15.13
CA HIS B 216 10.60 25.72 -15.96
C HIS B 216 9.42 25.70 -16.94
N GLY B 217 8.59 24.67 -16.85
CA GLY B 217 7.43 24.44 -17.70
C GLY B 217 6.43 25.57 -17.79
N LYS B 218 6.18 26.23 -16.64
CA LYS B 218 5.27 27.36 -16.51
C LYS B 218 5.76 28.60 -17.28
N ARG B 219 7.08 28.77 -17.38
CA ARG B 219 7.70 29.86 -18.15
C ARG B 219 7.49 29.68 -19.66
N LEU B 220 7.54 28.44 -20.14
CA LEU B 220 7.24 28.14 -21.53
C LEU B 220 5.76 28.44 -21.80
N GLU B 221 4.88 28.00 -20.86
CA GLU B 221 3.43 28.27 -20.95
C GLU B 221 3.11 29.76 -21.02
N ARG B 222 3.77 30.58 -20.16
CA ARG B 222 3.58 32.04 -20.12
C ARG B 222 4.01 32.67 -21.44
N LEU B 223 5.19 32.32 -21.93
CA LEU B 223 5.68 32.74 -23.22
C LEU B 223 4.67 32.34 -24.34
N ALA B 224 4.21 31.07 -24.38
CA ALA B 224 3.23 30.67 -25.41
C ALA B 224 1.90 31.44 -25.31
N LYS B 225 1.38 31.66 -24.06
CA LYS B 225 0.16 32.43 -23.78
C LYS B 225 0.31 33.88 -24.29
N GLY B 226 1.50 34.44 -24.11
CA GLY B 226 1.83 35.78 -24.57
C GLY B 226 1.71 35.95 -26.07
N PHE B 227 2.18 34.92 -26.84
CA PHE B 227 2.17 34.86 -28.31
C PHE B 227 0.83 34.50 -28.92
N PHE B 228 0.10 33.55 -28.32
CA PHE B 228 -1.21 33.13 -28.83
C PHE B 228 -2.29 33.42 -27.77
N PRO B 229 -2.73 34.70 -27.63
CA PRO B 229 -3.75 35.01 -26.61
C PRO B 229 -5.16 34.59 -27.02
N GLY B 230 -5.38 34.37 -28.31
CA GLY B 230 -6.65 33.93 -28.87
C GLY B 230 -6.95 32.50 -28.51
N SER B 231 -5.92 31.63 -28.69
CA SER B 231 -5.90 30.20 -28.38
C SER B 231 -6.02 30.00 -26.86
N ALA B 232 -5.26 30.82 -26.08
CA ALA B 232 -5.26 30.82 -24.61
C ALA B 232 -6.64 31.17 -24.03
N GLN B 233 -7.37 32.11 -24.68
CA GLN B 233 -8.73 32.49 -24.26
C GLN B 233 -9.75 31.36 -24.49
N SER B 234 -9.63 30.65 -25.63
CA SER B 234 -10.51 29.54 -26.02
C SER B 234 -10.31 28.25 -25.19
N CYS B 235 -9.05 27.94 -24.80
CA CYS B 235 -8.68 26.73 -24.06
C CYS B 235 -7.69 27.07 -22.95
N GLU B 236 -7.88 26.49 -21.75
CA GLU B 236 -7.01 26.64 -20.58
C GLU B 236 -5.62 26.04 -20.88
N ALA B 237 -5.59 24.94 -21.66
CA ALA B 237 -4.38 24.21 -22.05
C ALA B 237 -4.29 24.00 -23.60
N PHE B 238 -4.20 25.10 -24.37
CA PHE B 238 -4.09 25.03 -25.83
C PHE B 238 -2.85 24.25 -26.31
N LEU B 239 -1.74 24.23 -25.51
CA LEU B 239 -0.53 23.47 -25.87
C LEU B 239 -0.81 21.93 -25.98
N ARG B 240 -1.90 21.47 -25.33
CA ARG B 240 -2.37 20.08 -25.39
C ARG B 240 -2.90 19.72 -26.78
N HIS B 241 -3.28 20.74 -27.59
CA HIS B 241 -3.71 20.53 -28.99
C HIS B 241 -2.52 20.04 -29.81
N LYS B 242 -1.26 20.25 -29.32
CA LYS B 242 -0.01 19.87 -29.97
C LYS B 242 0.12 20.52 -31.37
N MET B 243 -0.09 21.84 -31.44
CA MET B 243 -0.01 22.60 -32.70
C MET B 243 1.06 23.71 -32.64
N THR B 244 1.61 24.00 -31.47
CA THR B 244 2.54 25.12 -31.33
C THR B 244 4.01 24.73 -31.52
N LEU B 245 4.67 25.29 -32.54
CA LEU B 245 6.11 25.08 -32.80
C LEU B 245 6.85 26.36 -32.45
N ILE B 246 7.83 26.25 -31.52
CA ILE B 246 8.65 27.38 -31.06
C ILE B 246 10.12 26.98 -31.27
N SER B 247 10.82 27.69 -32.14
CA SER B 247 12.21 27.40 -32.44
C SER B 247 13.15 27.61 -31.22
N PRO B 248 14.29 26.86 -31.14
CA PRO B 248 15.26 27.09 -30.04
C PRO B 248 15.76 28.53 -29.93
N LEU B 249 15.90 29.24 -31.06
CA LEU B 249 16.35 30.62 -31.14
C LEU B 249 15.34 31.57 -30.45
N MET B 250 14.05 31.27 -30.60
CA MET B 250 12.95 32.01 -29.99
C MET B 250 12.96 31.79 -28.49
N LEU B 251 13.30 30.59 -28.04
CA LEU B 251 13.38 30.22 -26.62
C LEU B 251 14.59 30.90 -25.97
N LYS B 252 15.73 30.89 -26.66
CA LYS B 252 16.98 31.53 -26.25
C LYS B 252 16.79 33.06 -26.12
N LYS B 253 16.08 33.67 -27.09
CA LYS B 253 15.77 35.11 -27.14
C LYS B 253 14.99 35.58 -25.88
N TYR B 254 14.04 34.77 -25.39
CA TYR B 254 13.22 35.04 -24.22
C TYR B 254 13.73 34.40 -22.96
N GLY B 255 14.92 33.78 -23.03
CA GLY B 255 15.58 33.21 -21.86
C GLY B 255 14.91 32.00 -21.24
N ILE B 256 14.21 31.20 -22.05
CA ILE B 256 13.62 29.96 -21.58
C ILE B 256 14.71 28.87 -21.62
N PRO B 257 14.97 28.18 -20.47
CA PRO B 257 15.97 27.10 -20.47
C PRO B 257 15.43 25.85 -21.16
N PHE B 258 16.27 25.29 -22.00
CA PHE B 258 15.94 24.09 -22.75
C PHE B 258 17.23 23.35 -23.06
N ASP B 259 17.09 22.11 -23.45
CA ASP B 259 18.20 21.32 -23.91
C ASP B 259 17.75 20.60 -25.18
N LYS B 260 18.70 20.08 -25.92
CA LYS B 260 18.42 19.32 -27.11
C LYS B 260 19.22 18.04 -27.15
N VAL B 261 18.71 17.05 -27.90
CA VAL B 261 19.33 15.73 -28.06
C VAL B 261 18.84 15.05 -29.33
N THR B 262 19.72 14.31 -29.94
CA THR B 262 19.43 13.50 -31.11
C THR B 262 19.37 12.03 -30.71
N GLN B 263 18.27 11.40 -31.02
CA GLN B 263 18.03 9.98 -30.78
C GLN B 263 18.31 9.24 -32.09
N GLU B 264 19.16 8.24 -32.01
CA GLU B 264 19.53 7.42 -33.15
C GLU B 264 18.86 6.05 -33.02
N ALA B 265 18.79 5.31 -34.14
CA ALA B 265 18.14 3.99 -34.20
C ALA B 265 18.72 3.07 -33.12
N GLY B 266 17.83 2.37 -32.43
CA GLY B 266 18.16 1.49 -31.33
C GLY B 266 18.26 2.14 -29.97
N GLU B 267 17.84 3.41 -29.83
CA GLU B 267 17.90 4.09 -28.51
C GLU B 267 16.51 4.45 -28.02
N PHE B 268 16.33 4.43 -26.68
CA PHE B 268 15.10 4.85 -26.01
C PHE B 268 15.23 6.29 -25.54
N MET B 269 14.11 7.02 -25.59
CA MET B 269 13.92 8.33 -25.04
C MET B 269 12.85 8.18 -23.99
N ILE B 270 13.09 8.75 -22.81
CA ILE B 270 12.12 8.77 -21.71
C ILE B 270 11.70 10.20 -21.43
N THR B 271 10.37 10.48 -21.43
CA THR B 271 9.85 11.78 -21.02
C THR B 271 9.25 11.65 -19.66
N PHE B 272 9.45 12.65 -18.81
CA PHE B 272 8.98 12.66 -17.43
C PHE B 272 7.75 13.53 -17.24
N PRO B 273 6.95 13.28 -16.18
CA PRO B 273 5.76 14.12 -15.95
C PRO B 273 6.02 15.62 -16.02
N TYR B 274 5.19 16.31 -16.82
CA TYR B 274 5.22 17.76 -17.03
C TYR B 274 6.51 18.28 -17.76
N GLY B 275 7.22 17.37 -18.43
CA GLY B 275 8.38 17.73 -19.25
C GLY B 275 7.91 18.07 -20.66
N TYR B 276 7.94 19.35 -21.04
CA TYR B 276 7.61 19.80 -22.39
C TYR B 276 8.69 19.39 -23.34
N HIS B 277 8.29 18.78 -24.47
CA HIS B 277 9.18 18.32 -25.51
C HIS B 277 8.57 18.59 -26.89
N ALA B 278 9.43 18.75 -27.88
CA ALA B 278 9.15 18.94 -29.30
C ALA B 278 10.33 18.35 -30.10
N GLY B 279 10.16 18.29 -31.41
CA GLY B 279 11.26 17.83 -32.24
C GLY B 279 10.87 17.48 -33.64
N PHE B 280 11.79 16.87 -34.34
CA PHE B 280 11.55 16.52 -35.74
C PHE B 280 12.34 15.30 -36.16
N ASN B 281 11.92 14.70 -37.27
CA ASN B 281 12.55 13.54 -37.89
C ASN B 281 13.53 13.98 -38.96
N HIS B 282 14.71 13.31 -39.03
CA HIS B 282 15.75 13.62 -40.04
C HIS B 282 15.45 12.98 -41.38
N GLY B 283 14.55 12.02 -41.42
CA GLY B 283 14.20 11.29 -42.61
C GLY B 283 13.36 10.10 -42.26
N PHE B 284 13.26 9.16 -43.19
CA PHE B 284 12.51 7.93 -43.01
C PHE B 284 12.97 7.13 -41.77
N ASN B 285 12.04 6.86 -40.88
CA ASN B 285 12.29 6.10 -39.66
C ASN B 285 11.01 5.59 -39.09
N CYS B 286 11.11 4.83 -37.99
CA CYS B 286 9.99 4.31 -37.26
C CYS B 286 10.26 4.29 -35.75
N ALA B 287 9.39 4.97 -34.98
CA ALA B 287 9.46 5.01 -33.52
C ALA B 287 8.22 4.36 -32.92
N GLU B 288 8.39 3.65 -31.79
CA GLU B 288 7.30 3.02 -31.07
C GLU B 288 7.22 3.73 -29.75
N SER B 289 6.00 4.01 -29.30
CA SER B 289 5.79 4.80 -28.12
C SER B 289 4.55 4.41 -27.32
N THR B 290 4.59 4.72 -26.01
CA THR B 290 3.49 4.58 -25.07
C THR B 290 3.73 5.46 -23.86
N ASN B 291 2.70 5.53 -23.03
CA ASN B 291 2.70 6.24 -21.78
C ASN B 291 2.87 5.25 -20.69
N PHE B 292 3.38 5.70 -19.55
CA PHE B 292 3.52 4.86 -18.39
C PHE B 292 3.52 5.73 -17.15
N ALA B 293 3.45 5.08 -15.99
CA ALA B 293 3.38 5.81 -14.73
C ALA B 293 4.26 5.17 -13.64
N THR B 294 4.68 5.99 -12.68
CA THR B 294 5.34 5.55 -11.46
C THR B 294 4.46 6.19 -10.38
N ARG B 295 4.71 5.90 -9.11
CA ARG B 295 3.94 6.47 -8.00
C ARG B 295 4.04 8.01 -7.91
N ARG B 296 5.17 8.60 -8.34
CA ARG B 296 5.41 10.04 -8.38
C ARG B 296 4.39 10.74 -9.37
N TRP B 297 3.99 10.06 -10.45
CA TRP B 297 3.04 10.63 -11.38
C TRP B 297 1.63 10.97 -10.77
N ILE B 298 1.17 10.22 -9.73
CA ILE B 298 -0.19 10.39 -9.21
C ILE B 298 -0.52 11.83 -8.89
N GLU B 299 0.38 12.55 -8.17
CA GLU B 299 0.20 13.94 -7.86
C GLU B 299 0.01 14.79 -9.10
N TYR B 300 0.86 14.54 -10.14
CA TYR B 300 0.82 15.20 -11.46
C TYR B 300 -0.53 14.91 -12.18
N GLY B 301 -1.01 13.68 -12.12
CA GLY B 301 -2.30 13.36 -12.71
C GLY B 301 -3.44 14.10 -12.02
N LYS B 302 -3.33 14.28 -10.69
CA LYS B 302 -4.35 15.00 -9.87
C LYS B 302 -4.38 16.51 -10.17
N GLN B 303 -3.21 17.10 -10.45
CA GLN B 303 -3.06 18.54 -10.66
C GLN B 303 -2.96 18.97 -12.12
N ALA B 304 -3.10 18.02 -13.09
CA ALA B 304 -2.96 18.33 -14.52
C ALA B 304 -4.03 19.26 -15.07
N VAL B 305 -3.61 20.30 -15.82
CA VAL B 305 -4.55 21.23 -16.46
C VAL B 305 -4.97 20.52 -17.75
N LEU B 306 -6.28 20.32 -17.97
CA LEU B 306 -6.75 19.56 -19.13
C LEU B 306 -7.38 20.42 -20.19
N CYS B 307 -7.36 19.94 -21.47
CA CYS B 307 -7.97 20.66 -22.58
C CYS B 307 -9.48 20.70 -22.34
N SER B 308 -10.02 21.91 -22.23
CA SER B 308 -11.41 22.21 -21.96
C SER B 308 -12.32 22.20 -23.21
N CYS B 309 -11.82 22.75 -24.33
CA CYS B 309 -12.57 22.89 -25.59
C CYS B 309 -12.88 21.57 -26.32
N ARG B 310 -11.97 20.57 -26.21
CA ARG B 310 -12.14 19.27 -26.88
C ARG B 310 -12.16 18.12 -25.88
N MET B 313 -10.71 14.60 -25.92
CA MET B 313 -9.45 14.71 -25.20
C MET B 313 -9.25 13.54 -24.20
N VAL B 314 -7.99 13.02 -24.10
CA VAL B 314 -7.60 11.89 -23.22
C VAL B 314 -7.65 12.30 -21.73
N LYS B 315 -8.69 11.83 -21.02
CA LYS B 315 -8.91 12.09 -19.61
C LYS B 315 -8.92 10.79 -18.80
N ILE B 316 -8.18 10.76 -17.68
CA ILE B 316 -8.14 9.60 -16.79
C ILE B 316 -8.76 10.04 -15.44
N SER B 317 -9.61 9.18 -14.87
CA SER B 317 -10.17 9.43 -13.55
C SER B 317 -9.08 9.00 -12.55
N MET B 318 -8.66 9.94 -11.71
CA MET B 318 -7.61 9.69 -10.72
C MET B 318 -8.11 8.94 -9.50
N ASP B 319 -9.45 8.87 -9.32
CA ASP B 319 -10.10 8.22 -8.18
C ASP B 319 -9.48 6.88 -7.77
N VAL B 320 -9.28 5.96 -8.73
CA VAL B 320 -8.70 4.62 -8.49
C VAL B 320 -7.28 4.69 -7.92
N PHE B 321 -6.41 5.62 -8.40
CA PHE B 321 -5.04 5.81 -7.92
C PHE B 321 -5.00 6.44 -6.54
N VAL B 322 -5.94 7.36 -6.27
CA VAL B 322 -6.07 8.06 -4.99
C VAL B 322 -6.55 7.09 -3.93
N ARG B 323 -7.41 6.14 -4.29
CA ARG B 323 -7.89 5.14 -3.34
C ARG B 323 -6.78 4.18 -2.96
N LYS B 324 -6.08 3.62 -3.96
CA LYS B 324 -5.02 2.66 -3.77
C LYS B 324 -3.76 3.21 -3.10
N PHE B 325 -3.29 4.39 -3.54
CA PHE B 325 -1.99 4.92 -3.07
C PHE B 325 -2.04 6.01 -2.01
N GLN B 326 -3.17 6.72 -1.91
CA GLN B 326 -3.33 7.79 -0.94
C GLN B 326 -4.68 7.64 -0.25
N PRO B 327 -5.09 6.46 0.29
CA PRO B 327 -6.42 6.38 0.93
C PRO B 327 -6.68 7.38 2.06
N GLU B 328 -5.61 7.86 2.72
CA GLU B 328 -5.70 8.80 3.85
C GLU B 328 -6.04 10.22 3.39
N ARG B 329 -5.86 10.51 2.10
CA ARG B 329 -6.12 11.83 1.48
C ARG B 329 -7.35 11.79 0.58
N TYR B 330 -8.05 10.63 0.54
CA TYR B 330 -9.17 10.41 -0.37
C TYR B 330 -10.35 11.39 -0.14
N LYS B 331 -10.86 11.49 1.10
CA LYS B 331 -11.96 12.39 1.47
C LYS B 331 -11.54 13.83 1.22
N LEU B 332 -10.31 14.21 1.61
CA LEU B 332 -9.74 15.55 1.43
C LEU B 332 -9.68 15.98 -0.04
N TRP B 333 -9.26 15.06 -0.94
CA TRP B 333 -9.14 15.27 -2.39
C TRP B 333 -10.52 15.37 -3.06
N LYS B 334 -11.45 14.48 -2.68
CA LYS B 334 -12.83 14.47 -3.18
C LYS B 334 -13.53 15.78 -2.80
N ALA B 335 -13.19 16.35 -1.60
CA ALA B 335 -13.70 17.64 -1.11
C ALA B 335 -13.07 18.82 -1.88
N GLY B 336 -11.91 18.59 -2.47
CA GLY B 336 -11.18 19.60 -3.24
C GLY B 336 -10.21 20.40 -2.40
N LYS B 337 -10.01 19.99 -1.13
CA LYS B 337 -9.14 20.62 -0.15
C LYS B 337 -7.69 20.06 -0.15
N ASP B 338 -7.30 19.30 -1.19
CA ASP B 338 -5.93 18.80 -1.27
C ASP B 338 -4.99 19.85 -1.91
N ASN B 339 -4.28 20.59 -1.03
CA ASN B 339 -3.39 21.70 -1.34
C ASN B 339 -1.89 21.32 -1.50
N THR B 340 -1.62 20.06 -1.89
CA THR B 340 -0.28 19.54 -2.11
C THR B 340 0.45 20.31 -3.24
N VAL B 341 1.71 20.68 -3.00
CA VAL B 341 2.53 21.40 -3.95
C VAL B 341 3.59 20.43 -4.47
N ILE B 342 3.65 20.24 -5.79
CA ILE B 342 4.62 19.36 -6.42
C ILE B 342 6.01 19.99 -6.46
N ASP B 343 6.99 19.26 -5.90
CA ASP B 343 8.40 19.60 -6.01
C ASP B 343 8.89 18.77 -7.21
N HIS B 344 9.13 19.45 -8.34
CA HIS B 344 9.61 18.84 -9.59
C HIS B 344 10.99 18.17 -9.48
N THR B 345 11.76 18.46 -8.43
CA THR B 345 13.13 17.92 -8.34
C THR B 345 13.19 16.60 -7.55
N LEU B 346 12.12 16.27 -6.83
CA LEU B 346 12.06 15.08 -6.00
C LEU B 346 11.95 13.77 -6.83
N PRO B 347 12.77 12.72 -6.52
CA PRO B 347 12.66 11.45 -7.28
C PRO B 347 11.48 10.58 -6.81
N THR B 348 11.08 9.58 -7.62
CA THR B 348 9.95 8.69 -7.32
C THR B 348 10.21 7.89 -6.02
N PRO B 349 9.21 7.59 -5.15
CA PRO B 349 9.52 6.83 -3.90
C PRO B 349 10.25 5.49 -4.11
N GLU B 350 10.06 4.84 -5.29
CA GLU B 350 10.69 3.57 -5.72
C GLU B 350 12.23 3.71 -5.82
N ALA B 351 12.76 4.97 -5.86
CA ALA B 351 14.17 5.33 -5.96
C ALA B 351 14.94 5.30 -4.63
N ALA B 352 14.21 5.13 -3.51
CA ALA B 352 14.77 5.09 -2.15
C ALA B 352 15.99 4.16 -2.04
N GLU B 353 15.86 2.91 -2.55
CA GLU B 353 16.89 1.86 -2.55
C GLU B 353 18.23 2.26 -3.21
N PHE B 354 18.17 3.18 -4.18
CA PHE B 354 19.31 3.69 -4.92
C PHE B 354 19.88 5.01 -4.33
N LEU B 355 19.24 5.51 -3.23
CA LEU B 355 19.62 6.75 -2.56
C LEU B 355 20.40 6.50 -1.30
N SER C 12 -30.07 -33.42 -37.20
CA SER C 12 -29.62 -34.05 -35.95
C SER C 12 -28.68 -33.18 -35.11
N ALA C 13 -27.69 -32.47 -35.76
CA ALA C 13 -26.66 -31.61 -35.12
C ALA C 13 -25.82 -32.35 -34.04
N ARG C 14 -25.51 -33.63 -34.30
CA ARG C 14 -24.70 -34.54 -33.46
C ARG C 14 -23.22 -34.23 -33.72
N ILE C 15 -22.35 -34.41 -32.71
CA ILE C 15 -20.90 -34.18 -32.87
C ILE C 15 -20.29 -35.24 -33.81
N MET C 16 -19.58 -34.79 -34.85
CA MET C 16 -18.98 -35.69 -35.82
C MET C 16 -17.49 -35.85 -35.58
N THR C 17 -16.95 -37.06 -35.84
CA THR C 17 -15.54 -37.42 -35.73
C THR C 17 -15.01 -37.66 -37.13
N PHE C 18 -13.79 -37.18 -37.40
CA PHE C 18 -13.10 -37.27 -38.68
C PHE C 18 -11.75 -37.87 -38.52
N TYR C 19 -11.41 -38.79 -39.42
CA TYR C 19 -10.13 -39.53 -39.45
C TYR C 19 -9.38 -39.22 -40.76
N PRO C 20 -8.78 -38.01 -40.90
CA PRO C 20 -8.09 -37.67 -42.17
C PRO C 20 -6.84 -38.51 -42.46
N THR C 21 -6.53 -38.67 -43.74
CA THR C 21 -5.32 -39.41 -44.14
C THR C 21 -4.14 -38.44 -43.97
N MET C 22 -2.89 -38.91 -44.15
CA MET C 22 -1.74 -38.03 -44.03
C MET C 22 -1.76 -36.91 -45.11
N GLU C 23 -2.27 -37.23 -46.33
CA GLU C 23 -2.41 -36.27 -47.43
C GLU C 23 -3.58 -35.31 -47.19
N GLU C 24 -4.67 -35.79 -46.56
CA GLU C 24 -5.84 -34.95 -46.22
C GLU C 24 -5.48 -33.95 -45.11
N PHE C 25 -4.64 -34.41 -44.16
CA PHE C 25 -4.16 -33.71 -42.99
C PHE C 25 -3.18 -32.57 -43.28
N ARG C 26 -2.54 -32.54 -44.47
CA ARG C 26 -1.56 -31.51 -44.78
C ARG C 26 -2.18 -30.10 -44.91
N ASN C 27 -3.29 -29.94 -45.64
CA ASN C 27 -3.89 -28.61 -45.73
C ASN C 27 -4.99 -28.45 -44.66
N PHE C 28 -4.65 -27.68 -43.60
CA PHE C 28 -5.53 -27.40 -42.45
C PHE C 28 -6.81 -26.68 -42.87
N SER C 29 -6.69 -25.46 -43.43
CA SER C 29 -7.84 -24.63 -43.88
C SER C 29 -8.76 -25.36 -44.87
N ARG C 30 -8.19 -26.24 -45.72
CA ARG C 30 -8.93 -27.04 -46.69
C ARG C 30 -9.71 -28.14 -45.97
N TYR C 31 -9.10 -28.71 -44.90
CA TYR C 31 -9.77 -29.77 -44.14
C TYR C 31 -10.92 -29.21 -43.29
N ILE C 32 -10.80 -27.93 -42.83
CA ILE C 32 -11.86 -27.24 -42.11
C ILE C 32 -13.05 -27.04 -43.09
N ALA C 33 -12.75 -26.61 -44.33
CA ALA C 33 -13.71 -26.46 -45.43
C ALA C 33 -14.39 -27.81 -45.75
N TYR C 34 -13.63 -28.94 -45.74
CA TYR C 34 -14.20 -30.28 -45.97
C TYR C 34 -15.19 -30.71 -44.88
N ILE C 35 -14.84 -30.50 -43.58
CA ILE C 35 -15.72 -30.94 -42.48
C ILE C 35 -17.00 -30.07 -42.43
N GLU C 36 -16.97 -28.81 -42.92
CA GLU C 36 -18.15 -27.96 -42.97
C GLU C 36 -19.11 -28.43 -44.05
N SER C 37 -18.59 -28.93 -45.19
CA SER C 37 -19.39 -29.46 -46.30
C SER C 37 -19.98 -30.80 -45.92
N GLN C 38 -19.51 -31.37 -44.79
CA GLN C 38 -19.98 -32.63 -44.20
C GLN C 38 -21.04 -32.36 -43.13
N GLY C 39 -21.16 -31.10 -42.73
CA GLY C 39 -22.12 -30.63 -41.75
C GLY C 39 -21.59 -30.57 -40.33
N ALA C 40 -20.25 -30.62 -40.15
CA ALA C 40 -19.63 -30.58 -38.83
C ALA C 40 -19.98 -29.32 -38.01
N HIS C 41 -20.11 -28.15 -38.67
CA HIS C 41 -20.38 -26.88 -38.00
C HIS C 41 -21.73 -26.83 -37.29
N ARG C 42 -22.71 -27.59 -37.78
CA ARG C 42 -24.08 -27.63 -37.25
C ARG C 42 -24.14 -27.97 -35.76
N ALA C 43 -23.28 -28.90 -35.28
CA ALA C 43 -23.16 -29.30 -33.89
C ALA C 43 -22.39 -28.24 -33.05
N GLY C 44 -21.52 -27.46 -33.69
CA GLY C 44 -20.72 -26.42 -33.03
C GLY C 44 -19.38 -26.89 -32.52
N LEU C 45 -19.19 -28.21 -32.55
CA LEU C 45 -18.04 -28.95 -32.08
C LEU C 45 -17.81 -30.14 -33.00
N ALA C 46 -16.53 -30.42 -33.33
CA ALA C 46 -16.18 -31.59 -34.14
C ALA C 46 -14.88 -32.20 -33.68
N LYS C 47 -14.77 -33.55 -33.72
CA LYS C 47 -13.54 -34.24 -33.36
C LYS C 47 -12.73 -34.65 -34.61
N VAL C 48 -11.41 -34.41 -34.58
CA VAL C 48 -10.48 -34.79 -35.63
C VAL C 48 -9.42 -35.70 -35.00
N VAL C 49 -9.38 -36.96 -35.46
CA VAL C 49 -8.39 -37.96 -35.04
C VAL C 49 -7.27 -37.88 -36.09
N PRO C 50 -6.07 -37.39 -35.75
CA PRO C 50 -5.00 -37.27 -36.75
C PRO C 50 -4.44 -38.61 -37.25
N PRO C 51 -3.69 -38.65 -38.39
CA PRO C 51 -3.08 -39.91 -38.83
C PRO C 51 -2.16 -40.46 -37.73
N LYS C 52 -2.16 -41.80 -37.53
CA LYS C 52 -1.35 -42.49 -36.53
C LYS C 52 0.15 -42.22 -36.67
N GLU C 53 0.64 -42.03 -37.91
CA GLU C 53 2.05 -41.73 -38.18
C GLU C 53 2.47 -40.29 -37.78
N TRP C 54 1.50 -39.46 -37.35
CA TRP C 54 1.72 -38.07 -36.96
C TRP C 54 1.86 -37.91 -35.45
N LYS C 55 2.89 -37.14 -35.03
CA LYS C 55 3.21 -36.83 -33.63
C LYS C 55 3.80 -35.40 -33.52
N PRO C 56 3.23 -34.50 -32.69
CA PRO C 56 3.77 -33.12 -32.61
C PRO C 56 5.07 -32.93 -31.79
N ARG C 57 5.43 -33.96 -30.99
CA ARG C 57 6.60 -34.00 -30.09
C ARG C 57 6.92 -35.47 -29.79
N ALA C 58 8.24 -35.81 -29.77
CA ALA C 58 8.74 -37.16 -29.51
C ALA C 58 8.56 -37.64 -28.05
N SER C 59 8.64 -36.70 -27.07
CA SER C 59 8.53 -37.03 -25.64
C SER C 59 7.90 -35.88 -24.84
N TYR C 60 7.30 -36.19 -23.68
CA TYR C 60 6.77 -35.18 -22.79
C TYR C 60 7.49 -35.20 -21.40
N ASP C 61 8.51 -36.07 -21.22
CA ASP C 61 9.28 -36.23 -19.97
C ASP C 61 10.31 -35.11 -19.69
N ASP C 62 10.33 -34.05 -20.51
CA ASP C 62 11.27 -32.93 -20.41
C ASP C 62 10.61 -31.59 -20.05
N ILE C 63 9.35 -31.57 -19.62
CA ILE C 63 8.66 -30.32 -19.31
C ILE C 63 8.35 -30.12 -17.79
N ASP C 64 8.99 -30.90 -16.90
CA ASP C 64 8.77 -30.82 -15.44
C ASP C 64 9.00 -29.43 -14.84
N ASP C 65 10.03 -28.72 -15.34
CA ASP C 65 10.40 -27.39 -14.85
C ASP C 65 9.66 -26.26 -15.54
N LEU C 66 8.82 -26.57 -16.55
CA LEU C 66 8.01 -25.57 -17.25
C LEU C 66 7.10 -24.85 -16.25
N VAL C 67 7.14 -23.53 -16.28
CA VAL C 67 6.42 -22.66 -15.34
C VAL C 67 5.02 -22.31 -15.80
N ILE C 68 4.07 -22.50 -14.89
CA ILE C 68 2.68 -22.11 -15.05
C ILE C 68 2.62 -20.80 -14.24
N PRO C 69 2.69 -19.62 -14.90
CA PRO C 69 2.80 -18.36 -14.15
C PRO C 69 1.61 -17.97 -13.28
N ALA C 70 0.39 -18.32 -13.70
CA ALA C 70 -0.80 -17.95 -12.93
C ALA C 70 -1.80 -19.12 -12.78
N PRO C 71 -1.48 -20.21 -12.01
CA PRO C 71 -2.48 -21.29 -11.84
C PRO C 71 -3.70 -20.81 -11.05
N ILE C 72 -4.88 -21.33 -11.36
CA ILE C 72 -6.10 -20.84 -10.72
C ILE C 72 -6.82 -21.87 -9.87
N GLN C 73 -7.16 -21.51 -8.65
CA GLN C 73 -7.96 -22.38 -7.82
C GLN C 73 -9.39 -22.08 -8.26
N GLN C 74 -10.08 -23.10 -8.73
CA GLN C 74 -11.43 -22.93 -9.25
C GLN C 74 -12.48 -23.19 -8.18
N LEU C 75 -12.98 -22.12 -7.57
CA LEU C 75 -14.05 -22.28 -6.61
C LEU C 75 -15.35 -22.17 -7.31
N VAL C 76 -16.25 -23.11 -7.05
CA VAL C 76 -17.54 -23.21 -7.72
C VAL C 76 -18.60 -23.09 -6.65
N THR C 77 -19.51 -22.14 -6.84
CA THR C 77 -20.63 -21.90 -5.95
C THR C 77 -21.94 -22.13 -6.69
N GLY C 78 -22.86 -22.84 -6.07
CA GLY C 78 -24.17 -23.08 -6.65
C GLY C 78 -24.92 -24.30 -6.14
N GLN C 79 -26.10 -24.55 -6.75
CA GLN C 79 -27.01 -25.65 -6.46
C GLN C 79 -28.00 -25.87 -7.61
N SER C 80 -28.65 -27.06 -7.60
CA SER C 80 -29.69 -27.49 -8.57
C SER C 80 -29.25 -27.32 -10.04
N GLY C 81 -28.01 -27.72 -10.31
CA GLY C 81 -27.41 -27.69 -11.64
C GLY C 81 -27.01 -26.34 -12.21
N LEU C 82 -27.02 -25.26 -11.40
CA LEU C 82 -26.63 -23.92 -11.87
C LEU C 82 -25.55 -23.42 -10.96
N PHE C 83 -24.38 -23.10 -11.54
CA PHE C 83 -23.21 -22.74 -10.72
C PHE C 83 -22.41 -21.61 -11.30
N THR C 84 -21.65 -20.92 -10.41
CA THR C 84 -20.76 -19.82 -10.71
C THR C 84 -19.35 -20.25 -10.34
N GLN C 85 -18.44 -20.12 -11.29
CA GLN C 85 -17.05 -20.44 -11.05
C GLN C 85 -16.28 -19.15 -10.78
N TYR C 86 -15.58 -19.12 -9.67
CA TYR C 86 -14.72 -18.02 -9.23
C TYR C 86 -13.29 -18.56 -9.35
N ASN C 87 -12.45 -17.85 -10.10
CA ASN C 87 -11.10 -18.30 -10.38
C ASN C 87 -10.12 -17.49 -9.57
N ILE C 88 -9.52 -18.12 -8.56
CA ILE C 88 -8.58 -17.50 -7.60
C ILE C 88 -7.12 -17.75 -8.05
N GLN C 89 -6.36 -16.70 -8.32
CA GLN C 89 -4.97 -16.85 -8.74
C GLN C 89 -4.10 -17.30 -7.59
N LYS C 90 -3.26 -18.32 -7.84
CA LYS C 90 -2.32 -18.84 -6.86
C LYS C 90 -0.92 -18.50 -7.36
N LYS C 91 0.11 -18.68 -6.50
CA LYS C 91 1.52 -18.44 -6.85
C LYS C 91 1.97 -19.42 -7.97
N ALA C 92 3.00 -19.00 -8.74
CA ALA C 92 3.58 -19.78 -9.84
C ALA C 92 4.11 -21.11 -9.35
N MET C 93 3.94 -22.12 -10.17
CA MET C 93 4.42 -23.45 -9.88
C MET C 93 4.94 -24.09 -11.15
N THR C 94 5.75 -25.15 -11.03
CA THR C 94 6.26 -25.87 -12.20
C THR C 94 5.22 -26.95 -12.59
N VAL C 95 5.41 -27.58 -13.75
CA VAL C 95 4.55 -28.70 -14.17
C VAL C 95 4.75 -29.89 -13.16
N ARG C 96 5.95 -29.97 -12.54
CA ARG C 96 6.29 -30.96 -11.53
C ARG C 96 5.41 -30.75 -10.28
N GLU C 97 5.45 -29.54 -9.67
CA GLU C 97 4.65 -29.17 -8.48
C GLU C 97 3.18 -29.45 -8.76
N PHE C 98 2.71 -29.06 -9.97
CA PHE C 98 1.33 -29.25 -10.43
C PHE C 98 0.89 -30.71 -10.46
N ARG C 99 1.67 -31.57 -11.16
CA ARG C 99 1.44 -33.02 -11.30
C ARG C 99 1.33 -33.73 -9.94
N LYS C 100 2.16 -33.33 -8.94
CA LYS C 100 2.13 -33.93 -7.60
C LYS C 100 0.83 -33.56 -6.86
N ILE C 101 0.26 -32.37 -7.13
CA ILE C 101 -1.02 -31.96 -6.56
C ILE C 101 -2.13 -32.79 -7.25
N ALA C 102 -2.15 -32.81 -8.60
CA ALA C 102 -3.10 -33.56 -9.44
C ALA C 102 -3.22 -35.04 -9.04
N ASN C 103 -2.08 -35.68 -8.77
CA ASN C 103 -1.99 -37.11 -8.47
C ASN C 103 -2.08 -37.44 -6.98
N SER C 104 -2.21 -36.42 -6.10
CA SER C 104 -2.34 -36.66 -4.65
C SER C 104 -3.75 -37.20 -4.35
N ASP C 105 -3.90 -37.86 -3.19
CA ASP C 105 -5.15 -38.46 -2.71
C ASP C 105 -6.33 -37.49 -2.70
N LYS C 106 -6.11 -36.27 -2.18
CA LYS C 106 -7.11 -35.21 -2.07
C LYS C 106 -7.63 -34.75 -3.44
N TYR C 107 -6.76 -34.74 -4.47
CA TYR C 107 -7.06 -34.23 -5.80
C TYR C 107 -7.17 -35.24 -6.95
N CYS C 108 -6.88 -36.53 -6.75
CA CYS C 108 -6.93 -37.49 -7.88
C CYS C 108 -8.35 -37.88 -8.27
N THR C 109 -8.47 -38.41 -9.51
CA THR C 109 -9.69 -38.88 -10.16
C THR C 109 -10.28 -40.09 -9.38
N PRO C 110 -11.59 -40.11 -9.06
CA PRO C 110 -12.12 -41.30 -8.37
C PRO C 110 -12.16 -42.53 -9.29
N ARG C 111 -12.44 -43.71 -8.71
CA ARG C 111 -12.53 -44.95 -9.50
C ARG C 111 -13.80 -44.88 -10.34
N TYR C 112 -13.67 -45.11 -11.66
CA TYR C 112 -14.82 -45.08 -12.56
C TYR C 112 -14.79 -46.17 -13.62
N SER C 113 -15.95 -46.81 -13.83
CA SER C 113 -16.13 -47.85 -14.83
C SER C 113 -16.47 -47.15 -16.16
N GLU C 114 -17.62 -46.45 -16.20
CA GLU C 114 -18.12 -45.72 -17.37
C GLU C 114 -18.03 -44.19 -17.20
N PHE C 115 -18.09 -43.43 -18.32
CA PHE C 115 -18.02 -41.96 -18.30
C PHE C 115 -19.23 -41.37 -17.57
N GLU C 116 -20.41 -41.95 -17.78
CA GLU C 116 -21.64 -41.52 -17.13
C GLU C 116 -21.47 -41.46 -15.59
N GLU C 117 -20.72 -42.44 -15.01
CA GLU C 117 -20.41 -42.51 -13.59
C GLU C 117 -19.50 -41.36 -13.20
N LEU C 118 -18.45 -41.10 -14.00
CA LEU C 118 -17.53 -39.98 -13.75
C LEU C 118 -18.20 -38.61 -13.95
N GLU C 119 -19.14 -38.52 -14.92
CA GLU C 119 -19.90 -37.30 -15.19
C GLU C 119 -20.82 -37.04 -13.98
N ARG C 120 -21.45 -38.12 -13.41
CA ARG C 120 -22.31 -38.04 -12.23
C ARG C 120 -21.52 -37.52 -11.02
N LYS C 121 -20.30 -38.06 -10.81
CA LYS C 121 -19.38 -37.68 -9.74
C LYS C 121 -18.98 -36.20 -9.88
N TYR C 122 -18.68 -35.76 -11.12
CA TYR C 122 -18.29 -34.37 -11.41
C TYR C 122 -19.39 -33.39 -11.02
N TRP C 123 -20.62 -33.59 -11.53
CA TRP C 123 -21.72 -32.70 -11.22
C TRP C 123 -22.18 -32.77 -9.73
N LYS C 124 -21.90 -33.88 -9.05
CA LYS C 124 -22.20 -34.06 -7.62
C LYS C 124 -21.16 -33.35 -6.75
N ASN C 125 -19.88 -33.32 -7.19
CA ASN C 125 -18.75 -32.83 -6.38
C ASN C 125 -18.00 -31.60 -6.86
N LEU C 126 -18.46 -30.87 -7.88
CA LEU C 126 -17.73 -29.71 -8.41
C LEU C 126 -17.59 -28.56 -7.42
N THR C 127 -18.50 -28.47 -6.42
CA THR C 127 -18.43 -27.41 -5.41
C THR C 127 -17.50 -27.77 -4.26
N PHE C 128 -17.02 -29.03 -4.21
CA PHE C 128 -16.16 -29.53 -3.13
C PHE C 128 -14.73 -29.68 -3.60
N ASN C 129 -13.76 -29.59 -2.66
N ASN C 129 -13.77 -29.57 -2.66
CA ASN C 129 -12.31 -29.73 -2.89
CA ASN C 129 -12.32 -29.66 -2.85
C ASN C 129 -11.87 -28.96 -4.16
C ASN C 129 -11.87 -28.96 -4.15
N PRO C 130 -11.89 -27.60 -4.19
CA PRO C 130 -11.54 -26.87 -5.44
C PRO C 130 -10.18 -27.24 -6.06
N PRO C 131 -10.22 -27.71 -7.31
CA PRO C 131 -8.96 -28.07 -7.98
C PRO C 131 -8.18 -26.83 -8.43
N ILE C 132 -6.96 -27.05 -8.91
CA ILE C 132 -6.11 -26.00 -9.45
C ILE C 132 -5.98 -26.24 -10.96
N TYR C 133 -6.22 -25.22 -11.77
CA TYR C 133 -6.13 -25.35 -13.23
C TYR C 133 -4.91 -24.55 -13.70
N GLY C 134 -4.03 -25.18 -14.47
CA GLY C 134 -2.84 -24.53 -15.01
C GLY C 134 -3.15 -23.96 -16.38
N ALA C 135 -4.14 -23.05 -16.43
CA ALA C 135 -4.71 -22.41 -17.60
C ALA C 135 -3.99 -21.18 -18.07
N ASP C 136 -4.21 -20.83 -19.37
CA ASP C 136 -3.70 -19.63 -20.02
C ASP C 136 -2.20 -19.54 -20.05
N VAL C 137 -1.53 -20.69 -20.19
CA VAL C 137 -0.07 -20.66 -20.21
C VAL C 137 0.38 -20.38 -21.63
N ASN C 138 1.03 -19.24 -21.84
CA ASN C 138 1.56 -18.85 -23.15
C ASN C 138 2.65 -19.84 -23.48
N GLY C 139 2.48 -20.54 -24.58
CA GLY C 139 3.45 -21.52 -25.01
C GLY C 139 2.88 -22.60 -25.88
N THR C 140 3.78 -23.39 -26.44
CA THR C 140 3.46 -24.49 -27.35
C THR C 140 4.30 -25.71 -27.00
N LEU C 141 3.76 -26.92 -27.24
CA LEU C 141 4.55 -28.11 -26.99
C LEU C 141 4.93 -28.78 -28.30
N TYR C 142 4.58 -28.16 -29.43
CA TYR C 142 4.90 -28.66 -30.75
C TYR C 142 6.39 -28.48 -31.00
N GLU C 143 7.00 -29.33 -31.84
CA GLU C 143 8.41 -29.14 -32.21
C GLU C 143 8.41 -28.19 -33.41
N LYS C 144 9.47 -27.41 -33.56
CA LYS C 144 9.66 -26.39 -34.61
C LYS C 144 9.37 -26.88 -36.04
N HIS C 145 9.78 -28.12 -36.37
CA HIS C 145 9.65 -28.70 -37.70
C HIS C 145 8.23 -29.13 -38.06
N VAL C 146 7.40 -29.48 -37.06
CA VAL C 146 6.03 -29.97 -37.27
C VAL C 146 5.22 -28.99 -38.13
N ASP C 147 4.97 -29.36 -39.39
CA ASP C 147 4.28 -28.55 -40.40
C ASP C 147 2.75 -28.68 -40.42
N GLU C 148 2.24 -29.88 -40.13
CA GLU C 148 0.81 -30.16 -40.21
C GLU C 148 0.11 -29.85 -38.90
N TRP C 149 -0.95 -29.02 -38.96
CA TRP C 149 -1.81 -28.62 -37.84
C TRP C 149 -1.07 -28.03 -36.64
N ASN C 150 -0.07 -27.19 -36.94
CA ASN C 150 0.72 -26.53 -35.92
C ASN C 150 -0.12 -25.40 -35.38
N ILE C 151 -0.65 -25.58 -34.15
CA ILE C 151 -1.52 -24.61 -33.46
C ILE C 151 -0.83 -23.20 -33.37
N GLY C 152 0.50 -23.18 -33.33
CA GLY C 152 1.27 -21.94 -33.30
C GLY C 152 1.33 -21.21 -34.64
N ARG C 153 1.04 -21.91 -35.76
CA ARG C 153 1.09 -21.34 -37.11
C ARG C 153 0.12 -22.03 -38.10
N LEU C 154 -1.19 -21.83 -37.88
CA LEU C 154 -2.23 -22.44 -38.72
C LEU C 154 -2.43 -21.74 -40.10
N ARG C 155 -2.00 -20.48 -40.22
CA ARG C 155 -1.98 -19.64 -41.44
C ARG C 155 -3.35 -19.41 -42.11
N THR C 156 -4.38 -19.12 -41.31
CA THR C 156 -5.75 -18.82 -41.77
C THR C 156 -5.89 -17.29 -42.01
N ILE C 157 -7.11 -16.83 -42.40
CA ILE C 157 -7.37 -15.41 -42.64
C ILE C 157 -7.29 -14.59 -41.34
N LEU C 158 -7.28 -15.24 -40.14
CA LEU C 158 -7.13 -14.52 -38.87
C LEU C 158 -5.82 -13.69 -38.80
N ASP C 159 -4.78 -14.14 -39.53
CA ASP C 159 -3.44 -13.54 -39.65
C ASP C 159 -3.45 -12.12 -40.22
N LEU C 160 -4.58 -11.68 -40.82
CA LEU C 160 -4.75 -10.34 -41.41
C LEU C 160 -4.63 -9.21 -40.40
N VAL C 161 -4.81 -9.48 -39.09
CA VAL C 161 -4.69 -8.44 -38.05
C VAL C 161 -3.22 -8.15 -37.74
N GLU C 162 -2.40 -9.20 -37.51
CA GLU C 162 -0.98 -9.09 -37.23
C GLU C 162 -0.19 -8.61 -38.45
N LYS C 163 -0.62 -9.02 -39.68
CA LYS C 163 0.02 -8.59 -40.93
C LYS C 163 -0.13 -7.08 -41.18
N GLU C 164 -1.27 -6.51 -40.75
CA GLU C 164 -1.61 -5.10 -40.89
C GLU C 164 -1.13 -4.24 -39.71
N SER C 165 -1.49 -4.61 -38.45
CA SER C 165 -1.17 -3.87 -37.22
C SER C 165 0.17 -4.22 -36.54
N GLY C 166 0.44 -5.51 -36.39
CA GLY C 166 1.60 -6.01 -35.67
C GLY C 166 1.16 -6.56 -34.32
N ILE C 167 0.01 -6.04 -33.83
CA ILE C 167 -0.64 -6.39 -32.56
C ILE C 167 -0.93 -7.87 -32.44
N THR C 168 -0.68 -8.43 -31.25
CA THR C 168 -0.92 -9.83 -30.92
C THR C 168 -1.76 -9.91 -29.66
N ILE C 169 -2.74 -10.82 -29.65
CA ILE C 169 -3.60 -11.01 -28.49
C ILE C 169 -3.43 -12.44 -27.95
N GLU C 170 -2.85 -12.57 -26.73
CA GLU C 170 -2.57 -13.84 -26.01
C GLU C 170 -3.78 -14.77 -26.03
N GLY C 171 -3.58 -15.98 -26.58
CA GLY C 171 -4.63 -16.99 -26.76
C GLY C 171 -5.38 -16.89 -28.09
N VAL C 172 -5.65 -15.64 -28.56
CA VAL C 172 -6.36 -15.34 -29.83
C VAL C 172 -5.52 -15.76 -31.08
N ASN C 173 -4.39 -15.11 -31.34
CA ASN C 173 -3.55 -15.43 -32.50
C ASN C 173 -2.20 -16.04 -32.05
N THR C 174 -2.17 -16.59 -30.83
CA THR C 174 -0.99 -17.22 -30.22
C THR C 174 -1.45 -18.46 -29.44
N PRO C 175 -0.61 -19.52 -29.29
CA PRO C 175 -1.08 -20.71 -28.57
C PRO C 175 -1.08 -20.53 -27.05
N TYR C 176 -2.00 -21.26 -26.41
CA TYR C 176 -2.22 -21.27 -24.97
C TYR C 176 -2.25 -22.72 -24.52
N LEU C 177 -1.54 -23.02 -23.44
CA LEU C 177 -1.40 -24.34 -22.82
C LEU C 177 -2.32 -24.43 -21.62
N TYR C 178 -2.94 -25.60 -21.41
CA TYR C 178 -3.86 -25.84 -20.29
C TYR C 178 -3.47 -27.13 -19.60
N PHE C 179 -2.95 -27.04 -18.39
CA PHE C 179 -2.58 -28.19 -17.60
C PHE C 179 -3.75 -28.47 -16.66
N GLY C 180 -4.45 -29.57 -16.88
CA GLY C 180 -5.64 -29.89 -16.10
C GLY C 180 -5.45 -30.98 -15.08
N MET C 181 -6.39 -31.07 -14.16
CA MET C 181 -6.46 -32.10 -13.13
C MET C 181 -7.93 -32.43 -12.96
N TRP C 182 -8.26 -33.47 -12.25
CA TRP C 182 -9.65 -33.88 -12.06
C TRP C 182 -10.55 -32.73 -11.60
N LYS C 183 -11.69 -32.58 -12.27
CA LYS C 183 -12.72 -31.59 -11.91
C LYS C 183 -12.39 -30.16 -12.38
N THR C 184 -11.21 -29.89 -13.01
CA THR C 184 -10.92 -28.55 -13.54
C THR C 184 -11.83 -28.35 -14.75
N SER C 185 -12.41 -27.16 -14.89
CA SER C 185 -13.39 -26.99 -15.96
C SER C 185 -13.33 -25.70 -16.73
N PHE C 186 -14.09 -25.70 -17.80
CA PHE C 186 -14.31 -24.49 -18.58
C PHE C 186 -15.81 -24.27 -18.68
N ALA C 187 -16.23 -23.10 -18.27
CA ALA C 187 -17.63 -22.68 -18.23
C ALA C 187 -18.20 -22.46 -19.64
N TRP C 188 -19.52 -22.36 -19.78
CA TRP C 188 -20.21 -22.13 -21.05
C TRP C 188 -19.77 -20.82 -21.67
N HIS C 189 -19.34 -20.87 -22.91
CA HIS C 189 -18.91 -19.68 -23.64
C HIS C 189 -18.77 -20.00 -25.12
N THR C 190 -18.73 -18.95 -25.93
CA THR C 190 -18.38 -18.96 -27.32
C THR C 190 -16.95 -18.32 -27.29
N GLU C 191 -16.20 -18.41 -28.39
CA GLU C 191 -14.85 -17.87 -28.49
C GLU C 191 -14.90 -16.39 -28.59
N ASP C 192 -13.77 -15.73 -28.28
CA ASP C 192 -13.69 -14.27 -28.42
C ASP C 192 -13.99 -13.92 -29.86
N MET C 193 -14.82 -12.88 -30.09
CA MET C 193 -15.23 -12.41 -31.42
C MET C 193 -16.09 -13.43 -32.20
N ASP C 194 -16.54 -14.51 -31.50
CA ASP C 194 -17.30 -15.64 -32.03
C ASP C 194 -16.47 -16.41 -33.08
N LEU C 195 -15.12 -16.46 -32.86
CA LEU C 195 -14.15 -17.12 -33.74
C LEU C 195 -14.25 -18.65 -33.66
N TYR C 196 -13.51 -19.35 -34.54
CA TYR C 196 -13.39 -20.79 -34.43
C TYR C 196 -12.29 -21.01 -33.39
N SER C 197 -12.23 -22.17 -32.80
CA SER C 197 -11.09 -22.53 -31.97
C SER C 197 -10.64 -23.97 -32.33
N ILE C 198 -9.39 -24.29 -32.00
CA ILE C 198 -8.78 -25.61 -32.17
C ILE C 198 -8.13 -25.99 -30.82
N ASN C 199 -8.24 -27.26 -30.43
CA ASN C 199 -7.70 -27.75 -29.15
C ASN C 199 -7.12 -29.15 -29.37
N TYR C 200 -5.85 -29.32 -29.01
CA TYR C 200 -5.15 -30.59 -29.09
C TYR C 200 -4.83 -31.08 -27.68
N LEU C 201 -5.24 -32.30 -27.34
CA LEU C 201 -4.89 -32.90 -26.06
C LEU C 201 -3.54 -33.65 -26.21
N HIS C 202 -2.45 -33.00 -25.80
CA HIS C 202 -1.08 -33.52 -25.90
C HIS C 202 -0.87 -34.85 -25.15
N PHE C 203 -1.40 -34.96 -23.91
CA PHE C 203 -1.23 -36.16 -23.08
C PHE C 203 -2.15 -36.14 -21.90
N GLY C 204 -2.14 -37.25 -21.18
CA GLY C 204 -2.84 -37.40 -19.92
C GLY C 204 -4.25 -37.91 -20.04
N GLU C 205 -5.03 -37.62 -18.98
CA GLU C 205 -6.39 -38.07 -18.82
C GLU C 205 -7.34 -37.33 -19.75
N PRO C 206 -8.49 -37.95 -20.11
CA PRO C 206 -9.40 -37.28 -21.07
C PRO C 206 -9.97 -35.91 -20.64
N LYS C 207 -10.58 -35.24 -21.65
CA LYS C 207 -11.27 -33.96 -21.52
C LYS C 207 -12.67 -34.13 -22.10
N SER C 208 -13.71 -33.96 -21.25
CA SER C 208 -15.13 -34.05 -21.69
C SER C 208 -15.70 -32.67 -22.06
N TRP C 209 -16.45 -32.65 -23.14
CA TRP C 209 -17.02 -31.46 -23.75
C TRP C 209 -18.51 -31.57 -23.87
N TYR C 210 -19.19 -30.44 -23.68
CA TYR C 210 -20.61 -30.29 -23.95
C TYR C 210 -20.68 -29.22 -25.00
N SER C 211 -21.64 -29.39 -25.91
CA SER C 211 -21.83 -28.45 -27.00
C SER C 211 -23.26 -28.15 -27.25
N VAL C 212 -23.58 -26.89 -27.52
CA VAL C 212 -24.92 -26.43 -27.91
C VAL C 212 -24.79 -25.96 -29.37
N PRO C 213 -25.58 -26.54 -30.32
CA PRO C 213 -25.45 -26.13 -31.74
C PRO C 213 -25.63 -24.63 -31.94
N PRO C 214 -24.82 -23.94 -32.79
CA PRO C 214 -24.98 -22.47 -32.96
C PRO C 214 -26.40 -21.99 -33.25
N GLU C 215 -27.23 -22.83 -33.89
CA GLU C 215 -28.63 -22.48 -34.19
C GLU C 215 -29.53 -22.48 -32.93
N HIS C 216 -29.05 -23.02 -31.80
CA HIS C 216 -29.79 -23.05 -30.53
C HIS C 216 -29.12 -22.23 -29.41
N GLY C 217 -28.05 -21.52 -29.77
CA GLY C 217 -27.27 -20.73 -28.82
C GLY C 217 -28.01 -19.61 -28.11
N LYS C 218 -28.95 -18.95 -28.83
CA LYS C 218 -29.79 -17.87 -28.31
C LYS C 218 -30.73 -18.39 -27.20
N ARG C 219 -31.21 -19.65 -27.36
CA ARG C 219 -32.05 -20.37 -26.39
C ARG C 219 -31.25 -20.50 -25.09
N LEU C 220 -29.96 -20.89 -25.19
CA LEU C 220 -29.06 -21.01 -24.03
C LEU C 220 -28.85 -19.66 -23.31
N GLU C 221 -28.64 -18.57 -24.09
CA GLU C 221 -28.49 -17.20 -23.60
C GLU C 221 -29.74 -16.74 -22.83
N ARG C 222 -30.96 -16.94 -23.40
CA ARG C 222 -32.23 -16.59 -22.76
C ARG C 222 -32.37 -17.38 -21.47
N LEU C 223 -31.96 -18.67 -21.47
CA LEU C 223 -31.99 -19.52 -20.29
C LEU C 223 -31.02 -19.01 -19.21
N ALA C 224 -29.79 -18.62 -19.59
CA ALA C 224 -28.77 -18.07 -18.68
C ALA C 224 -29.20 -16.72 -18.10
N LYS C 225 -29.93 -15.91 -18.90
CA LYS C 225 -30.47 -14.60 -18.51
C LYS C 225 -31.57 -14.75 -17.47
N GLY C 226 -32.43 -15.76 -17.65
CA GLY C 226 -33.52 -16.07 -16.74
C GLY C 226 -33.08 -16.65 -15.41
N PHE C 227 -31.87 -17.26 -15.38
CA PHE C 227 -31.27 -17.88 -14.18
C PHE C 227 -30.32 -16.97 -13.42
N PHE C 228 -29.58 -16.11 -14.14
CA PHE C 228 -28.63 -15.17 -13.56
C PHE C 228 -29.07 -13.75 -13.99
N PRO C 229 -30.18 -13.22 -13.41
CA PRO C 229 -30.69 -11.91 -13.86
C PRO C 229 -29.88 -10.69 -13.38
N GLY C 230 -29.05 -10.89 -12.35
CA GLY C 230 -28.17 -9.84 -11.82
C GLY C 230 -27.01 -9.60 -12.77
N SER C 231 -26.40 -10.73 -13.24
CA SER C 231 -25.27 -10.79 -14.17
C SER C 231 -25.62 -10.29 -15.57
N ALA C 232 -26.90 -10.48 -16.00
CA ALA C 232 -27.40 -10.08 -17.31
C ALA C 232 -27.63 -8.56 -17.38
N GLN C 233 -28.07 -7.94 -16.25
CA GLN C 233 -28.32 -6.49 -16.15
C GLN C 233 -27.03 -5.66 -16.26
N SER C 234 -25.95 -6.11 -15.59
CA SER C 234 -24.65 -5.46 -15.60
C SER C 234 -23.88 -5.64 -16.93
N CYS C 235 -24.14 -6.77 -17.64
CA CYS C 235 -23.47 -7.11 -18.90
C CYS C 235 -24.35 -8.02 -19.78
N GLU C 236 -24.62 -7.60 -21.03
CA GLU C 236 -25.43 -8.37 -22.00
C GLU C 236 -24.71 -9.65 -22.46
N ALA C 237 -23.37 -9.62 -22.43
CA ALA C 237 -22.54 -10.75 -22.82
C ALA C 237 -21.80 -11.32 -21.59
N PHE C 238 -22.56 -11.62 -20.51
CA PHE C 238 -21.95 -12.13 -19.26
C PHE C 238 -21.36 -13.52 -19.40
N LEU C 239 -21.88 -14.37 -20.34
CA LEU C 239 -21.33 -15.70 -20.58
C LEU C 239 -19.88 -15.61 -21.10
N ARG C 240 -19.47 -14.42 -21.62
CA ARG C 240 -18.09 -14.14 -22.08
C ARG C 240 -17.11 -14.14 -20.91
N HIS C 241 -17.60 -13.82 -19.66
CA HIS C 241 -16.84 -13.83 -18.41
C HIS C 241 -16.36 -15.25 -18.07
N LYS C 242 -16.99 -16.29 -18.72
CA LYS C 242 -16.71 -17.74 -18.56
C LYS C 242 -16.78 -18.14 -17.08
N MET C 243 -17.90 -17.78 -16.43
CA MET C 243 -18.14 -18.09 -15.03
C MET C 243 -19.38 -18.97 -14.81
N THR C 244 -20.14 -19.28 -15.84
CA THR C 244 -21.38 -20.03 -15.67
C THR C 244 -21.30 -21.51 -16.08
N LEU C 245 -21.60 -22.37 -15.11
CA LEU C 245 -21.67 -23.82 -15.27
C LEU C 245 -23.15 -24.20 -15.19
N ILE C 246 -23.62 -24.98 -16.17
CA ILE C 246 -25.02 -25.41 -16.27
C ILE C 246 -24.97 -26.90 -16.52
N SER C 247 -25.45 -27.69 -15.56
CA SER C 247 -25.44 -29.14 -15.68
C SER C 247 -26.29 -29.64 -16.89
N PRO C 248 -25.91 -30.79 -17.53
CA PRO C 248 -26.73 -31.33 -18.62
C PRO C 248 -28.19 -31.61 -18.24
N LEU C 249 -28.44 -31.97 -16.98
CA LEU C 249 -29.78 -32.21 -16.41
C LEU C 249 -30.69 -30.97 -16.60
N MET C 250 -30.13 -29.77 -16.30
CA MET C 250 -30.80 -28.48 -16.47
C MET C 250 -31.05 -28.20 -17.93
N LEU C 251 -30.03 -28.38 -18.81
CA LEU C 251 -30.20 -28.17 -20.27
C LEU C 251 -31.34 -29.06 -20.81
N LYS C 252 -31.42 -30.30 -20.30
CA LYS C 252 -32.42 -31.28 -20.69
C LYS C 252 -33.81 -30.83 -20.25
N LYS C 253 -33.95 -30.41 -18.98
CA LYS C 253 -35.22 -29.95 -18.38
C LYS C 253 -35.77 -28.70 -19.09
N TYR C 254 -34.87 -27.80 -19.53
CA TYR C 254 -35.25 -26.55 -20.16
C TYR C 254 -35.32 -26.62 -21.69
N GLY C 255 -35.22 -27.84 -22.23
CA GLY C 255 -35.32 -28.10 -23.67
C GLY C 255 -34.15 -27.62 -24.52
N ILE C 256 -32.99 -27.37 -23.92
CA ILE C 256 -31.83 -26.95 -24.70
C ILE C 256 -31.18 -28.17 -25.37
N PRO C 257 -31.13 -28.24 -26.73
CA PRO C 257 -30.47 -29.39 -27.37
C PRO C 257 -28.99 -29.24 -27.18
N PHE C 258 -28.31 -30.35 -26.95
CA PHE C 258 -26.88 -30.32 -26.73
C PHE C 258 -26.32 -31.70 -26.99
N ASP C 259 -25.02 -31.76 -27.17
CA ASP C 259 -24.34 -33.03 -27.33
C ASP C 259 -23.11 -33.11 -26.46
N LYS C 260 -22.69 -34.34 -26.11
CA LYS C 260 -21.47 -34.52 -25.32
C LYS C 260 -20.47 -35.40 -26.04
N VAL C 261 -19.17 -35.15 -25.80
CA VAL C 261 -18.07 -35.93 -26.37
C VAL C 261 -16.84 -35.94 -25.42
N THR C 262 -16.08 -37.05 -25.44
CA THR C 262 -14.84 -37.15 -24.68
C THR C 262 -13.67 -37.13 -25.67
N GLN C 263 -12.74 -36.18 -25.48
CA GLN C 263 -11.53 -36.01 -26.29
C GLN C 263 -10.45 -36.77 -25.54
N GLU C 264 -9.84 -37.77 -26.18
CA GLU C 264 -8.76 -38.55 -25.56
C GLU C 264 -7.42 -37.99 -25.99
N ALA C 265 -6.32 -38.41 -25.30
CA ALA C 265 -4.99 -37.91 -25.61
C ALA C 265 -4.64 -38.24 -27.06
N GLY C 266 -4.14 -37.22 -27.75
CA GLY C 266 -3.74 -37.31 -29.13
C GLY C 266 -4.81 -36.91 -30.13
N GLU C 267 -5.95 -36.37 -29.66
CA GLU C 267 -7.03 -35.96 -30.57
C GLU C 267 -7.22 -34.45 -30.55
N PHE C 268 -7.78 -33.91 -31.65
CA PHE C 268 -8.15 -32.51 -31.84
C PHE C 268 -9.67 -32.29 -31.69
N MET C 269 -10.02 -31.14 -31.12
CA MET C 269 -11.41 -30.66 -31.04
C MET C 269 -11.41 -29.30 -31.73
N ILE C 270 -12.37 -29.08 -32.66
CA ILE C 270 -12.60 -27.83 -33.37
C ILE C 270 -13.95 -27.28 -32.86
N THR C 271 -13.98 -26.01 -32.44
CA THR C 271 -15.23 -25.31 -32.09
C THR C 271 -15.54 -24.35 -33.28
N PHE C 272 -16.83 -24.18 -33.57
CA PHE C 272 -17.27 -23.37 -34.68
C PHE C 272 -17.86 -22.05 -34.18
N PRO C 273 -17.90 -21.00 -35.05
CA PRO C 273 -18.49 -19.71 -34.63
C PRO C 273 -19.84 -19.81 -33.92
N TYR C 274 -19.95 -19.13 -32.77
CA TYR C 274 -21.17 -19.06 -31.95
C TYR C 274 -21.56 -20.46 -31.41
N GLY C 275 -20.57 -21.36 -31.35
CA GLY C 275 -20.73 -22.68 -30.78
C GLY C 275 -20.45 -22.65 -29.28
N TYR C 276 -21.50 -22.77 -28.48
CA TYR C 276 -21.39 -22.76 -27.03
C TYR C 276 -20.80 -24.09 -26.52
N HIS C 277 -19.79 -24.01 -25.65
CA HIS C 277 -19.20 -25.21 -25.11
C HIS C 277 -18.75 -25.01 -23.70
N ALA C 278 -18.75 -26.10 -22.95
CA ALA C 278 -18.31 -26.23 -21.58
C ALA C 278 -17.70 -27.63 -21.45
N GLY C 279 -17.09 -27.92 -20.32
CA GLY C 279 -16.54 -29.23 -20.07
C GLY C 279 -15.58 -29.29 -18.92
N PHE C 280 -14.99 -30.46 -18.71
CA PHE C 280 -14.07 -30.69 -17.59
C PHE C 280 -13.02 -31.70 -17.93
N ASN C 281 -11.96 -31.69 -17.15
CA ASN C 281 -10.84 -32.64 -17.24
C ASN C 281 -11.07 -33.79 -16.30
N HIS C 282 -10.64 -35.00 -16.71
CA HIS C 282 -10.81 -36.27 -15.99
C HIS C 282 -9.67 -36.48 -15.05
N GLY C 283 -8.57 -35.81 -15.30
CA GLY C 283 -7.38 -35.93 -14.49
C GLY C 283 -6.22 -35.17 -15.10
N PHE C 284 -5.02 -35.41 -14.59
CA PHE C 284 -3.81 -34.76 -15.07
C PHE C 284 -3.65 -34.90 -16.58
N ASN C 285 -3.58 -33.77 -17.25
CA ASN C 285 -3.49 -33.71 -18.69
C ASN C 285 -2.95 -32.36 -19.14
N CYS C 286 -2.75 -32.21 -20.46
CA CYS C 286 -2.26 -30.99 -21.09
C CYS C 286 -2.84 -30.81 -22.48
N ALA C 287 -3.43 -29.64 -22.73
CA ALA C 287 -4.02 -29.26 -24.03
C ALA C 287 -3.44 -27.95 -24.54
N GLU C 288 -3.43 -27.77 -25.85
CA GLU C 288 -2.94 -26.56 -26.50
C GLU C 288 -4.10 -26.04 -27.34
N SER C 289 -4.35 -24.72 -27.29
CA SER C 289 -5.46 -24.09 -28.01
C SER C 289 -5.11 -22.76 -28.62
N THR C 290 -5.88 -22.40 -29.65
CA THR C 290 -5.80 -21.12 -30.34
C THR C 290 -7.07 -20.88 -31.11
N ASN C 291 -7.27 -19.63 -31.52
CA ASN C 291 -8.42 -19.25 -32.30
C ASN C 291 -7.95 -19.16 -33.71
N PHE C 292 -8.87 -19.34 -34.67
CA PHE C 292 -8.60 -19.24 -36.11
C PHE C 292 -9.88 -18.77 -36.78
N ALA C 293 -9.79 -18.43 -38.08
CA ALA C 293 -10.96 -17.95 -38.83
C ALA C 293 -11.02 -18.50 -40.24
N THR C 294 -12.21 -18.46 -40.84
CA THR C 294 -12.50 -18.80 -42.24
C THR C 294 -13.33 -17.62 -42.75
N ARG C 295 -13.62 -17.57 -44.06
CA ARG C 295 -14.42 -16.48 -44.65
C ARG C 295 -15.79 -16.36 -43.98
N ARG C 296 -16.38 -17.53 -43.61
CA ARG C 296 -17.67 -17.61 -42.92
C ARG C 296 -17.69 -16.86 -41.55
N TRP C 297 -16.54 -16.77 -40.85
CA TRP C 297 -16.48 -16.08 -39.56
C TRP C 297 -16.79 -14.58 -39.65
N ILE C 298 -16.36 -13.90 -40.74
CA ILE C 298 -16.52 -12.45 -40.94
C ILE C 298 -17.92 -11.95 -40.47
N GLU C 299 -19.01 -12.57 -40.97
CA GLU C 299 -20.39 -12.25 -40.60
C GLU C 299 -20.60 -12.29 -39.08
N TYR C 300 -20.03 -13.33 -38.40
CA TYR C 300 -20.11 -13.53 -36.94
C TYR C 300 -19.37 -12.46 -36.14
N GLY C 301 -18.17 -12.10 -36.58
CA GLY C 301 -17.34 -11.09 -35.94
C GLY C 301 -17.97 -9.70 -35.97
N LYS C 302 -18.66 -9.37 -37.08
CA LYS C 302 -19.40 -8.12 -37.27
C LYS C 302 -20.59 -8.09 -36.30
N GLN C 303 -21.34 -9.21 -36.21
CA GLN C 303 -22.53 -9.36 -35.37
C GLN C 303 -22.27 -9.75 -33.90
N ALA C 304 -21.00 -10.00 -33.53
CA ALA C 304 -20.59 -10.46 -32.19
C ALA C 304 -20.93 -9.49 -31.05
N VAL C 305 -21.71 -9.99 -30.05
CA VAL C 305 -22.11 -9.23 -28.85
C VAL C 305 -21.01 -9.40 -27.79
N LEU C 306 -20.22 -8.32 -27.58
CA LEU C 306 -19.07 -8.29 -26.67
C LEU C 306 -19.41 -7.80 -25.26
N CYS C 307 -18.52 -8.13 -24.31
CA CYS C 307 -18.61 -7.79 -22.90
C CYS C 307 -18.61 -6.25 -22.66
N SER C 308 -19.69 -5.74 -22.06
CA SER C 308 -19.87 -4.30 -21.77
C SER C 308 -18.96 -3.82 -20.62
N CYS C 309 -18.73 -4.68 -19.60
CA CYS C 309 -17.88 -4.37 -18.45
C CYS C 309 -16.50 -5.03 -18.55
N MET C 313 -12.17 -10.06 -22.55
CA MET C 313 -12.77 -8.87 -23.16
C MET C 313 -12.07 -8.47 -24.47
N VAL C 314 -11.62 -9.48 -25.25
CA VAL C 314 -10.89 -9.32 -26.50
C VAL C 314 -11.75 -8.74 -27.63
N LYS C 315 -11.31 -7.59 -28.19
CA LYS C 315 -11.98 -6.90 -29.29
C LYS C 315 -11.03 -6.77 -30.49
N ILE C 316 -11.54 -7.06 -31.69
CA ILE C 316 -10.75 -7.00 -32.93
C ILE C 316 -11.49 -6.21 -34.03
N SER C 317 -10.78 -5.25 -34.67
CA SER C 317 -11.32 -4.39 -35.72
C SER C 317 -11.69 -5.22 -36.95
N MET C 318 -12.96 -5.12 -37.36
CA MET C 318 -13.49 -5.86 -38.50
C MET C 318 -13.20 -5.21 -39.85
N ASP C 319 -12.95 -3.88 -39.86
CA ASP C 319 -12.69 -3.05 -41.05
C ASP C 319 -11.73 -3.70 -42.10
N VAL C 320 -10.66 -4.40 -41.64
CA VAL C 320 -9.70 -5.09 -42.51
C VAL C 320 -10.37 -6.26 -43.23
N PHE C 321 -11.16 -7.08 -42.49
CA PHE C 321 -11.91 -8.22 -43.03
C PHE C 321 -13.05 -7.78 -43.92
N VAL C 322 -13.74 -6.69 -43.51
CA VAL C 322 -14.85 -6.07 -44.22
C VAL C 322 -14.40 -5.55 -45.57
N ARG C 323 -13.19 -4.95 -45.63
CA ARG C 323 -12.63 -4.40 -46.86
C ARG C 323 -12.27 -5.45 -47.91
N LYS C 324 -11.43 -6.43 -47.53
CA LYS C 324 -10.90 -7.46 -48.41
C LYS C 324 -11.90 -8.51 -48.88
N PHE C 325 -12.89 -8.88 -48.06
CA PHE C 325 -13.82 -9.96 -48.40
C PHE C 325 -15.24 -9.53 -48.74
N GLN C 326 -15.69 -8.39 -48.20
CA GLN C 326 -17.02 -7.83 -48.47
C GLN C 326 -16.88 -6.34 -48.88
N PRO C 327 -16.18 -5.99 -50.01
CA PRO C 327 -16.02 -4.55 -50.35
C PRO C 327 -17.30 -3.82 -50.73
N GLU C 328 -18.27 -4.56 -51.32
CA GLU C 328 -19.58 -4.03 -51.73
C GLU C 328 -20.49 -3.70 -50.53
N ARG C 329 -20.16 -4.26 -49.35
CA ARG C 329 -20.93 -4.06 -48.13
C ARG C 329 -20.25 -3.11 -47.13
N TYR C 330 -18.95 -2.77 -47.34
CA TYR C 330 -18.18 -1.88 -46.44
C TYR C 330 -18.90 -0.56 -46.14
N LYS C 331 -19.23 0.22 -47.19
CA LYS C 331 -19.92 1.52 -47.09
C LYS C 331 -21.24 1.40 -46.32
N LEU C 332 -22.06 0.37 -46.62
CA LEU C 332 -23.33 0.07 -45.96
C LEU C 332 -23.12 -0.31 -44.48
N TRP C 333 -22.08 -1.11 -44.17
CA TRP C 333 -21.74 -1.56 -42.82
C TRP C 333 -21.16 -0.43 -41.95
N LYS C 334 -20.24 0.38 -42.51
CA LYS C 334 -19.59 1.51 -41.83
C LYS C 334 -20.56 2.64 -41.48
N ALA C 335 -21.75 2.67 -42.15
CA ALA C 335 -22.82 3.64 -41.93
C ALA C 335 -23.90 3.10 -40.98
N GLY C 336 -24.16 1.78 -41.05
CA GLY C 336 -25.13 1.09 -40.20
C GLY C 336 -26.30 0.44 -40.92
N LYS C 337 -26.29 0.46 -42.27
CA LYS C 337 -27.34 -0.11 -43.11
C LYS C 337 -27.27 -1.64 -43.22
N ASP C 338 -26.10 -2.24 -42.96
CA ASP C 338 -25.87 -3.69 -43.04
C ASP C 338 -26.72 -4.45 -41.99
N ASN C 339 -27.80 -5.09 -42.46
CA ASN C 339 -28.72 -5.85 -41.61
C ASN C 339 -28.77 -7.32 -42.07
N THR C 340 -27.58 -7.91 -42.38
CA THR C 340 -27.42 -9.30 -42.84
C THR C 340 -27.72 -10.28 -41.70
N VAL C 341 -28.56 -11.28 -42.00
CA VAL C 341 -28.94 -12.33 -41.05
C VAL C 341 -28.04 -13.53 -41.33
N ILE C 342 -27.49 -14.15 -40.25
CA ILE C 342 -26.61 -15.30 -40.37
C ILE C 342 -27.43 -16.58 -40.39
N ASP C 343 -27.09 -17.48 -41.33
CA ASP C 343 -27.65 -18.80 -41.47
C ASP C 343 -26.58 -19.75 -40.95
N HIS C 344 -26.78 -20.26 -39.72
CA HIS C 344 -25.83 -21.14 -39.03
C HIS C 344 -25.62 -22.50 -39.72
N THR C 345 -26.59 -22.93 -40.53
CA THR C 345 -26.56 -24.19 -41.26
C THR C 345 -25.63 -24.17 -42.49
N LEU C 346 -25.41 -22.97 -43.07
CA LEU C 346 -24.60 -22.79 -44.28
C LEU C 346 -23.10 -23.03 -44.04
N PRO C 347 -22.44 -23.85 -44.89
CA PRO C 347 -20.98 -24.09 -44.69
C PRO C 347 -20.13 -22.90 -45.14
N THR C 348 -18.82 -22.96 -44.87
CA THR C 348 -17.89 -21.89 -45.26
C THR C 348 -17.82 -21.77 -46.80
N PRO C 349 -17.75 -20.55 -47.40
CA PRO C 349 -17.64 -20.45 -48.87
C PRO C 349 -16.47 -21.26 -49.47
N GLU C 350 -15.45 -21.59 -48.66
CA GLU C 350 -14.28 -22.39 -49.07
C GLU C 350 -14.67 -23.87 -49.32
N ALA C 351 -15.85 -24.28 -48.80
CA ALA C 351 -16.38 -25.64 -48.95
C ALA C 351 -16.99 -25.91 -50.34
N ALA C 352 -17.04 -24.87 -51.22
CA ALA C 352 -17.59 -24.95 -52.59
C ALA C 352 -17.05 -26.13 -53.38
N GLU C 353 -15.71 -26.32 -53.39
CA GLU C 353 -14.99 -27.42 -54.07
C GLU C 353 -15.42 -28.85 -53.64
N PHE C 354 -16.04 -29.00 -52.45
CA PHE C 354 -16.52 -30.31 -51.94
C PHE C 354 -18.04 -30.52 -52.14
N LEU C 355 -18.76 -29.44 -52.50
CA LEU C 355 -20.21 -29.43 -52.72
C LEU C 355 -20.54 -28.74 -54.04
N GLU D 5 20.62 33.54 8.90
CA GLU D 5 19.29 34.09 9.23
C GLU D 5 18.97 33.91 10.72
N SER D 6 19.29 32.73 11.28
CA SER D 6 19.08 32.40 12.69
C SER D 6 20.27 32.93 13.50
N GLU D 7 21.49 32.84 12.91
CA GLU D 7 22.78 33.28 13.47
C GLU D 7 22.82 34.79 13.77
N THR D 8 22.01 35.57 13.03
CA THR D 8 21.89 37.03 13.13
C THR D 8 21.18 37.46 14.44
N LEU D 9 20.17 36.69 14.91
CA LEU D 9 19.43 36.99 16.14
C LEU D 9 20.23 36.46 17.33
N ASN D 10 20.47 37.32 18.36
CA ASN D 10 21.24 37.03 19.58
C ASN D 10 22.62 36.41 19.21
N PRO D 11 23.47 37.11 18.41
CA PRO D 11 24.76 36.52 18.02
C PRO D 11 25.72 36.22 19.17
N SER D 12 25.54 36.94 20.27
CA SER D 12 26.33 36.88 21.51
C SER D 12 25.79 35.81 22.47
N ALA D 13 24.64 35.15 22.13
CA ALA D 13 23.98 34.11 22.93
C ALA D 13 23.83 34.50 24.42
N ARG D 14 23.49 35.79 24.65
CA ARG D 14 23.26 36.31 26.01
C ARG D 14 21.84 35.99 26.51
N ILE D 15 21.69 35.85 27.82
CA ILE D 15 20.39 35.57 28.44
C ILE D 15 19.48 36.79 28.27
N MET D 16 18.30 36.54 27.74
CA MET D 16 17.34 37.60 27.56
C MET D 16 16.28 37.56 28.65
N THR D 17 15.70 38.74 28.91
CA THR D 17 14.62 38.94 29.88
C THR D 17 13.41 39.44 29.13
N PHE D 18 12.25 38.84 29.39
CA PHE D 18 10.98 39.18 28.75
C PHE D 18 9.96 39.66 29.77
N TYR D 19 9.16 40.70 29.40
CA TYR D 19 8.13 41.31 30.23
C TYR D 19 6.77 41.25 29.54
N PRO D 20 6.12 40.07 29.46
CA PRO D 20 4.82 40.02 28.77
C PRO D 20 3.70 40.76 29.48
N THR D 21 2.78 41.30 28.69
CA THR D 21 1.56 41.95 29.17
C THR D 21 0.60 40.79 29.49
N MET D 22 -0.52 41.08 30.21
CA MET D 22 -1.49 40.04 30.54
C MET D 22 -1.99 39.26 29.31
N GLU D 23 -2.21 39.95 28.17
CA GLU D 23 -2.68 39.39 26.89
C GLU D 23 -1.67 38.39 26.28
N GLU D 24 -0.40 38.77 26.25
CA GLU D 24 0.71 37.96 25.72
C GLU D 24 0.97 36.73 26.61
N PHE D 25 0.77 36.89 27.94
CA PHE D 25 1.02 35.90 28.99
C PHE D 25 0.04 34.72 29.01
N ARG D 26 -1.18 34.89 28.49
CA ARG D 26 -2.22 33.85 28.49
C ARG D 26 -1.83 32.58 27.74
N ASN D 27 -1.34 32.72 26.50
CA ASN D 27 -0.95 31.56 25.69
C ASN D 27 0.51 31.22 25.92
N PHE D 28 0.75 30.19 26.78
CA PHE D 28 2.09 29.74 27.15
C PHE D 28 2.94 29.33 25.96
N SER D 29 2.46 28.35 25.17
CA SER D 29 3.15 27.82 23.99
C SER D 29 3.46 28.87 22.91
N ARG D 30 2.52 29.81 22.68
CA ARG D 30 2.67 30.90 21.72
C ARG D 30 3.80 31.82 22.19
N TYR D 31 3.83 32.13 23.48
CA TYR D 31 4.88 32.97 24.04
C TYR D 31 6.26 32.34 23.95
N ILE D 32 6.32 31.03 24.14
CA ILE D 32 7.58 30.33 24.03
C ILE D 32 8.09 30.44 22.60
N ALA D 33 7.19 30.30 21.63
CA ALA D 33 7.53 30.45 20.24
C ALA D 33 7.99 31.88 19.97
N TYR D 34 7.32 32.85 20.57
CA TYR D 34 7.69 34.24 20.38
C TYR D 34 9.09 34.53 20.92
N ILE D 35 9.43 34.00 22.09
CA ILE D 35 10.78 34.24 22.63
C ILE D 35 11.85 33.61 21.75
N GLU D 36 11.57 32.44 21.21
CA GLU D 36 12.49 31.77 20.31
C GLU D 36 12.68 32.58 19.03
N SER D 37 11.63 33.19 18.54
CA SER D 37 11.68 34.03 17.34
C SER D 37 12.64 35.24 17.57
N GLN D 38 12.86 35.59 18.86
CA GLN D 38 13.73 36.66 19.36
C GLN D 38 15.18 36.19 19.57
N GLY D 39 15.42 34.88 19.50
CA GLY D 39 16.73 34.29 19.70
C GLY D 39 17.04 33.89 21.13
N ALA D 40 16.03 33.86 22.03
CA ALA D 40 16.21 33.50 23.45
C ALA D 40 16.86 32.12 23.66
N HIS D 41 16.43 31.11 22.87
CA HIS D 41 16.89 29.70 22.92
C HIS D 41 18.42 29.54 22.74
N ARG D 42 19.07 30.50 22.04
CA ARG D 42 20.52 30.53 21.79
C ARG D 42 21.36 30.58 23.06
N ALA D 43 20.86 31.25 24.10
CA ALA D 43 21.58 31.33 25.39
C ALA D 43 21.45 30.02 26.19
N GLY D 44 20.37 29.28 25.91
CA GLY D 44 20.04 28.04 26.60
C GLY D 44 19.15 28.30 27.80
N LEU D 45 19.01 29.59 28.13
CA LEU D 45 18.24 30.07 29.28
C LEU D 45 17.63 31.46 29.00
N ALA D 46 16.40 31.69 29.48
CA ALA D 46 15.67 32.96 29.34
C ALA D 46 14.88 33.27 30.59
N LYS D 47 14.78 34.56 30.96
CA LYS D 47 13.98 35.02 32.12
C LYS D 47 12.68 35.64 31.63
N VAL D 48 11.58 35.30 32.27
CA VAL D 48 10.26 35.83 31.93
C VAL D 48 9.70 36.43 33.20
N VAL D 49 9.45 37.72 33.21
CA VAL D 49 8.86 38.37 34.38
C VAL D 49 7.35 38.41 34.13
N PRO D 50 6.49 37.79 34.98
CA PRO D 50 5.05 37.81 34.69
C PRO D 50 4.45 39.18 34.93
N PRO D 51 3.26 39.52 34.35
CA PRO D 51 2.66 40.83 34.66
C PRO D 51 2.36 40.94 36.17
N LYS D 52 2.38 42.17 36.69
CA LYS D 52 2.17 42.48 38.11
C LYS D 52 0.79 42.04 38.64
N GLU D 53 -0.22 42.02 37.75
CA GLU D 53 -1.59 41.60 38.06
C GLU D 53 -1.77 40.06 38.09
N TRP D 54 -0.67 39.30 37.88
CA TRP D 54 -0.70 37.83 37.90
C TRP D 54 -0.06 37.27 39.16
N LYS D 55 -0.73 36.31 39.80
CA LYS D 55 -0.29 35.64 41.02
C LYS D 55 -0.75 34.18 41.04
N PRO D 56 0.16 33.20 41.18
CA PRO D 56 -0.28 31.78 41.20
C PRO D 56 -0.98 31.35 42.47
N ARG D 57 -0.82 32.12 43.57
CA ARG D 57 -1.37 31.82 44.89
C ARG D 57 -1.58 33.14 45.63
N ALA D 58 -2.61 33.22 46.47
CA ALA D 58 -2.93 34.45 47.20
C ALA D 58 -1.97 34.74 48.36
N SER D 59 -1.49 33.68 49.04
CA SER D 59 -0.61 33.78 50.22
C SER D 59 0.15 32.46 50.43
N TYR D 60 1.36 32.53 51.01
CA TYR D 60 2.13 31.33 51.31
C TYR D 60 2.16 31.01 52.83
N ASP D 61 1.22 31.60 53.60
CA ASP D 61 1.10 31.45 55.05
C ASP D 61 0.66 30.05 55.55
N ASP D 62 0.18 29.19 54.65
CA ASP D 62 -0.32 27.87 55.08
C ASP D 62 0.54 26.70 54.61
N ILE D 63 1.82 26.97 54.31
CA ILE D 63 2.75 25.97 53.77
C ILE D 63 3.74 25.40 54.82
N ASP D 64 3.82 25.98 56.04
CA ASP D 64 4.74 25.51 57.09
C ASP D 64 4.54 24.03 57.50
N ASP D 65 3.31 23.51 57.40
CA ASP D 65 3.05 22.11 57.76
C ASP D 65 3.36 21.11 56.63
N LEU D 66 3.66 21.61 55.40
CA LEU D 66 3.99 20.79 54.23
C LEU D 66 5.26 19.93 54.51
N VAL D 67 5.20 18.65 54.10
CA VAL D 67 6.23 17.63 54.29
C VAL D 67 7.19 17.57 53.11
N ILE D 68 8.52 17.55 53.40
CA ILE D 68 9.62 17.38 52.45
C ILE D 68 9.99 15.90 52.71
N PRO D 69 9.52 14.94 51.87
CA PRO D 69 9.72 13.52 52.20
C PRO D 69 11.16 13.02 52.21
N ALA D 70 12.06 13.64 51.42
CA ALA D 70 13.46 13.19 51.37
C ALA D 70 14.44 14.34 51.19
N PRO D 71 14.72 15.16 52.23
CA PRO D 71 15.74 16.21 52.06
C PRO D 71 17.12 15.59 51.91
N ILE D 72 17.99 16.27 51.19
CA ILE D 72 19.32 15.77 50.89
C ILE D 72 20.36 16.71 51.41
N GLN D 73 21.35 16.18 52.13
CA GLN D 73 22.49 16.97 52.54
C GLN D 73 23.46 16.93 51.37
N GLN D 74 23.90 18.10 50.92
CA GLN D 74 24.76 18.20 49.73
C GLN D 74 26.21 18.31 50.09
N LEU D 75 26.93 17.19 50.00
CA LEU D 75 28.37 17.16 50.29
C LEU D 75 29.18 17.37 49.05
N VAL D 76 30.06 18.35 49.09
CA VAL D 76 30.85 18.73 47.93
C VAL D 76 32.33 18.51 48.21
N THR D 77 32.99 17.81 47.28
CA THR D 77 34.41 17.46 47.31
C THR D 77 35.06 17.96 46.03
N GLY D 78 36.26 18.46 46.17
CA GLY D 78 37.01 18.93 45.03
C GLY D 78 37.91 20.10 45.35
N GLN D 79 38.52 20.65 44.29
CA GLN D 79 39.43 21.78 44.41
C GLN D 79 39.65 22.41 43.04
N SER D 80 40.39 23.53 43.01
CA SER D 80 40.74 24.26 41.78
C SER D 80 39.57 24.44 40.82
N GLY D 81 38.38 24.69 41.35
CA GLY D 81 37.20 24.91 40.54
C GLY D 81 36.47 23.69 40.00
N LEU D 82 36.94 22.47 40.29
CA LEU D 82 36.29 21.22 39.86
C LEU D 82 35.87 20.47 41.07
N PHE D 83 34.57 20.14 41.14
CA PHE D 83 33.95 19.51 42.28
C PHE D 83 32.94 18.50 41.89
N THR D 84 32.75 17.53 42.82
CA THR D 84 31.74 16.48 42.77
C THR D 84 30.80 16.70 43.98
N GLN D 85 29.52 16.65 43.72
CA GLN D 85 28.51 16.79 44.73
C GLN D 85 27.94 15.39 45.07
N TYR D 86 27.89 15.06 46.35
CA TYR D 86 27.36 13.81 46.85
C TYR D 86 26.10 14.15 47.61
N ASN D 87 25.03 13.43 47.30
CA ASN D 87 23.74 13.64 47.93
C ASN D 87 23.55 12.58 48.99
N ILE D 88 23.33 13.01 50.23
CA ILE D 88 23.05 12.11 51.34
C ILE D 88 21.59 12.34 51.74
N GLN D 89 20.73 11.33 51.57
CA GLN D 89 19.32 11.42 51.92
C GLN D 89 19.12 11.41 53.43
N LYS D 90 18.48 12.45 53.96
CA LYS D 90 18.16 12.59 55.36
C LYS D 90 16.67 12.30 55.58
N LYS D 91 16.24 12.06 56.84
CA LYS D 91 14.84 11.78 57.14
C LYS D 91 13.93 12.99 56.84
N ALA D 92 12.68 12.70 56.51
CA ALA D 92 11.63 13.66 56.19
C ALA D 92 11.52 14.76 57.24
N MET D 93 11.10 15.96 56.82
CA MET D 93 10.89 17.10 57.71
C MET D 93 9.82 18.05 57.17
N THR D 94 9.23 18.89 58.02
CA THR D 94 8.26 19.88 57.54
C THR D 94 9.01 21.10 56.96
N VAL D 95 8.26 22.00 56.28
CA VAL D 95 8.76 23.28 55.73
C VAL D 95 9.14 24.18 56.94
N ARG D 96 8.47 23.97 58.09
CA ARG D 96 8.75 24.65 59.35
C ARG D 96 10.13 24.26 59.88
N GLU D 97 10.43 22.94 59.99
CA GLU D 97 11.73 22.40 60.47
C GLU D 97 12.85 22.85 59.55
N PHE D 98 12.56 22.83 58.22
CA PHE D 98 13.47 23.22 57.16
C PHE D 98 13.82 24.72 57.23
N ARG D 99 12.80 25.61 57.36
CA ARG D 99 12.99 27.07 57.47
C ARG D 99 13.80 27.43 58.74
N LYS D 100 13.59 26.70 59.81
CA LYS D 100 14.33 26.86 61.07
C LYS D 100 15.84 26.58 60.85
N ILE D 101 16.19 25.50 60.15
CA ILE D 101 17.57 25.11 59.87
C ILE D 101 18.24 26.12 58.92
N ALA D 102 17.54 26.51 57.85
CA ALA D 102 17.97 27.47 56.83
C ALA D 102 18.37 28.82 57.42
N ASN D 103 17.55 29.36 58.35
CA ASN D 103 17.73 30.66 58.98
C ASN D 103 18.62 30.62 60.22
N SER D 104 19.13 29.44 60.60
CA SER D 104 20.00 29.29 61.77
C SER D 104 21.44 29.70 61.45
N ASP D 105 22.26 29.94 62.49
CA ASP D 105 23.65 30.39 62.41
C ASP D 105 24.55 29.54 61.49
N LYS D 106 24.50 28.21 61.63
CA LYS D 106 25.29 27.27 60.82
C LYS D 106 24.99 27.30 59.33
N TYR D 107 23.73 27.63 58.94
CA TYR D 107 23.30 27.56 57.54
C TYR D 107 22.86 28.85 56.87
N CYS D 108 22.69 29.94 57.60
CA CYS D 108 22.22 31.20 57.05
C CYS D 108 23.17 31.82 56.03
N THR D 109 22.60 32.71 55.19
CA THR D 109 23.28 33.46 54.14
C THR D 109 24.22 34.49 54.81
N PRO D 110 25.49 34.58 54.35
CA PRO D 110 26.39 35.61 54.93
C PRO D 110 26.00 37.02 54.48
N ARG D 111 26.49 38.05 55.18
CA ARG D 111 26.21 39.43 54.78
C ARG D 111 26.89 39.71 53.42
N TYR D 112 26.19 40.44 52.53
CA TYR D 112 26.70 40.81 51.21
C TYR D 112 26.14 42.12 50.66
N SER D 113 26.94 42.83 49.87
CA SER D 113 26.53 44.07 49.23
C SER D 113 25.98 43.72 47.83
N GLU D 114 26.87 43.31 46.88
CA GLU D 114 26.51 42.95 45.51
C GLU D 114 26.47 41.41 45.31
N PHE D 115 25.98 40.96 44.13
N PHE D 115 25.98 40.94 44.14
CA PHE D 115 25.91 39.53 43.81
CA PHE D 115 25.88 39.51 43.83
C PHE D 115 27.31 38.93 43.71
C PHE D 115 27.26 38.87 43.56
N GLU D 116 28.26 39.68 43.11
CA GLU D 116 29.64 39.25 42.88
C GLU D 116 30.33 38.81 44.18
N GLU D 117 29.97 39.45 45.31
CA GLU D 117 30.43 39.20 46.68
C GLU D 117 29.89 37.85 47.12
N LEU D 118 28.57 37.64 46.91
CA LEU D 118 27.91 36.38 47.26
C LEU D 118 28.40 35.20 46.39
N GLU D 119 28.61 35.41 45.08
CA GLU D 119 29.13 34.42 44.14
C GLU D 119 30.53 33.98 44.59
N ARG D 120 31.41 34.94 44.92
CA ARG D 120 32.76 34.61 45.41
C ARG D 120 32.70 33.75 46.66
N LYS D 121 31.80 34.09 47.60
CA LYS D 121 31.61 33.37 48.85
C LYS D 121 31.12 31.96 48.60
N TYR D 122 30.24 31.78 47.59
CA TYR D 122 29.74 30.45 47.23
C TYR D 122 30.85 29.55 46.72
N TRP D 123 31.64 30.02 45.75
CA TRP D 123 32.72 29.25 45.15
C TRP D 123 33.87 29.01 46.11
N LYS D 124 34.06 29.89 47.08
CA LYS D 124 35.12 29.73 48.08
C LYS D 124 34.64 28.80 49.23
N ASN D 125 33.33 28.76 49.52
CA ASN D 125 32.82 27.97 50.65
C ASN D 125 31.91 26.78 50.32
N LEU D 126 31.72 26.42 49.04
CA LEU D 126 30.80 25.33 48.68
C LEU D 126 31.19 23.98 49.27
N THR D 127 32.46 23.76 49.64
CA THR D 127 32.83 22.46 50.20
C THR D 127 32.67 22.35 51.71
N PHE D 128 32.42 23.47 52.43
CA PHE D 128 32.25 23.53 53.89
C PHE D 128 30.76 23.61 54.28
N ASN D 129 30.43 23.27 55.55
CA ASN D 129 29.08 23.24 56.14
C ASN D 129 27.99 22.74 55.16
N PRO D 130 28.07 21.46 54.70
CA PRO D 130 27.11 20.96 53.70
C PRO D 130 25.63 21.27 53.99
N PRO D 131 24.97 22.01 53.07
CA PRO D 131 23.58 22.40 53.33
C PRO D 131 22.59 21.31 53.04
N ILE D 132 21.35 21.47 53.47
CA ILE D 132 20.27 20.53 53.19
C ILE D 132 19.34 21.13 52.11
N TYR D 133 19.07 20.36 51.03
CA TYR D 133 18.20 20.76 49.93
C TYR D 133 16.90 19.97 50.02
N GLY D 134 15.79 20.66 50.21
CA GLY D 134 14.46 20.04 50.23
C GLY D 134 13.96 19.95 48.80
N ALA D 135 14.67 19.17 47.98
CA ALA D 135 14.42 19.01 46.55
C ALA D 135 13.47 17.87 46.21
N ASP D 136 13.02 17.86 44.95
CA ASP D 136 12.19 16.84 44.31
C ASP D 136 10.90 16.49 45.05
N VAL D 137 10.27 17.51 45.67
CA VAL D 137 9.02 17.27 46.39
C VAL D 137 7.91 17.27 45.34
N ASN D 138 7.14 16.18 45.26
N ASN D 138 7.14 16.18 45.26
CA ASN D 138 6.01 16.04 44.34
CA ASN D 138 6.02 16.07 44.33
C ASN D 138 4.88 16.96 44.79
C ASN D 138 4.91 17.00 44.82
N GLY D 139 4.57 17.98 44.01
CA GLY D 139 3.52 18.93 44.31
C GLY D 139 3.61 20.23 43.56
N THR D 140 2.61 21.06 43.80
CA THR D 140 2.44 22.37 43.23
C THR D 140 1.97 23.35 44.33
N LEU D 141 2.32 24.63 44.19
CA LEU D 141 1.84 25.67 45.11
C LEU D 141 0.84 26.59 44.38
N TYR D 142 0.52 26.28 43.12
CA TYR D 142 -0.44 27.03 42.33
C TYR D 142 -1.83 26.73 42.84
N GLU D 143 -2.75 27.70 42.71
CA GLU D 143 -4.14 27.47 43.05
C GLU D 143 -4.72 26.83 41.79
N LYS D 144 -5.49 25.76 41.96
CA LYS D 144 -6.08 24.92 40.91
C LYS D 144 -6.68 25.70 39.72
N HIS D 145 -7.39 26.82 39.98
CA HIS D 145 -8.04 27.66 38.96
C HIS D 145 -7.07 28.47 38.06
N VAL D 146 -5.84 28.77 38.53
CA VAL D 146 -4.84 29.53 37.75
C VAL D 146 -4.63 28.91 36.35
N ASP D 147 -5.06 29.63 35.29
CA ASP D 147 -4.97 29.18 33.89
C ASP D 147 -3.72 29.66 33.15
N GLU D 148 -3.03 30.67 33.68
CA GLU D 148 -1.85 31.21 33.00
C GLU D 148 -0.60 30.65 33.65
N TRP D 149 0.24 30.01 32.82
CA TRP D 149 1.54 29.42 33.13
C TRP D 149 1.48 28.50 34.34
N ASN D 150 0.40 27.72 34.43
CA ASN D 150 0.20 26.77 35.51
C ASN D 150 1.12 25.60 35.23
N ILE D 151 2.26 25.56 35.96
CA ILE D 151 3.30 24.52 35.85
C ILE D 151 2.69 23.09 35.96
N GLY D 152 1.68 22.92 36.80
CA GLY D 152 0.95 21.66 36.96
C GLY D 152 0.19 21.20 35.73
N ARG D 153 -0.12 22.14 34.77
CA ARG D 153 -0.87 21.87 33.52
C ARG D 153 -0.53 22.89 32.39
N LEU D 154 0.66 22.73 31.80
CA LEU D 154 1.13 23.61 30.73
C LEU D 154 0.48 23.29 29.38
N ARG D 155 0.07 22.03 29.22
CA ARG D 155 -0.64 21.47 28.07
C ARG D 155 0.13 21.64 26.73
N THR D 156 1.43 21.30 26.74
CA THR D 156 2.29 21.29 25.56
C THR D 156 2.18 19.87 24.93
N ILE D 157 2.94 19.59 23.84
CA ILE D 157 2.97 18.29 23.16
C ILE D 157 3.56 17.17 24.07
N LEU D 158 4.19 17.52 25.21
CA LEU D 158 4.73 16.53 26.16
C LEU D 158 3.62 15.64 26.79
N ASP D 159 2.35 16.12 26.76
CA ASP D 159 1.16 15.40 27.27
C ASP D 159 0.91 14.10 26.53
N LEU D 160 1.56 13.93 25.37
CA LEU D 160 1.48 12.74 24.52
C LEU D 160 2.04 11.50 25.24
N VAL D 161 3.04 11.67 26.15
CA VAL D 161 3.69 10.61 26.93
C VAL D 161 2.68 9.87 27.85
N GLU D 162 1.90 10.63 28.64
CA GLU D 162 0.90 10.09 29.55
C GLU D 162 -0.37 9.64 28.84
N GLY D 171 7.11 10.27 35.22
CA GLY D 171 6.93 11.47 36.01
C GLY D 171 7.83 12.62 35.61
N VAL D 172 7.86 12.97 34.30
CA VAL D 172 8.65 14.09 33.73
C VAL D 172 7.72 15.26 33.34
N ASN D 173 6.41 14.98 33.32
CA ASN D 173 5.32 15.92 33.04
C ASN D 173 4.63 16.33 34.36
N THR D 174 5.27 16.04 35.51
CA THR D 174 4.72 16.35 36.83
C THR D 174 5.51 17.50 37.51
N PRO D 175 4.84 18.37 38.31
CA PRO D 175 5.57 19.46 38.98
C PRO D 175 6.38 18.98 40.17
N TYR D 176 7.51 19.66 40.43
CA TYR D 176 8.37 19.40 41.58
C TYR D 176 8.65 20.69 42.30
N LEU D 177 8.68 20.63 43.65
CA LEU D 177 8.99 21.74 44.54
C LEU D 177 10.40 21.64 45.06
N TYR D 178 11.09 22.75 45.14
CA TYR D 178 12.46 22.80 45.62
C TYR D 178 12.55 23.83 46.72
N PHE D 179 12.81 23.36 47.91
CA PHE D 179 12.98 24.22 49.08
C PHE D 179 14.48 24.37 49.29
N GLY D 180 14.97 25.56 49.02
CA GLY D 180 16.39 25.81 49.09
C GLY D 180 16.85 26.52 50.33
N MET D 181 18.14 26.48 50.55
CA MET D 181 18.79 27.23 51.61
C MET D 181 20.08 27.73 51.03
N TRP D 182 20.77 28.60 51.74
CA TRP D 182 22.02 29.16 51.25
C TRP D 182 22.99 28.07 50.82
N LYS D 183 23.56 28.21 49.62
CA LYS D 183 24.62 27.31 49.12
C LYS D 183 24.08 25.96 48.62
N THR D 184 22.72 25.78 48.57
CA THR D 184 22.20 24.56 47.95
C THR D 184 22.37 24.77 46.46
N SER D 185 22.77 23.73 45.75
CA SER D 185 23.08 23.83 44.34
C SER D 185 22.53 22.79 43.44
N PHE D 186 22.50 23.12 42.16
CA PHE D 186 22.17 22.17 41.14
C PHE D 186 23.41 22.15 40.26
N ALA D 187 23.93 20.97 40.01
CA ALA D 187 25.13 20.79 39.20
C ALA D 187 24.86 20.88 37.71
N TRP D 188 25.92 21.01 36.92
CA TRP D 188 25.81 21.09 35.46
C TRP D 188 25.03 19.95 34.84
N HIS D 189 23.97 20.28 34.13
CA HIS D 189 23.14 19.25 33.49
C HIS D 189 22.24 19.88 32.41
N THR D 190 21.72 19.05 31.52
CA THR D 190 20.68 19.40 30.57
C THR D 190 19.44 18.69 31.16
N GLU D 191 18.27 18.88 30.60
CA GLU D 191 17.11 18.19 31.14
C GLU D 191 17.07 16.74 30.67
N ASP D 192 16.31 15.89 31.38
CA ASP D 192 16.07 14.51 30.98
C ASP D 192 15.51 14.56 29.57
N MET D 193 16.00 13.67 28.70
CA MET D 193 15.59 13.59 27.29
C MET D 193 15.90 14.86 26.49
N ASP D 194 16.69 15.78 27.12
CA ASP D 194 17.09 17.11 26.60
C ASP D 194 15.86 18.01 26.37
N LEU D 195 14.89 17.92 27.29
CA LEU D 195 13.63 18.68 27.25
C LEU D 195 13.79 20.15 27.63
N TYR D 196 12.69 20.91 27.53
CA TYR D 196 12.71 22.26 28.04
C TYR D 196 12.32 22.14 29.53
N SER D 197 12.58 23.19 30.31
CA SER D 197 12.11 23.25 31.68
C SER D 197 11.62 24.66 32.03
N ILE D 198 10.72 24.72 33.00
CA ILE D 198 10.16 25.97 33.45
C ILE D 198 10.39 25.98 34.96
N ASN D 199 10.89 27.09 35.49
CA ASN D 199 11.17 27.23 36.90
C ASN D 199 10.53 28.49 37.40
N TYR D 200 9.66 28.39 38.37
CA TYR D 200 9.07 29.56 38.98
C TYR D 200 9.54 29.65 40.44
N LEU D 201 10.09 30.80 40.83
CA LEU D 201 10.49 31.06 42.22
C LEU D 201 9.30 31.68 42.97
N HIS D 202 8.57 30.86 43.73
CA HIS D 202 7.39 31.27 44.48
C HIS D 202 7.66 32.37 45.53
N PHE D 203 8.69 32.18 46.37
CA PHE D 203 9.05 33.13 47.41
C PHE D 203 10.50 32.99 47.86
N GLY D 204 10.92 33.89 48.74
CA GLY D 204 12.19 33.85 49.42
C GLY D 204 13.31 34.51 48.66
N GLU D 205 14.53 34.10 49.02
CA GLU D 205 15.80 34.59 48.52
C GLU D 205 16.08 34.15 47.08
N PRO D 206 16.87 34.95 46.31
CA PRO D 206 17.12 34.58 44.91
C PRO D 206 17.78 33.22 44.65
N LYS D 207 17.77 32.85 43.36
CA LYS D 207 18.40 31.66 42.83
C LYS D 207 19.29 32.13 41.66
N SER D 208 20.60 31.88 41.74
CA SER D 208 21.55 32.25 40.68
C SER D 208 21.77 31.09 39.70
N TRP D 209 21.83 31.41 38.42
CA TRP D 209 21.96 30.41 37.36
C TRP D 209 23.15 30.71 36.49
N TYR D 210 23.72 29.63 35.93
CA TYR D 210 24.77 29.71 34.93
C TYR D 210 24.25 28.88 33.78
N SER D 211 24.53 29.31 32.55
N SER D 211 24.50 29.32 32.54
CA SER D 211 24.11 28.60 31.35
CA SER D 211 24.10 28.58 31.35
C SER D 211 25.19 28.60 30.31
C SER D 211 25.16 28.62 30.28
N VAL D 212 25.31 27.51 29.54
CA VAL D 212 26.23 27.39 28.44
C VAL D 212 25.31 27.29 27.20
N PRO D 213 25.47 28.15 26.17
CA PRO D 213 24.61 28.03 24.97
C PRO D 213 24.58 26.60 24.39
N PRO D 214 23.40 26.05 23.98
CA PRO D 214 23.40 24.69 23.36
C PRO D 214 24.44 24.47 22.26
N GLU D 215 24.79 25.49 21.49
CA GLU D 215 25.77 25.35 20.41
C GLU D 215 27.21 25.12 20.94
N HIS D 216 27.44 25.28 22.24
CA HIS D 216 28.73 25.04 22.91
C HIS D 216 28.70 23.88 23.93
N GLY D 217 27.56 23.17 24.00
CA GLY D 217 27.34 22.06 24.91
C GLY D 217 28.36 20.94 24.80
N LYS D 218 28.74 20.56 23.56
CA LYS D 218 29.74 19.53 23.30
C LYS D 218 31.12 19.93 23.85
N ARG D 219 31.50 21.22 23.77
CA ARG D 219 32.74 21.79 24.33
C ARG D 219 32.76 21.58 25.86
N LEU D 220 31.62 21.84 26.55
CA LEU D 220 31.53 21.61 27.99
C LEU D 220 31.70 20.13 28.30
N GLU D 221 31.00 19.26 27.54
CA GLU D 221 31.09 17.80 27.68
C GLU D 221 32.54 17.29 27.47
N ARG D 222 33.26 17.82 26.45
CA ARG D 222 34.65 17.43 26.18
C ARG D 222 35.52 17.76 27.39
N LEU D 223 35.37 18.98 27.92
CA LEU D 223 36.08 19.48 29.09
C LEU D 223 35.87 18.59 30.33
N ALA D 224 34.61 18.24 30.64
CA ALA D 224 34.20 17.39 31.76
C ALA D 224 34.77 15.99 31.66
N LYS D 225 34.78 15.39 30.44
CA LYS D 225 35.32 14.05 30.18
C LYS D 225 36.83 14.01 30.49
N GLY D 226 37.55 15.04 30.03
CA GLY D 226 38.98 15.23 30.27
C GLY D 226 39.33 15.42 31.73
N PHE D 227 38.41 16.01 32.51
CA PHE D 227 38.64 16.22 33.94
C PHE D 227 38.18 15.06 34.84
N PHE D 228 37.15 14.31 34.41
CA PHE D 228 36.62 13.16 35.14
C PHE D 228 36.67 11.94 34.21
N PRO D 229 37.89 11.41 33.88
CA PRO D 229 37.97 10.26 32.95
C PRO D 229 37.41 8.94 33.49
N GLY D 230 37.47 8.74 34.81
CA GLY D 230 36.94 7.56 35.49
C GLY D 230 35.43 7.45 35.41
N SER D 231 34.73 8.61 35.45
CA SER D 231 33.27 8.73 35.34
C SER D 231 32.79 8.64 33.88
N ALA D 232 33.60 9.17 32.93
CA ALA D 232 33.30 9.15 31.49
C ALA D 232 33.47 7.75 30.87
N GLN D 233 34.38 6.93 31.46
CA GLN D 233 34.65 5.56 31.02
C GLN D 233 33.55 4.62 31.57
N SER D 234 33.09 4.88 32.81
CA SER D 234 32.04 4.11 33.49
C SER D 234 30.63 4.44 32.96
N CYS D 235 30.40 5.71 32.57
CA CYS D 235 29.11 6.17 32.04
C CYS D 235 29.28 7.20 30.94
N GLU D 236 28.62 6.97 29.79
CA GLU D 236 28.61 7.83 28.60
C GLU D 236 28.20 9.26 28.97
N ALA D 237 26.94 9.43 29.42
CA ALA D 237 26.43 10.74 29.81
C ALA D 237 26.48 10.90 31.35
N PHE D 238 27.71 10.88 31.91
CA PHE D 238 27.94 10.98 33.37
C PHE D 238 27.44 12.30 33.98
N LEU D 239 27.26 13.36 33.16
CA LEU D 239 26.77 14.64 33.63
C LEU D 239 25.29 14.57 34.01
N ARG D 240 24.54 13.57 33.46
CA ARG D 240 23.11 13.30 33.78
C ARG D 240 22.94 12.87 35.25
N HIS D 241 24.04 12.49 35.93
CA HIS D 241 24.06 12.12 37.34
C HIS D 241 23.90 13.36 38.23
N LYS D 242 24.01 14.60 37.64
CA LYS D 242 23.91 15.93 38.29
C LYS D 242 24.82 16.02 39.52
N MET D 243 26.08 15.60 39.36
CA MET D 243 27.08 15.58 40.43
C MET D 243 28.29 16.49 40.09
N THR D 244 28.35 17.08 38.90
CA THR D 244 29.57 17.84 38.53
C THR D 244 29.40 19.34 38.58
N LEU D 245 30.21 19.97 39.46
CA LEU D 245 30.25 21.43 39.67
C LEU D 245 31.52 21.98 39.05
N ILE D 246 31.40 23.06 38.25
CA ILE D 246 32.54 23.65 37.55
C ILE D 246 32.43 25.13 37.74
N SER D 247 33.41 25.75 38.40
CA SER D 247 33.38 27.20 38.67
C SER D 247 33.45 28.06 37.40
N PRO D 248 32.86 29.29 37.38
CA PRO D 248 32.91 30.13 36.16
C PRO D 248 34.35 30.48 35.72
N LEU D 249 35.26 30.49 36.71
CA LEU D 249 36.70 30.70 36.59
C LEU D 249 37.32 29.57 35.75
N MET D 250 36.83 28.32 35.92
CA MET D 250 37.30 27.16 35.16
C MET D 250 36.80 27.21 33.75
N LEU D 251 35.50 27.55 33.57
CA LEU D 251 34.90 27.70 32.24
C LEU D 251 35.62 28.79 31.43
N LYS D 252 35.97 29.92 32.08
CA LYS D 252 36.69 31.04 31.47
C LYS D 252 38.08 30.62 31.06
N LYS D 253 38.71 29.76 31.86
CA LYS D 253 40.05 29.29 31.57
C LYS D 253 40.08 28.39 30.32
N TYR D 254 39.07 27.51 30.16
CA TYR D 254 38.96 26.50 29.13
C TYR D 254 38.14 26.91 27.90
N GLY D 255 37.95 28.22 27.75
CA GLY D 255 37.26 28.84 26.62
C GLY D 255 35.79 28.49 26.43
N ILE D 256 35.09 28.04 27.50
CA ILE D 256 33.66 27.70 27.39
C ILE D 256 32.80 28.96 27.49
N PRO D 257 32.07 29.37 26.43
CA PRO D 257 31.19 30.56 26.55
C PRO D 257 30.06 30.30 27.54
N PHE D 258 29.77 31.26 28.42
CA PHE D 258 28.67 31.11 29.38
C PHE D 258 28.05 32.43 29.74
N ASP D 259 26.90 32.41 30.37
CA ASP D 259 26.30 33.64 30.87
C ASP D 259 25.69 33.33 32.23
N LYS D 260 25.46 34.36 33.05
CA LYS D 260 24.85 34.24 34.37
C LYS D 260 23.67 35.19 34.49
N VAL D 261 22.76 34.86 35.41
CA VAL D 261 21.54 35.62 35.69
C VAL D 261 21.07 35.24 37.11
N THR D 262 20.41 36.18 37.76
CA THR D 262 19.84 35.96 39.07
C THR D 262 18.33 36.01 38.92
N GLN D 263 17.66 34.97 39.36
CA GLN D 263 16.22 34.85 39.34
C GLN D 263 15.74 35.29 40.73
N GLU D 264 14.84 36.28 40.75
CA GLU D 264 14.25 36.78 41.99
C GLU D 264 12.85 36.22 42.14
N ALA D 265 12.32 36.25 43.36
CA ALA D 265 11.00 35.74 43.69
C ALA D 265 9.96 36.36 42.75
N GLY D 266 9.10 35.49 42.24
CA GLY D 266 8.04 35.85 41.30
C GLY D 266 8.48 35.87 39.85
N GLU D 267 9.64 35.29 39.53
CA GLU D 267 10.12 35.25 38.16
C GLU D 267 10.21 33.84 37.63
N PHE D 268 10.01 33.66 36.31
CA PHE D 268 10.18 32.38 35.62
C PHE D 268 11.52 32.34 34.91
N MET D 269 12.13 31.15 34.92
CA MET D 269 13.33 30.81 34.13
C MET D 269 12.88 29.67 33.20
N ILE D 270 13.22 29.78 31.90
CA ILE D 270 12.98 28.75 30.89
C ILE D 270 14.33 28.20 30.43
N THR D 271 14.50 26.87 30.50
CA THR D 271 15.70 26.21 29.92
C THR D 271 15.26 25.60 28.59
N PHE D 272 16.16 25.62 27.65
CA PHE D 272 15.96 25.16 26.30
C PHE D 272 16.67 23.85 26.07
N PRO D 273 16.22 23.03 25.09
CA PRO D 273 16.87 21.73 24.85
C PRO D 273 18.37 21.80 24.67
N TYR D 274 19.10 20.94 25.41
CA TYR D 274 20.55 20.85 25.36
C TYR D 274 21.24 22.12 25.92
N GLY D 275 20.48 22.85 26.74
CA GLY D 275 20.94 24.04 27.44
C GLY D 275 21.52 23.60 28.76
N TYR D 276 22.85 23.57 28.85
CA TYR D 276 23.52 23.17 30.10
C TYR D 276 23.37 24.27 31.12
N HIS D 277 22.86 23.96 32.32
CA HIS D 277 22.73 24.94 33.39
C HIS D 277 23.19 24.39 34.75
N ALA D 278 23.53 25.29 35.66
CA ALA D 278 23.96 25.06 37.05
C ALA D 278 23.57 26.30 37.85
N GLY D 279 23.62 26.21 39.14
CA GLY D 279 23.38 27.36 39.99
C GLY D 279 23.23 27.05 41.45
N PHE D 280 22.87 28.07 42.20
CA PHE D 280 22.72 27.98 43.65
C PHE D 280 21.67 28.92 44.20
N ASN D 281 21.20 28.55 45.38
CA ASN D 281 20.23 29.34 46.11
C ASN D 281 20.96 30.25 47.05
N HIS D 282 20.50 31.52 47.14
CA HIS D 282 21.07 32.55 48.01
C HIS D 282 20.60 32.32 49.43
N GLY D 283 19.48 31.64 49.59
CA GLY D 283 18.92 31.48 50.92
C GLY D 283 17.61 30.74 50.88
N PHE D 284 16.87 30.77 51.99
CA PHE D 284 15.59 30.10 52.07
C PHE D 284 14.65 30.56 50.96
N ASN D 285 14.15 29.61 50.19
CA ASN D 285 13.25 29.88 49.08
C ASN D 285 12.51 28.66 48.64
N CYS D 286 11.62 28.86 47.71
CA CYS D 286 10.82 27.78 47.18
C CYS D 286 10.54 27.97 45.70
N ALA D 287 10.98 27.01 44.89
CA ALA D 287 10.78 27.02 43.44
C ALA D 287 9.92 25.85 43.02
N GLU D 288 9.28 25.99 41.85
CA GLU D 288 8.46 24.92 41.26
C GLU D 288 8.93 24.70 39.85
N SER D 289 9.11 23.43 39.47
CA SER D 289 9.62 23.11 38.15
C SER D 289 8.99 21.90 37.51
N THR D 290 9.03 21.89 36.18
CA THR D 290 8.53 20.81 35.36
C THR D 290 9.23 20.88 34.03
N ASN D 291 9.07 19.87 33.21
CA ASN D 291 9.62 19.82 31.86
C ASN D 291 8.45 20.02 30.92
N PHE D 292 8.72 20.54 29.75
CA PHE D 292 7.74 20.72 28.68
C PHE D 292 8.47 20.58 27.32
N ALA D 293 7.72 20.45 26.23
CA ALA D 293 8.30 20.32 24.89
C ALA D 293 7.58 21.22 23.89
N THR D 294 8.23 21.45 22.73
CA THR D 294 7.67 22.12 21.55
C THR D 294 8.01 21.18 20.39
N ARG D 295 7.71 21.55 19.12
CA ARG D 295 8.00 20.70 17.96
C ARG D 295 9.51 20.49 17.73
N ARG D 296 10.32 21.53 18.03
CA ARG D 296 11.78 21.55 17.90
C ARG D 296 12.45 20.48 18.82
N TRP D 297 11.82 20.16 19.96
CA TRP D 297 12.35 19.17 20.88
C TRP D 297 12.40 17.74 20.33
N ILE D 298 11.49 17.37 19.41
CA ILE D 298 11.44 16.00 18.90
C ILE D 298 12.84 15.53 18.45
N GLU D 299 13.55 16.32 17.62
CA GLU D 299 14.89 15.94 17.15
C GLU D 299 15.89 15.73 18.27
N TYR D 300 15.76 16.51 19.36
CA TYR D 300 16.61 16.40 20.53
C TYR D 300 16.33 15.12 21.29
N GLY D 301 15.06 14.75 21.40
CA GLY D 301 14.63 13.54 22.08
C GLY D 301 15.20 12.29 21.40
N LYS D 302 15.17 12.27 20.05
CA LYS D 302 15.68 11.18 19.23
C LYS D 302 17.20 11.01 19.37
N GLN D 303 17.93 12.10 19.62
CA GLN D 303 19.40 12.14 19.66
C GLN D 303 20.03 12.31 21.03
N ALA D 304 19.19 12.31 22.09
CA ALA D 304 19.66 12.48 23.47
C ALA D 304 20.54 11.31 23.90
N VAL D 305 21.80 11.61 24.27
CA VAL D 305 22.79 10.65 24.77
C VAL D 305 22.37 10.47 26.23
N LEU D 306 21.93 9.27 26.61
CA LEU D 306 21.44 9.02 27.96
C LEU D 306 22.40 8.19 28.83
N CYS D 307 22.14 8.22 30.15
CA CYS D 307 22.90 7.51 31.20
C CYS D 307 22.81 5.97 31.01
N SER D 308 23.96 5.37 30.64
CA SER D 308 24.11 3.93 30.40
C SER D 308 23.81 3.10 31.65
N CYS D 309 24.18 3.63 32.84
CA CYS D 309 23.98 3.01 34.15
C CYS D 309 22.71 3.52 34.83
N MET D 313 16.69 6.24 36.27
CA MET D 313 16.82 7.35 35.34
C MET D 313 15.65 7.44 34.34
N VAL D 314 15.36 8.67 33.85
CA VAL D 314 14.25 8.99 32.94
C VAL D 314 14.58 8.74 31.47
N LYS D 315 13.77 7.87 30.82
CA LYS D 315 13.86 7.49 29.41
C LYS D 315 12.47 7.57 28.77
N ILE D 316 12.35 8.23 27.61
CA ILE D 316 11.05 8.40 26.93
C ILE D 316 11.09 7.78 25.54
N SER D 317 10.04 6.99 25.21
CA SER D 317 9.88 6.37 23.88
C SER D 317 9.54 7.50 22.90
N MET D 318 10.37 7.67 21.88
CA MET D 318 10.21 8.74 20.89
C MET D 318 9.24 8.35 19.76
N ASP D 319 8.83 7.06 19.72
CA ASP D 319 7.93 6.45 18.75
C ASP D 319 6.69 7.29 18.44
N VAL D 320 5.98 7.75 19.49
CA VAL D 320 4.75 8.54 19.40
C VAL D 320 4.97 9.91 18.76
N PHE D 321 6.02 10.64 19.18
CA PHE D 321 6.36 11.98 18.67
C PHE D 321 6.78 11.93 17.21
N VAL D 322 7.59 10.91 16.85
CA VAL D 322 8.04 10.69 15.49
C VAL D 322 6.81 10.31 14.64
N ARG D 323 5.89 9.46 15.18
CA ARG D 323 4.67 9.08 14.47
C ARG D 323 3.79 10.29 14.14
N LYS D 324 3.40 11.10 15.16
CA LYS D 324 2.51 12.26 14.98
C LYS D 324 3.14 13.48 14.27
N PHE D 325 4.43 13.77 14.50
CA PHE D 325 5.04 15.00 13.96
C PHE D 325 6.04 14.82 12.81
N GLN D 326 6.60 13.61 12.63
CA GLN D 326 7.54 13.32 11.53
C GLN D 326 7.11 11.97 10.91
N PRO D 327 5.86 11.86 10.37
CA PRO D 327 5.40 10.55 9.85
C PRO D 327 6.26 9.93 8.77
N GLU D 328 6.74 10.74 7.81
CA GLU D 328 7.58 10.32 6.67
C GLU D 328 8.93 9.77 7.13
N ARG D 329 9.45 10.30 8.26
CA ARG D 329 10.74 9.91 8.81
C ARG D 329 10.68 8.64 9.66
N TYR D 330 9.48 8.21 10.12
CA TYR D 330 9.29 7.03 10.98
C TYR D 330 10.03 5.78 10.48
N LYS D 331 9.95 5.50 9.15
CA LYS D 331 10.62 4.38 8.51
C LYS D 331 12.15 4.52 8.60
N LEU D 332 12.71 5.66 8.12
CA LEU D 332 14.14 5.96 8.15
C LEU D 332 14.71 5.98 9.57
N TRP D 333 13.89 6.39 10.56
CA TRP D 333 14.27 6.45 11.98
C TRP D 333 14.24 5.07 12.64
N LYS D 334 13.16 4.27 12.41
CA LYS D 334 13.00 2.91 12.95
C LYS D 334 14.10 1.96 12.47
N ALA D 335 14.57 2.14 11.20
CA ALA D 335 15.66 1.39 10.60
C ALA D 335 17.02 1.79 11.21
N GLY D 336 17.09 3.02 11.73
CA GLY D 336 18.28 3.61 12.34
C GLY D 336 19.12 4.38 11.36
N LYS D 337 18.53 4.72 10.18
CA LYS D 337 19.18 5.45 9.09
C LYS D 337 19.01 6.97 9.19
N ASP D 338 18.15 7.47 10.10
CA ASP D 338 17.92 8.91 10.30
C ASP D 338 19.21 9.61 10.77
N ASN D 339 19.87 10.31 9.84
CA ASN D 339 21.14 11.02 10.04
C ASN D 339 20.95 12.56 10.13
N THR D 340 19.81 13.02 10.70
CA THR D 340 19.49 14.43 10.86
C THR D 340 20.44 15.12 11.84
N VAL D 341 20.97 16.30 11.45
CA VAL D 341 21.86 17.14 12.24
C VAL D 341 21.02 18.30 12.77
N ILE D 342 21.16 18.57 14.08
CA ILE D 342 20.44 19.64 14.76
C ILE D 342 21.16 20.99 14.63
N ASP D 343 20.41 22.00 14.18
CA ASP D 343 20.87 23.38 14.06
C ASP D 343 20.30 24.07 15.32
N HIS D 344 21.15 24.32 16.34
CA HIS D 344 20.74 24.89 17.62
C HIS D 344 20.23 26.36 17.54
N THR D 345 20.55 27.10 16.44
CA THR D 345 20.14 28.50 16.28
C THR D 345 18.70 28.64 15.75
N LEU D 346 18.22 27.61 15.05
CA LEU D 346 16.89 27.61 14.44
C LEU D 346 15.78 27.61 15.48
N PRO D 347 14.77 28.52 15.36
CA PRO D 347 13.67 28.51 16.33
C PRO D 347 12.65 27.40 16.04
N THR D 348 11.74 27.14 16.98
CA THR D 348 10.69 26.13 16.84
C THR D 348 9.75 26.45 15.63
N PRO D 349 9.21 25.46 14.86
CA PRO D 349 8.33 25.80 13.71
C PRO D 349 7.16 26.74 14.00
N GLU D 350 6.58 26.66 15.23
CA GLU D 350 5.48 27.47 15.77
C GLU D 350 5.78 29.00 15.78
N ALA D 351 7.06 29.39 15.64
CA ALA D 351 7.50 30.79 15.61
C ALA D 351 7.34 31.44 14.23
N ALA D 352 6.85 30.68 13.22
CA ALA D 352 6.62 31.17 11.85
C ALA D 352 5.73 32.43 11.76
N GLU D 353 4.74 32.56 12.67
CA GLU D 353 3.81 33.69 12.73
C GLU D 353 4.46 35.00 13.19
N PHE D 354 5.55 34.91 13.96
CA PHE D 354 6.32 36.06 14.46
C PHE D 354 7.52 36.35 13.52
N LEU D 355 7.70 35.49 12.49
CA LEU D 355 8.79 35.56 11.53
C LEU D 355 8.29 35.98 10.15
#